data_8Q01
#
_entry.id   8Q01
#
_cell.length_a   1.00
_cell.length_b   1.00
_cell.length_c   1.00
_cell.angle_alpha   90.00
_cell.angle_beta   90.00
_cell.angle_gamma   90.00
#
_symmetry.space_group_name_H-M   'P 1'
#
loop_
_entity.id
_entity.type
_entity.pdbx_description
1 polymer 'Tail tube protein'
2 polymer 'Tail terminator protein'
3 polymer 'Tail sheath protein'
4 polymer 'Capsid protein'
5 polymer 'Adaptor protein'
6 non-polymer 'ZINC ION'
#
loop_
_entity_poly.entity_id
_entity_poly.type
_entity_poly.pdbx_seq_one_letter_code
_entity_poly.pdbx_strand_id
1 'polypeptide(L)'
;MASEAKQTVHTGNTVLLMIKGKPVGRAQSASGQREYGTTGVYEIGSIMPQEHVYLRYEGTITVERLRMKKENFADLGYAS
LGEEILKKDIIDILVVDNLTKQVIISYHGCSANNYNETWQTNEIVTEEIEFSYLTASDKART
;
A,G
2 'polypeptide(L)'
;MAITSVDSYLLSEIKPRLNTVLENCYIIDEVLKDFDYQTRESFKEAFCGKNAQHEVTVGFNFPKFKNNYEAHYLIQLGQG
QETKNSLGSIQSSYFEATGDTLVESSTAIREDDKLVFTVSKPIGELIKVEDIEFAKYDNLQVEGNKVSFKYQTNEDYENY
NANIIFTEKKNDSKGLVKGFTVEEQVTVVGLSFNVDVARCLDAVLKMILISMRDSIEEQQTFQLQNLSFGDIAPIIEDGD
SMIFGRPTIIKYTSSLDLDYTITQDINKLTFKERKDWK
;
M
3 'polypeptide(L)'
;MAVEPFPRRPITRPHASIEVDTSGIGGSAGSSEKVFCLIGQAEGGEPNTVYELRNYSQAKRLFRSGELLDAIELAWGSNP
NYTAGRILAMRIEDAKPASAEIGGLKITSKIYGNVANNIQVGLEKNTLSDSLRLRVIFQDDRFNEVYDNIGNIFTIKYKG
EEANATFSVEHDEETQKASRLVLKVGDQEVKSYDLTGGAYDYTNAIITDINQLPDFEAKLSPFGDKNLESSKLDKIENAN
IKDKAVYVKAVFGDLEKQTAYNGIVSFEQLNAEGEVPSNVEVEAGEESATVTATSPIKTIEPFELTKLKGGTNGEPPATW
ADKLDKFAHEGGYYIVPLSSKQSVHAEVASFVKERSDAGEPMRAIVGGGFNESKEQLFGRQASLSNPRVSLVANSGTFVM
DDGRKNHVPAYMVAVALGGLASGLEIGESITFKPLRVSSLDQIYESIDLDELNENGIISIEFVRNRTNTFFRIVDDVTTF
NDKSDPVKAEMAVGEANDFLVSELKVQLEDQFIGTRTINTSASIIKDFIQSYLGRKKRDNEIQDFPAEDVQVIVEGNEAR
ISMTVYPIRSFKKISVSLVYKQQTLQA
;
r
4 'polypeptide(L)'
;MEKPYMIGANSNPNVINKSTTYTTTTQADEQDKPKYTTRLEFDTIDMIRFINDRGIKVLWEEAYFCPCLNPDTGHPRVDC
PRCHGKGIAYLPPKETIMAIQSQEKGTNQLDIGILDTGTAIGTTQLEKRISYRDRFTVPEVLMPQQMIYFVNKDRIKKGI
PLYYDVKEITYIATQDGTVYEEDYEIKNNRLYLNEKYENHTVTLKILMTLRYVVSDILKESRYQYTKFNQPKSKFENLPQ
KLLLKREDVIVLQDPYKVNDGIEEDLEIQVDDPKASASNPSNLGGFFGGAFK
;
S
5 'polypeptide(L)'
;MVNSMFGGDLDPYEKSLNYEYPYHPSGNPKHIDVSEIDNLTLADYGWSPDAVKAYMFGIVVQNPDTGQPMGDEFYNHILE
RAVGKAERALDISILPDTQHEMRDYHETEFNSYMFVHAYRKPILQVENLQLQFNGRPIYKYPANWWKVEHLAGHVQLFPT
ALMQTGQSMSYDAVFNGYPQLAGVYPPSGATFAPQMIRLEYVSGMLPRKKAGRNKPWEMPPELEQLVIKYALKEIYQVWG
NLIIGAGIANKTLEVDGITETIGTTQSAMYGGASAQILQINEDIKELLDGLRAYFGYNMIGL
;
b,c
#
loop_
_chem_comp.id
_chem_comp.type
_chem_comp.name
_chem_comp.formula
ZN non-polymer 'ZINC ION' 'Zn 2'
#
# COMPACT_ATOMS: atom_id res chain seq x y z
N ALA A 2 28.60 26.04 7.11
CA ALA A 2 29.87 26.54 7.72
C ALA A 2 30.10 27.99 7.34
N SER A 3 30.51 28.79 8.33
CA SER A 3 30.77 30.21 8.09
C SER A 3 32.02 30.61 8.84
N GLU A 4 33.01 31.10 8.10
CA GLU A 4 34.33 31.41 8.63
C GLU A 4 34.60 32.90 8.47
N ALA A 5 35.21 33.49 9.49
CA ALA A 5 35.64 34.88 9.42
C ALA A 5 37.06 35.02 8.92
N LYS A 6 37.92 34.05 9.23
CA LYS A 6 39.35 34.16 8.93
C LYS A 6 39.63 34.47 7.46
N GLN A 7 38.77 34.03 6.54
CA GLN A 7 38.78 34.57 5.18
C GLN A 7 37.37 35.01 4.89
N THR A 8 37.21 36.22 4.37
CA THR A 8 35.93 36.65 3.83
C THR A 8 36.18 37.88 2.99
N VAL A 9 35.42 38.00 1.92
CA VAL A 9 35.47 39.16 1.04
C VAL A 9 34.10 39.80 1.00
N HIS A 10 34.09 41.12 0.84
CA HIS A 10 32.83 41.81 0.61
C HIS A 10 32.33 41.54 -0.79
N THR A 11 31.01 41.56 -0.94
CA THR A 11 30.35 41.31 -2.22
C THR A 11 29.16 42.24 -2.34
N GLY A 12 28.64 42.32 -3.56
CA GLY A 12 27.53 43.20 -3.84
C GLY A 12 26.35 43.02 -2.90
N ASN A 13 26.15 41.79 -2.41
CA ASN A 13 25.06 41.51 -1.49
C ASN A 13 25.41 41.83 -0.05
N THR A 14 26.69 41.95 0.29
CA THR A 14 27.13 42.11 1.67
C THR A 14 27.11 43.56 2.14
N VAL A 15 26.93 44.53 1.26
CA VAL A 15 27.24 45.93 1.55
C VAL A 15 26.03 46.78 1.24
N LEU A 16 25.58 47.55 2.24
CA LEU A 16 24.59 48.60 2.05
C LEU A 16 25.28 49.92 1.72
N LEU A 17 24.62 50.71 0.88
CA LEU A 17 24.97 52.11 0.67
C LEU A 17 23.91 52.98 1.33
N MET A 18 24.33 53.92 2.17
CA MET A 18 23.43 54.75 2.95
C MET A 18 23.78 56.22 2.78
N ILE A 19 22.75 57.04 2.60
CA ILE A 19 22.88 58.49 2.55
C ILE A 19 21.82 59.09 3.48
N LYS A 20 22.26 59.95 4.39
CA LYS A 20 21.38 60.59 5.37
C LYS A 20 20.53 59.57 6.14
N GLY A 21 21.07 58.38 6.36
CA GLY A 21 20.37 57.36 7.12
C GLY A 21 19.28 56.63 6.39
N LYS A 22 19.20 56.78 5.07
CA LYS A 22 18.33 55.97 4.23
C LYS A 22 19.17 55.11 3.30
N PRO A 23 18.86 53.83 3.13
CA PRO A 23 19.58 53.06 2.11
C PRO A 23 19.16 53.47 0.70
N VAL A 24 20.14 53.50 -0.19
CA VAL A 24 19.91 53.84 -1.60
C VAL A 24 19.46 52.57 -2.32
N GLY A 25 18.20 52.52 -2.70
CA GLY A 25 17.71 51.37 -3.44
C GLY A 25 18.24 51.31 -4.87
N ARG A 26 18.41 50.09 -5.35
CA ARG A 26 18.75 49.77 -6.73
C ARG A 26 20.05 50.40 -7.20
N ALA A 27 20.95 50.76 -6.29
CA ALA A 27 22.29 51.16 -6.69
C ALA A 27 23.00 50.01 -7.38
N GLN A 28 23.57 50.29 -8.56
CA GLN A 28 24.23 49.29 -9.38
C GLN A 28 25.74 49.22 -9.17
N SER A 29 26.40 50.35 -8.94
CA SER A 29 27.83 50.31 -8.60
C SER A 29 28.19 51.56 -7.83
N ALA A 30 29.28 51.45 -7.07
CA ALA A 30 29.95 52.61 -6.50
C ALA A 30 31.44 52.46 -6.76
N SER A 31 32.08 53.51 -7.24
CA SER A 31 33.50 53.51 -7.54
C SER A 31 34.18 54.66 -6.80
N GLY A 32 35.09 54.32 -5.90
CA GLY A 32 35.85 55.31 -5.14
C GLY A 32 37.30 55.34 -5.63
N GLN A 33 37.77 56.54 -5.91
CA GLN A 33 39.09 56.76 -6.48
C GLN A 33 39.78 57.85 -5.67
N ARG A 34 41.11 57.78 -5.61
CA ARG A 34 41.84 58.58 -4.64
C ARG A 34 43.29 58.77 -5.09
N GLU A 35 43.80 59.98 -4.92
CA GLU A 35 45.11 60.32 -5.45
C GLU A 35 45.79 61.31 -4.53
N TYR A 36 47.12 61.16 -4.37
CA TYR A 36 47.89 61.99 -3.46
C TYR A 36 48.90 62.90 -4.14
N GLY A 37 49.04 62.85 -5.45
CA GLY A 37 50.02 63.70 -6.11
C GLY A 37 51.47 63.37 -5.82
N THR A 38 51.80 62.10 -5.62
CA THR A 38 53.14 61.72 -5.20
C THR A 38 54.17 62.12 -6.25
N THR A 39 55.10 63.00 -5.86
CA THR A 39 56.08 63.58 -6.78
C THR A 39 57.48 63.15 -6.34
N GLY A 40 58.27 62.66 -7.29
CA GLY A 40 59.62 62.22 -7.00
C GLY A 40 60.62 63.35 -7.05
N VAL A 41 61.61 63.28 -6.17
CA VAL A 41 62.66 64.30 -6.03
C VAL A 41 63.92 63.80 -6.72
N TYR A 42 64.49 64.62 -7.58
CA TYR A 42 65.70 64.30 -8.34
C TYR A 42 66.70 65.43 -8.19
N GLU A 43 67.96 65.11 -8.43
CA GLU A 43 69.04 66.09 -8.24
C GLU A 43 70.20 65.77 -9.16
N ILE A 44 71.04 66.77 -9.37
CA ILE A 44 72.33 66.56 -10.01
C ILE A 44 73.15 65.60 -9.17
N GLY A 45 73.73 64.59 -9.81
CA GLY A 45 74.60 63.63 -9.17
C GLY A 45 74.10 62.20 -9.19
N SER A 46 72.82 61.97 -9.45
CA SER A 46 72.35 60.61 -9.68
C SER A 46 71.06 60.65 -10.47
N ILE A 47 70.82 59.57 -11.21
CA ILE A 47 69.52 59.37 -11.88
C ILE A 47 68.44 58.83 -10.94
N MET A 48 68.80 58.37 -9.75
CA MET A 48 67.82 57.74 -8.89
C MET A 48 66.91 58.78 -8.26
N PRO A 49 65.64 58.47 -8.03
CA PRO A 49 64.85 59.28 -7.10
C PRO A 49 65.44 59.22 -5.70
N GLN A 50 65.56 60.39 -5.08
CA GLN A 50 66.04 60.47 -3.71
C GLN A 50 64.93 60.33 -2.68
N GLU A 51 63.72 60.75 -3.04
CA GLU A 51 62.65 60.86 -2.06
C GLU A 51 61.34 60.99 -2.82
N HIS A 52 60.23 60.71 -2.14
CA HIS A 52 58.90 61.02 -2.65
C HIS A 52 58.15 61.88 -1.64
N VAL A 53 57.36 62.81 -2.15
CA VAL A 53 56.60 63.75 -1.33
C VAL A 53 55.15 63.75 -1.77
N TYR A 54 54.24 63.88 -0.81
CA TYR A 54 52.82 64.02 -1.08
C TYR A 54 52.46 65.50 -1.15
N LEU A 55 51.72 65.89 -2.18
CA LEU A 55 51.53 67.31 -2.47
C LEU A 55 50.08 67.73 -2.64
N ARG A 56 49.19 66.83 -3.07
CA ARG A 56 47.82 67.25 -3.35
C ARG A 56 46.92 66.04 -3.29
N TYR A 57 46.03 66.00 -2.29
CA TYR A 57 45.01 64.97 -2.18
C TYR A 57 43.84 65.26 -3.12
N GLU A 58 43.36 64.21 -3.78
CA GLU A 58 42.17 64.30 -4.61
C GLU A 58 41.43 62.97 -4.59
N GLY A 59 40.10 63.03 -4.69
CA GLY A 59 39.31 61.82 -4.76
C GLY A 59 37.89 62.04 -5.22
N THR A 60 37.28 61.02 -5.82
CA THR A 60 35.89 61.09 -6.26
C THR A 60 35.16 59.80 -5.93
N ILE A 61 33.84 59.91 -5.75
CA ILE A 61 32.94 58.77 -5.61
C ILE A 61 31.91 58.86 -6.74
N THR A 62 31.81 57.78 -7.52
CA THR A 62 30.87 57.72 -8.64
C THR A 62 29.85 56.62 -8.36
N VAL A 63 28.56 56.94 -8.54
CA VAL A 63 27.48 56.01 -8.25
C VAL A 63 26.60 55.88 -9.50
N GLU A 64 26.31 54.64 -9.90
CA GLU A 64 25.34 54.34 -10.93
C GLU A 64 24.11 53.74 -10.30
N ARG A 65 22.94 54.12 -10.79
CA ARG A 65 21.70 53.68 -10.19
C ARG A 65 20.62 53.60 -11.27
N LEU A 66 19.71 52.64 -11.12
CA LEU A 66 18.53 52.59 -11.97
C LEU A 66 17.57 53.68 -11.56
N ARG A 67 17.05 54.42 -12.54
CA ARG A 67 16.19 55.56 -12.24
C ARG A 67 14.83 55.05 -11.77
N MET A 68 14.57 55.16 -10.47
CA MET A 68 13.28 54.79 -9.92
C MET A 68 12.23 55.83 -10.31
N LYS A 69 10.96 55.43 -10.21
CA LYS A 69 9.87 56.36 -10.45
C LYS A 69 9.69 57.33 -9.29
N LYS A 70 10.21 57.01 -8.12
CA LYS A 70 10.17 57.89 -6.97
C LYS A 70 11.50 57.78 -6.24
N GLU A 71 11.84 58.81 -5.46
CA GLU A 71 13.07 58.83 -4.69
C GLU A 71 14.30 58.71 -5.57
N ASN A 72 14.25 59.32 -6.75
CA ASN A 72 15.45 59.58 -7.52
C ASN A 72 16.41 60.46 -6.72
N PHE A 73 17.67 60.53 -7.18
CA PHE A 73 18.56 61.54 -6.62
C PHE A 73 18.00 62.94 -6.81
N ALA A 74 17.28 63.17 -7.91
CA ALA A 74 16.64 64.48 -8.07
C ALA A 74 15.47 64.64 -7.11
N ASP A 75 14.68 63.59 -6.90
CA ASP A 75 13.57 63.70 -5.97
C ASP A 75 14.05 63.74 -4.53
N LEU A 76 15.06 62.93 -4.20
CA LEU A 76 15.69 63.03 -2.89
C LEU A 76 16.39 64.36 -2.67
N GLY A 77 16.71 65.08 -3.73
CA GLY A 77 17.36 66.37 -3.63
C GLY A 77 18.87 66.31 -3.64
N TYR A 78 19.46 65.12 -3.68
CA TYR A 78 20.92 65.03 -3.65
C TYR A 78 21.53 65.49 -4.97
N ALA A 79 20.93 65.11 -6.09
CA ALA A 79 21.29 65.64 -7.39
C ALA A 79 20.66 67.01 -7.60
N SER A 80 21.15 67.72 -8.61
CA SER A 80 20.57 68.99 -9.03
C SER A 80 20.51 69.06 -10.54
N LEU A 81 19.37 69.52 -11.05
CA LEU A 81 19.16 69.67 -12.48
C LEU A 81 19.49 71.06 -13.00
N GLY A 82 19.35 72.09 -12.17
CA GLY A 82 19.48 73.46 -12.62
C GLY A 82 20.24 74.31 -11.63
N GLU A 83 19.89 75.60 -11.53
CA GLU A 83 20.63 76.51 -10.68
C GLU A 83 20.53 76.15 -9.20
N GLU A 84 19.56 75.33 -8.80
CA GLU A 84 19.43 74.98 -7.39
C GLU A 84 20.60 74.17 -6.87
N ILE A 85 21.53 73.73 -7.73
CA ILE A 85 22.80 73.18 -7.26
C ILE A 85 23.49 74.13 -6.29
N LEU A 86 23.34 75.44 -6.50
CA LEU A 86 23.93 76.44 -5.61
C LEU A 86 23.39 76.41 -4.20
N LYS A 87 22.31 75.67 -3.93
CA LYS A 87 21.69 75.65 -2.61
C LYS A 87 21.76 74.29 -1.92
N LYS A 88 22.58 73.37 -2.42
CA LYS A 88 22.74 72.04 -1.82
C LYS A 88 23.98 72.02 -0.93
N ASP A 89 23.79 71.75 0.36
CA ASP A 89 24.91 71.56 1.25
C ASP A 89 25.60 70.23 0.97
N ILE A 90 26.85 70.13 1.43
CA ILE A 90 27.59 68.89 1.31
C ILE A 90 26.89 67.78 2.09
N ILE A 91 27.01 66.54 1.60
CA ILE A 91 26.42 65.36 2.22
C ILE A 91 27.49 64.31 2.40
N ASP A 92 27.30 63.44 3.39
CA ASP A 92 28.21 62.33 3.68
C ASP A 92 27.60 61.02 3.23
N ILE A 93 28.38 60.23 2.49
CA ILE A 93 27.95 58.96 1.93
C ILE A 93 28.63 57.85 2.71
N LEU A 94 27.85 56.93 3.25
CA LEU A 94 28.35 55.83 4.07
C LEU A 94 28.17 54.52 3.32
N VAL A 95 29.21 53.70 3.33
CA VAL A 95 29.16 52.32 2.87
C VAL A 95 29.23 51.44 4.11
N VAL A 96 28.26 50.56 4.29
CA VAL A 96 27.98 49.94 5.58
C VAL A 96 27.85 48.43 5.37
N ASP A 97 28.44 47.68 6.31
CA ASP A 97 28.27 46.23 6.34
C ASP A 97 26.81 45.86 6.54
N ASN A 98 26.32 44.99 5.66
CA ASN A 98 24.91 44.59 5.73
C ASN A 98 24.61 43.76 6.96
N LEU A 99 25.51 42.87 7.36
CA LEU A 99 25.23 42.02 8.52
C LEU A 99 25.29 42.83 9.81
N THR A 100 26.43 43.46 10.08
CA THR A 100 26.67 44.09 11.37
C THR A 100 26.16 45.52 11.46
N LYS A 101 25.70 46.11 10.36
CA LYS A 101 25.31 47.51 10.32
C LYS A 101 26.45 48.44 10.71
N GLN A 102 27.68 48.03 10.38
CA GLN A 102 28.90 48.67 10.87
C GLN A 102 29.58 49.37 9.70
N VAL A 103 30.00 50.61 9.93
CA VAL A 103 30.49 51.45 8.83
C VAL A 103 31.81 50.91 8.31
N ILE A 104 31.86 50.63 7.01
CA ILE A 104 33.08 50.18 6.35
C ILE A 104 33.95 51.36 5.92
N ILE A 105 33.36 52.33 5.23
CA ILE A 105 34.09 53.53 4.82
C ILE A 105 33.10 54.68 4.70
N SER A 106 33.53 55.87 5.11
CA SER A 106 32.76 57.10 5.00
C SER A 106 33.43 58.05 4.02
N TYR A 107 32.64 58.58 3.08
CA TYR A 107 33.08 59.68 2.24
C TYR A 107 32.44 60.97 2.73
N HIS A 108 33.28 61.92 3.16
CA HIS A 108 32.83 63.14 3.83
C HIS A 108 32.91 64.34 2.90
N GLY A 109 31.88 65.17 2.94
CA GLY A 109 31.85 66.40 2.17
C GLY A 109 31.71 66.20 0.67
N CYS A 110 30.79 65.33 0.26
CA CYS A 110 30.59 65.08 -1.15
C CYS A 110 29.92 66.27 -1.84
N SER A 111 30.34 66.56 -3.06
CA SER A 111 29.81 67.68 -3.83
C SER A 111 29.77 67.29 -5.30
N ALA A 112 28.61 67.48 -5.94
CA ALA A 112 28.35 66.87 -7.23
C ALA A 112 29.16 67.52 -8.35
N ASN A 113 29.81 66.68 -9.17
CA ASN A 113 30.50 67.13 -10.38
C ASN A 113 29.60 67.10 -11.61
N ASN A 114 28.90 65.99 -11.83
CA ASN A 114 28.08 65.82 -13.02
C ASN A 114 26.97 64.83 -12.71
N TYR A 115 25.92 64.88 -13.53
CA TYR A 115 24.75 64.03 -13.36
C TYR A 115 24.19 63.65 -14.72
N ASN A 116 23.98 62.35 -14.94
CA ASN A 116 23.51 61.84 -16.22
C ASN A 116 22.25 61.01 -16.06
N GLU A 117 21.40 61.06 -17.08
CA GLU A 117 20.29 60.13 -17.26
C GLU A 117 20.28 59.67 -18.71
N THR A 118 20.11 58.36 -18.92
CA THR A 118 20.04 57.77 -20.25
C THR A 118 18.69 57.07 -20.41
N TRP A 119 17.94 57.49 -21.42
CA TRP A 119 16.65 56.90 -21.76
C TRP A 119 16.84 56.08 -23.03
N GLN A 120 16.57 54.77 -22.95
CA GLN A 120 16.85 53.86 -24.04
C GLN A 120 15.78 52.78 -24.12
N THR A 121 15.59 52.25 -25.33
CA THR A 121 14.33 51.61 -25.69
C THR A 121 14.22 50.15 -25.24
N ASN A 122 15.32 49.45 -24.99
CA ASN A 122 15.27 48.06 -24.55
C ASN A 122 15.83 47.86 -23.16
N GLU A 123 15.92 48.92 -22.36
CA GLU A 123 16.68 48.90 -21.12
C GLU A 123 15.93 49.69 -20.06
N ILE A 124 16.28 49.43 -18.80
CA ILE A 124 15.88 50.28 -17.70
C ILE A 124 16.69 51.57 -17.73
N VAL A 125 16.05 52.68 -17.37
CA VAL A 125 16.71 53.97 -17.35
C VAL A 125 17.77 53.99 -16.26
N THR A 126 18.90 54.63 -16.54
CA THR A 126 20.05 54.66 -15.65
C THR A 126 20.36 56.09 -15.23
N GLU A 127 20.42 56.33 -13.92
CA GLU A 127 21.10 57.47 -13.33
C GLU A 127 22.58 57.19 -13.14
N GLU A 128 23.40 58.22 -13.30
CA GLU A 128 24.78 58.16 -12.85
C GLU A 128 25.18 59.53 -12.33
N ILE A 129 25.93 59.55 -11.22
CA ILE A 129 26.35 60.77 -10.56
C ILE A 129 27.78 60.61 -10.05
N GLU A 130 28.53 61.70 -10.07
CA GLU A 130 29.90 61.73 -9.56
C GLU A 130 30.05 62.89 -8.58
N PHE A 131 30.65 62.62 -7.41
CA PHE A 131 30.93 63.65 -6.42
C PHE A 131 32.43 63.74 -6.18
N SER A 132 32.93 64.97 -6.06
CA SER A 132 34.17 65.23 -5.33
C SER A 132 33.87 65.26 -3.83
N TYR A 133 34.82 64.76 -3.03
CA TYR A 133 34.66 64.74 -1.58
C TYR A 133 35.91 65.27 -0.90
N LEU A 134 35.72 65.77 0.33
CA LEU A 134 36.80 66.43 1.06
C LEU A 134 37.76 65.40 1.65
N THR A 135 37.25 64.32 2.22
CA THR A 135 38.11 63.28 2.77
C THR A 135 37.31 62.00 2.88
N ALA A 136 38.02 60.90 3.13
CA ALA A 136 37.41 59.62 3.45
C ALA A 136 38.04 59.06 4.71
N SER A 137 37.28 58.23 5.42
CA SER A 137 37.79 57.65 6.66
C SER A 137 37.04 56.36 6.93
N ASP A 138 37.63 55.53 7.78
CA ASP A 138 36.96 54.37 8.35
C ASP A 138 37.18 54.39 9.85
N LYS A 139 36.24 53.81 10.59
CA LYS A 139 36.33 53.74 12.05
C LYS A 139 36.06 52.32 12.51
N ALA A 140 36.83 51.88 13.50
CA ALA A 140 36.75 50.51 13.99
C ALA A 140 37.00 50.47 15.48
N ALA B 2 37.21 26.39 4.69
CA ALA B 2 36.95 24.94 4.98
C ALA B 2 36.58 24.22 3.69
N ILE B 3 36.47 22.90 3.77
CA ILE B 3 35.69 22.16 2.80
C ILE B 3 34.22 22.34 3.15
N THR B 4 33.38 22.39 2.11
CA THR B 4 31.97 22.72 2.29
C THR B 4 31.13 21.77 1.45
N SER B 5 29.86 21.68 1.82
CA SER B 5 28.91 20.78 1.18
C SER B 5 27.60 21.55 0.98
N VAL B 6 27.47 22.16 -0.20
CA VAL B 6 26.34 23.07 -0.44
C VAL B 6 25.02 22.34 -0.27
N ASP B 7 24.95 21.08 -0.69
CA ASP B 7 23.70 20.32 -0.61
C ASP B 7 23.24 20.17 0.84
N SER B 8 24.15 19.78 1.74
CA SER B 8 23.75 19.59 3.13
C SER B 8 23.45 20.91 3.80
N TYR B 9 24.14 21.98 3.41
CA TYR B 9 23.77 23.30 3.88
C TYR B 9 22.34 23.65 3.49
N LEU B 10 22.00 23.47 2.21
CA LEU B 10 20.67 23.79 1.75
C LEU B 10 19.61 22.96 2.45
N LEU B 11 19.84 21.66 2.62
CA LEU B 11 18.87 20.84 3.34
C LEU B 11 18.67 21.34 4.76
N SER B 12 19.78 21.61 5.47
CA SER B 12 19.70 22.04 6.85
C SER B 12 19.01 23.39 6.98
N GLU B 13 19.19 24.26 5.99
CA GLU B 13 18.66 25.60 6.07
C GLU B 13 17.20 25.63 5.64
N ILE B 14 16.85 24.89 4.58
CA ILE B 14 15.50 24.93 4.05
C ILE B 14 14.52 24.29 5.01
N LYS B 15 14.86 23.13 5.59
CA LYS B 15 13.85 22.43 6.39
C LYS B 15 13.26 23.27 7.52
N PRO B 16 14.04 23.89 8.40
CA PRO B 16 13.40 24.69 9.45
C PRO B 16 12.65 25.90 8.93
N ARG B 17 13.19 26.56 7.91
CA ARG B 17 12.51 27.73 7.36
C ARG B 17 11.18 27.34 6.75
N LEU B 18 11.15 26.23 6.00
CA LEU B 18 9.91 25.75 5.43
C LEU B 18 8.89 25.44 6.51
N ASN B 19 9.32 24.77 7.58
CA ASN B 19 8.39 24.49 8.67
C ASN B 19 7.84 25.76 9.28
N THR B 20 8.72 26.74 9.54
CA THR B 20 8.27 27.95 10.23
C THR B 20 7.39 28.83 9.36
N VAL B 21 7.55 28.80 8.04
CA VAL B 21 6.58 29.49 7.19
C VAL B 21 5.26 28.74 7.20
N LEU B 22 5.28 27.41 7.05
CA LEU B 22 4.03 26.67 6.91
C LEU B 22 3.18 26.72 8.18
N GLU B 23 3.80 26.83 9.36
CA GLU B 23 3.04 26.98 10.59
C GLU B 23 2.50 28.39 10.81
N ASN B 24 2.61 29.30 9.84
CA ASN B 24 2.29 30.72 10.03
C ASN B 24 1.43 31.21 8.86
N CYS B 25 0.12 31.22 9.06
CA CYS B 25 -0.82 31.37 7.95
C CYS B 25 -0.67 32.70 7.20
N TYR B 26 -0.51 33.81 7.92
CA TYR B 26 -0.49 35.09 7.22
C TYR B 26 0.74 35.25 6.33
N ILE B 27 1.83 34.53 6.61
CA ILE B 27 2.98 34.58 5.72
C ILE B 27 2.61 33.98 4.37
N ILE B 28 1.99 32.80 4.36
CA ILE B 28 1.56 32.21 3.10
C ILE B 28 0.53 33.09 2.43
N ASP B 29 -0.37 33.67 3.22
CA ASP B 29 -1.37 34.57 2.64
C ASP B 29 -0.75 35.77 1.97
N GLU B 30 0.44 36.18 2.42
CA GLU B 30 1.15 37.27 1.76
C GLU B 30 1.94 36.78 0.55
N VAL B 31 2.58 35.62 0.66
CA VAL B 31 3.40 35.09 -0.43
C VAL B 31 2.54 34.79 -1.66
N LEU B 32 1.34 34.25 -1.45
CA LEU B 32 0.48 33.81 -2.54
C LEU B 32 -0.53 34.86 -2.96
N LYS B 33 -0.33 36.12 -2.61
CA LYS B 33 -1.31 37.16 -2.89
C LYS B 33 -1.57 37.31 -4.38
N ASP B 34 -0.62 36.96 -5.23
CA ASP B 34 -0.78 37.10 -6.68
C ASP B 34 -1.48 35.93 -7.36
N PHE B 35 -1.61 34.80 -6.68
CA PHE B 35 -2.26 33.64 -7.28
C PHE B 35 -3.78 33.79 -7.29
N ASP B 36 -4.43 32.96 -8.10
CA ASP B 36 -5.88 32.86 -8.12
C ASP B 36 -6.40 32.57 -6.71
N TYR B 37 -7.54 33.17 -6.37
CA TYR B 37 -8.11 33.02 -5.04
C TYR B 37 -8.30 31.57 -4.63
N GLN B 38 -8.82 30.73 -5.52
CA GLN B 38 -9.09 29.36 -5.13
C GLN B 38 -7.81 28.57 -4.96
N THR B 39 -6.81 28.78 -5.82
CA THR B 39 -5.51 28.16 -5.61
C THR B 39 -4.95 28.52 -4.24
N ARG B 40 -5.00 29.81 -3.90
CA ARG B 40 -4.46 30.27 -2.63
C ARG B 40 -5.17 29.62 -1.47
N GLU B 41 -6.49 29.66 -1.47
CA GLU B 41 -7.25 29.14 -0.35
C GLU B 41 -7.10 27.64 -0.22
N SER B 42 -7.07 26.92 -1.35
CA SER B 42 -6.88 25.47 -1.28
C SER B 42 -5.51 25.10 -0.72
N PHE B 43 -4.46 25.79 -1.16
CA PHE B 43 -3.14 25.52 -0.60
C PHE B 43 -3.11 25.81 0.90
N LYS B 44 -3.66 26.95 1.29
CA LYS B 44 -3.64 27.33 2.69
C LYS B 44 -4.46 26.37 3.55
N GLU B 45 -5.57 25.88 3.02
CA GLU B 45 -6.36 24.89 3.74
C GLU B 45 -5.60 23.58 3.89
N ALA B 46 -4.96 23.12 2.82
CA ALA B 46 -4.35 21.79 2.85
C ALA B 46 -3.07 21.76 3.68
N PHE B 47 -2.10 22.61 3.33
CA PHE B 47 -0.74 22.44 3.84
C PHE B 47 -0.37 23.36 4.98
N CYS B 48 -1.20 24.34 5.31
CA CYS B 48 -0.77 25.49 6.08
C CYS B 48 -1.50 25.56 7.41
N GLY B 49 -0.84 26.14 8.41
CA GLY B 49 -1.35 26.19 9.75
C GLY B 49 -1.03 24.94 10.55
N LYS B 50 -1.18 25.04 11.87
CA LYS B 50 -0.84 23.95 12.76
C LYS B 50 -1.73 22.73 12.56
N ASN B 51 -2.97 22.93 12.11
CA ASN B 51 -3.89 21.82 11.90
C ASN B 51 -3.74 21.14 10.55
N ALA B 52 -2.78 21.57 9.73
CA ALA B 52 -2.66 21.07 8.37
C ALA B 52 -2.53 19.54 8.35
N GLN B 53 -3.41 18.90 7.60
CA GLN B 53 -3.42 17.45 7.55
C GLN B 53 -2.39 16.88 6.57
N HIS B 54 -2.10 17.59 5.50
CA HIS B 54 -1.00 17.23 4.61
C HIS B 54 0.29 17.86 5.13
N GLU B 55 1.41 17.43 4.54
CA GLU B 55 2.71 17.98 4.93
C GLU B 55 3.65 17.97 3.73
N VAL B 56 4.58 18.93 3.73
CA VAL B 56 5.65 18.97 2.75
C VAL B 56 6.84 18.22 3.32
N THR B 57 7.78 17.85 2.44
CA THR B 57 8.95 17.11 2.86
C THR B 57 10.15 17.53 2.01
N VAL B 58 11.34 17.36 2.55
CA VAL B 58 12.59 17.72 1.88
C VAL B 58 13.57 16.56 2.01
N GLY B 59 14.31 16.29 0.95
CA GLY B 59 15.37 15.28 1.03
C GLY B 59 16.15 15.22 -0.25
N PHE B 60 17.29 14.54 -0.18
CA PHE B 60 18.12 14.31 -1.36
C PHE B 60 17.48 13.32 -2.32
N ASN B 61 17.94 13.38 -3.57
CA ASN B 61 17.56 12.43 -4.60
C ASN B 61 18.16 11.04 -4.35
N PHE B 62 17.64 10.07 -5.10
CA PHE B 62 17.96 8.65 -5.00
C PHE B 62 17.73 8.02 -3.63
N PRO B 63 16.60 8.24 -2.97
CA PRO B 63 16.25 7.39 -1.84
C PRO B 63 15.76 6.03 -2.32
N LYS B 64 15.83 5.05 -1.43
CA LYS B 64 15.37 3.71 -1.74
C LYS B 64 13.89 3.49 -1.44
N PHE B 65 13.21 4.43 -0.80
CA PHE B 65 11.83 4.32 -0.39
C PHE B 65 10.96 5.26 -1.22
N LYS B 66 9.63 5.11 -1.09
CA LYS B 66 8.70 6.01 -1.74
C LYS B 66 8.56 7.31 -0.96
N ASN B 67 8.46 8.41 -1.69
CA ASN B 67 8.33 9.74 -1.09
C ASN B 67 6.88 10.24 -1.12
N ASN B 68 6.66 11.35 -0.42
CA ASN B 68 5.39 12.07 -0.39
C ASN B 68 5.21 12.88 -1.68
N TYR B 69 4.88 12.18 -2.76
CA TYR B 69 4.73 12.83 -4.06
C TYR B 69 3.60 13.86 -4.14
N GLU B 70 2.83 14.05 -3.07
CA GLU B 70 1.90 15.18 -3.04
C GLU B 70 2.64 16.51 -2.99
N ALA B 71 3.72 16.60 -2.22
CA ALA B 71 4.53 17.81 -2.17
C ALA B 71 5.88 17.44 -1.57
N HIS B 72 6.94 17.55 -2.37
CA HIS B 72 8.26 17.15 -1.90
C HIS B 72 9.31 17.97 -2.62
N TYR B 73 10.19 18.62 -1.87
CA TYR B 73 11.35 19.32 -2.41
C TYR B 73 12.52 18.34 -2.55
N LEU B 74 12.89 18.04 -3.79
CA LEU B 74 14.03 17.16 -4.05
C LEU B 74 15.27 18.01 -4.27
N ILE B 75 16.31 17.76 -3.48
CA ILE B 75 17.57 18.50 -3.55
C ILE B 75 18.59 17.63 -4.29
N GLN B 76 19.36 18.25 -5.18
CA GLN B 76 20.08 17.48 -6.21
C GLN B 76 21.39 18.20 -6.54
N LEU B 77 22.49 17.71 -5.95
CA LEU B 77 23.79 18.35 -6.10
C LEU B 77 24.27 18.38 -7.55
N GLY B 78 24.68 19.57 -8.01
CA GLY B 78 25.03 19.81 -9.39
C GLY B 78 26.52 20.04 -9.63
N GLN B 79 26.82 20.66 -10.77
CA GLN B 79 28.17 20.95 -11.25
C GLN B 79 28.83 22.06 -10.43
N GLY B 80 30.14 22.21 -10.64
CA GLY B 80 30.83 23.42 -10.24
C GLY B 80 32.20 23.50 -10.89
N GLN B 81 32.82 24.67 -10.76
CA GLN B 81 34.18 24.88 -11.26
C GLN B 81 34.89 25.93 -10.42
N GLU B 82 36.19 25.77 -10.26
CA GLU B 82 37.00 26.82 -9.67
C GLU B 82 37.11 28.03 -10.59
N THR B 83 37.03 29.22 -9.99
CA THR B 83 36.83 30.45 -10.75
C THR B 83 37.93 31.48 -10.50
N LYS B 84 38.34 31.72 -9.25
CA LYS B 84 39.37 32.69 -8.93
C LYS B 84 40.38 32.12 -7.95
N ASN B 85 41.67 32.36 -8.22
CA ASN B 85 42.76 31.88 -7.40
C ASN B 85 43.55 33.06 -6.84
N SER B 86 44.14 32.85 -5.68
CA SER B 86 45.02 33.82 -5.05
C SER B 86 46.48 33.54 -5.44
N LEU B 87 47.30 34.57 -5.40
CA LEU B 87 48.74 34.35 -5.53
C LEU B 87 49.24 33.46 -4.41
N GLY B 88 50.03 32.45 -4.76
CA GLY B 88 50.47 31.46 -3.81
C GLY B 88 49.36 30.62 -3.21
N SER B 89 48.16 30.72 -3.76
CA SER B 89 46.96 30.12 -3.19
C SER B 89 46.70 30.54 -1.74
N ILE B 90 47.25 31.67 -1.30
CA ILE B 90 47.07 32.14 0.07
C ILE B 90 45.73 32.85 0.15
N GLN B 91 44.72 32.16 0.67
CA GLN B 91 43.43 32.80 0.87
C GLN B 91 43.44 33.76 2.04
N SER B 92 44.26 33.49 3.05
CA SER B 92 44.38 34.37 4.21
C SER B 92 45.52 33.85 5.07
N SER B 93 45.78 34.55 6.17
CA SER B 93 46.70 34.07 7.18
C SER B 93 46.20 34.50 8.55
N TYR B 94 46.59 33.74 9.56
CA TYR B 94 46.07 33.92 10.91
C TYR B 94 47.19 33.67 11.91
N PHE B 95 47.10 34.38 13.05
CA PHE B 95 47.95 34.11 14.19
C PHE B 95 47.27 33.23 15.24
N GLU B 96 46.00 32.88 15.04
CA GLU B 96 45.24 32.13 16.05
C GLU B 96 44.12 31.39 15.35
N ALA B 97 44.14 30.07 15.40
CA ALA B 97 43.22 29.25 14.62
C ALA B 97 41.77 29.49 15.00
N THR B 98 40.99 30.06 14.08
CA THR B 98 39.65 30.58 14.34
C THR B 98 38.62 29.66 13.71
N GLY B 99 37.53 29.42 14.43
CA GLY B 99 36.52 28.48 14.01
C GLY B 99 35.41 29.11 13.21
N ASP B 100 34.18 28.65 13.40
CA ASP B 100 33.03 29.24 12.73
C ASP B 100 32.58 30.52 13.42
N THR B 101 31.90 31.36 12.66
CA THR B 101 31.23 32.53 13.22
C THR B 101 29.95 32.10 13.91
N LEU B 102 29.65 32.78 15.02
CA LEU B 102 28.49 32.44 15.83
C LEU B 102 27.81 33.73 16.27
N VAL B 103 26.50 33.65 16.49
CA VAL B 103 25.76 34.71 17.16
C VAL B 103 25.00 34.07 18.32
N GLU B 104 25.13 34.66 19.51
CA GLU B 104 24.50 34.14 20.71
C GLU B 104 23.88 35.28 21.50
N SER B 105 22.69 35.03 22.03
CA SER B 105 22.10 35.93 23.01
C SER B 105 22.79 35.79 24.36
N SER B 106 22.92 36.91 25.08
CA SER B 106 23.53 36.90 26.40
C SER B 106 23.01 38.10 27.19
N THR B 107 23.19 38.05 28.50
CA THR B 107 22.85 39.15 29.40
C THR B 107 24.09 39.56 30.18
N ALA B 108 24.22 40.87 30.43
CA ALA B 108 25.22 41.36 31.36
C ALA B 108 24.94 40.87 32.77
N ILE B 109 26.01 40.75 33.56
CA ILE B 109 25.90 40.60 35.01
C ILE B 109 27.02 41.40 35.66
N ARG B 110 26.77 41.87 36.87
CA ARG B 110 27.82 42.46 37.68
C ARG B 110 28.73 41.38 38.24
N GLU B 111 30.05 41.66 38.19
CA GLU B 111 31.02 40.82 38.88
C GLU B 111 32.21 41.69 39.26
N ASP B 112 32.43 41.86 40.56
CA ASP B 112 33.59 42.58 41.10
C ASP B 112 33.70 43.97 40.46
N ASP B 113 32.57 44.67 40.36
CA ASP B 113 32.52 46.00 39.77
C ASP B 113 33.04 46.00 38.34
N LYS B 114 32.88 44.88 37.63
CA LYS B 114 32.82 44.86 36.17
C LYS B 114 31.47 44.30 35.75
N LEU B 115 30.99 44.76 34.60
CA LEU B 115 29.99 44.02 33.85
C LEU B 115 30.67 42.96 32.99
N VAL B 116 30.05 41.78 32.90
CA VAL B 116 30.56 40.72 32.04
C VAL B 116 29.41 40.09 31.26
N PHE B 117 29.70 39.69 30.02
CA PHE B 117 28.85 38.79 29.24
C PHE B 117 29.56 37.45 29.13
N THR B 118 28.83 36.37 29.38
CA THR B 118 29.36 35.02 29.25
C THR B 118 28.89 34.42 27.94
N VAL B 119 29.78 33.72 27.27
CA VAL B 119 29.53 33.11 25.97
C VAL B 119 29.83 31.62 26.09
N SER B 120 29.13 30.81 25.29
CA SER B 120 29.20 29.37 25.46
C SER B 120 30.55 28.78 25.09
N LYS B 121 31.38 29.49 24.33
CA LYS B 121 32.61 28.94 23.79
C LYS B 121 33.72 29.98 23.92
N PRO B 122 34.99 29.56 23.88
CA PRO B 122 36.08 30.53 23.91
C PRO B 122 36.02 31.48 22.72
N ILE B 123 36.14 32.77 23.00
CA ILE B 123 36.02 33.79 21.97
C ILE B 123 37.37 33.90 21.27
N GLY B 124 37.41 33.49 20.01
CA GLY B 124 38.59 33.68 19.18
C GLY B 124 38.72 35.09 18.65
N GLU B 125 37.59 35.68 18.27
CA GLU B 125 37.52 37.09 17.93
C GLU B 125 36.11 37.58 18.22
N LEU B 126 36.02 38.79 18.75
CA LEU B 126 34.74 39.45 18.94
C LEU B 126 34.51 40.42 17.77
N ILE B 127 33.41 40.25 17.07
CA ILE B 127 33.10 41.10 15.93
C ILE B 127 32.21 42.27 16.36
N LYS B 128 31.19 41.99 17.16
CA LYS B 128 30.24 43.02 17.56
C LYS B 128 29.53 42.59 18.83
N VAL B 129 29.44 43.50 19.79
CA VAL B 129 28.45 43.44 20.85
C VAL B 129 27.30 44.30 20.38
N GLU B 130 26.12 43.69 20.27
CA GLU B 130 24.98 44.38 19.68
C GLU B 130 24.66 45.67 20.42
N ASP B 131 24.44 46.73 19.65
CA ASP B 131 23.95 48.02 20.14
C ASP B 131 24.89 48.68 21.16
N ILE B 132 26.15 48.28 21.24
CA ILE B 132 27.12 48.95 22.11
C ILE B 132 28.35 49.31 21.30
N GLU B 133 28.84 50.54 21.46
CA GLU B 133 30.18 50.95 21.08
C GLU B 133 30.91 51.47 22.30
N PHE B 134 31.96 50.79 22.71
CA PHE B 134 32.68 51.14 23.93
C PHE B 134 33.68 52.26 23.67
N ALA B 135 33.84 53.13 24.66
CA ALA B 135 34.95 54.07 24.72
C ALA B 135 36.16 53.44 25.41
N LYS B 136 37.32 54.07 25.22
CA LYS B 136 38.53 53.61 25.90
C LYS B 136 38.35 53.60 27.41
N TYR B 137 37.62 54.58 27.94
CA TYR B 137 37.33 54.61 29.37
C TYR B 137 36.64 53.34 29.83
N ASP B 138 35.86 52.71 28.97
CA ASP B 138 35.11 51.53 29.37
C ASP B 138 35.99 50.30 29.59
N ASN B 139 37.25 50.34 29.17
CA ASN B 139 38.22 49.29 29.44
C ASN B 139 37.68 47.93 28.99
N LEU B 140 37.24 47.89 27.73
CA LEU B 140 36.78 46.63 27.14
C LEU B 140 37.90 45.60 27.12
N GLN B 141 37.65 44.43 27.67
CA GLN B 141 38.58 43.32 27.60
C GLN B 141 37.81 42.03 27.36
N VAL B 142 38.45 41.11 26.64
CA VAL B 142 37.96 39.76 26.41
C VAL B 142 38.94 38.79 27.04
N GLU B 143 38.43 37.72 27.65
CA GLU B 143 39.28 36.74 28.30
C GLU B 143 38.56 35.40 28.31
N GLY B 144 39.20 34.39 27.75
CA GLY B 144 38.60 33.08 27.60
C GLY B 144 37.28 33.14 26.87
N ASN B 145 36.21 32.68 27.52
CA ASN B 145 34.88 32.71 26.95
C ASN B 145 34.02 33.82 27.54
N LYS B 146 34.65 34.86 28.10
CA LYS B 146 33.93 35.95 28.73
C LYS B 146 34.35 37.29 28.14
N VAL B 147 33.39 38.18 28.03
CA VAL B 147 33.61 39.58 27.68
C VAL B 147 33.36 40.38 28.93
N SER B 148 34.21 41.36 29.20
CA SER B 148 34.18 42.10 30.46
C SER B 148 34.26 43.59 30.21
N PHE B 149 33.59 44.34 31.07
CA PHE B 149 33.15 45.69 30.72
C PHE B 149 33.00 46.45 32.04
N LYS B 150 33.58 47.64 32.11
CA LYS B 150 33.67 48.36 33.38
C LYS B 150 32.32 48.82 33.91
N TYR B 151 32.11 48.58 35.21
CA TYR B 151 30.82 48.82 35.87
C TYR B 151 30.55 50.29 36.18
N GLN B 152 31.60 51.05 36.52
CA GLN B 152 31.46 52.30 37.28
C GLN B 152 30.39 53.24 36.72
N THR B 153 30.49 53.58 35.45
CA THR B 153 29.56 54.51 34.82
C THR B 153 28.33 53.84 34.23
N ASN B 154 28.24 52.52 34.28
CA ASN B 154 27.29 51.74 33.49
C ASN B 154 26.26 51.04 34.35
N GLU B 155 26.13 51.44 35.61
CA GLU B 155 25.31 50.70 36.57
C GLU B 155 23.87 50.54 36.10
N ASP B 156 23.35 51.47 35.31
CA ASP B 156 21.99 51.33 34.80
C ASP B 156 21.83 50.10 33.92
N TYR B 157 22.91 49.63 33.29
CA TYR B 157 22.87 48.51 32.38
C TYR B 157 23.18 47.17 33.05
N GLU B 158 23.04 47.09 34.37
CA GLU B 158 23.51 45.92 35.11
C GLU B 158 22.85 44.62 34.68
N ASN B 159 21.70 44.68 33.99
CA ASN B 159 21.05 43.49 33.44
C ASN B 159 20.78 43.62 31.95
N TYR B 160 21.52 44.48 31.25
CA TYR B 160 21.29 44.72 29.84
C TYR B 160 21.42 43.43 29.02
N ASN B 161 20.49 43.27 28.06
CA ASN B 161 20.42 42.09 27.21
C ASN B 161 20.99 42.42 25.84
N ALA B 162 21.88 41.57 25.35
CA ALA B 162 22.60 41.82 24.10
C ALA B 162 22.71 40.54 23.30
N ASN B 163 23.04 40.70 22.01
CA ASN B 163 23.51 39.62 21.16
C ASN B 163 24.99 39.82 20.89
N ILE B 164 25.78 38.77 21.07
CA ILE B 164 27.20 38.78 20.77
C ILE B 164 27.44 38.06 19.45
N ILE B 165 28.11 38.74 18.53
CA ILE B 165 28.60 38.12 17.30
C ILE B 165 30.10 37.93 17.47
N PHE B 166 30.56 36.69 17.33
CA PHE B 166 31.94 36.34 17.61
C PHE B 166 32.29 35.12 16.79
N THR B 167 33.50 34.61 16.97
CA THR B 167 33.93 33.38 16.34
C THR B 167 34.80 32.57 17.28
N GLU B 168 34.69 31.25 17.17
CA GLU B 168 35.43 30.35 18.03
C GLU B 168 36.93 30.44 17.74
N LYS B 169 37.73 30.02 18.71
CA LYS B 169 39.12 29.66 18.45
C LYS B 169 39.30 28.16 18.63
N LYS B 170 40.05 27.55 17.71
CA LYS B 170 40.48 26.18 17.91
C LYS B 170 41.69 26.12 18.85
N ASN B 171 42.76 26.81 18.48
CA ASN B 171 44.01 26.72 19.22
C ASN B 171 44.90 27.90 18.87
N ASP B 172 45.92 28.11 19.69
CA ASP B 172 46.92 29.16 19.48
C ASP B 172 48.01 28.61 18.56
N SER B 173 47.83 28.80 17.26
CA SER B 173 48.85 28.37 16.31
C SER B 173 48.83 29.27 15.08
N LYS B 174 49.99 29.36 14.44
CA LYS B 174 50.17 30.13 13.22
C LYS B 174 49.91 29.25 12.01
N GLY B 175 49.46 29.85 10.92
CA GLY B 175 49.39 29.11 9.68
C GLY B 175 48.90 29.97 8.53
N LEU B 176 48.76 29.32 7.38
CA LEU B 176 48.26 29.91 6.16
C LEU B 176 46.98 29.18 5.77
N VAL B 177 45.92 29.94 5.48
CA VAL B 177 44.73 29.38 4.85
C VAL B 177 44.99 29.27 3.35
N LYS B 178 45.17 28.05 2.86
CA LYS B 178 45.46 27.76 1.47
C LYS B 178 44.23 27.18 0.79
N GLY B 179 43.89 27.69 -0.39
CA GLY B 179 42.71 27.22 -1.09
C GLY B 179 42.38 28.11 -2.26
N PHE B 180 41.11 28.05 -2.67
CA PHE B 180 40.65 28.72 -3.89
C PHE B 180 39.15 28.90 -3.80
N THR B 181 38.60 29.65 -4.75
CA THR B 181 37.15 29.86 -4.84
C THR B 181 36.54 28.94 -5.89
N VAL B 182 35.37 28.41 -5.56
CA VAL B 182 34.60 27.54 -6.46
C VAL B 182 33.22 28.15 -6.66
N GLU B 183 32.72 28.02 -7.88
CA GLU B 183 31.34 28.35 -8.23
C GLU B 183 30.60 27.04 -8.47
N GLU B 184 29.52 26.81 -7.73
CA GLU B 184 28.89 25.50 -7.66
C GLU B 184 27.38 25.62 -7.72
N GLN B 185 26.74 24.62 -8.35
CA GLN B 185 25.31 24.61 -8.59
C GLN B 185 24.63 23.50 -7.79
N VAL B 186 23.45 23.79 -7.26
CA VAL B 186 22.53 22.77 -6.75
C VAL B 186 21.16 23.02 -7.37
N THR B 187 20.51 21.93 -7.80
CA THR B 187 19.13 21.99 -8.30
C THR B 187 18.15 21.62 -7.20
N VAL B 188 17.01 22.31 -7.17
CA VAL B 188 15.90 21.97 -6.29
C VAL B 188 14.62 21.98 -7.13
N VAL B 189 13.77 20.97 -6.91
CA VAL B 189 12.50 20.85 -7.63
C VAL B 189 11.41 20.50 -6.63
N GLY B 190 10.29 21.21 -6.71
CA GLY B 190 9.10 20.88 -5.94
C GLY B 190 8.17 19.93 -6.67
N LEU B 191 8.25 18.65 -6.35
CA LEU B 191 7.39 17.64 -6.97
C LEU B 191 5.99 17.67 -6.40
N SER B 192 4.99 17.67 -7.29
CA SER B 192 3.61 17.38 -6.89
C SER B 192 2.87 16.79 -8.07
N PHE B 193 1.94 15.88 -7.79
CA PHE B 193 0.99 15.41 -8.80
C PHE B 193 -0.13 16.40 -9.07
N ASN B 194 -0.21 17.50 -8.32
CA ASN B 194 -1.12 18.60 -8.60
C ASN B 194 -0.30 19.78 -9.09
N VAL B 195 -0.63 20.26 -10.30
CA VAL B 195 0.14 21.33 -10.92
C VAL B 195 0.06 22.63 -10.12
N ASP B 196 -1.10 22.92 -9.53
CA ASP B 196 -1.22 24.13 -8.75
C ASP B 196 -0.39 24.05 -7.47
N VAL B 197 -0.16 22.85 -6.97
CA VAL B 197 0.72 22.68 -5.81
C VAL B 197 2.15 22.92 -6.24
N ALA B 198 2.56 22.40 -7.40
CA ALA B 198 3.90 22.69 -7.89
C ALA B 198 4.14 24.18 -8.02
N ARG B 199 3.17 24.92 -8.57
CA ARG B 199 3.35 26.36 -8.72
C ARG B 199 3.44 27.08 -7.37
N CYS B 200 2.65 26.64 -6.39
CA CYS B 200 2.76 27.25 -5.07
C CYS B 200 4.08 26.89 -4.37
N LEU B 201 4.54 25.65 -4.53
CA LEU B 201 5.82 25.27 -3.95
C LEU B 201 6.96 26.06 -4.57
N ASP B 202 6.85 26.39 -5.86
CA ASP B 202 7.83 27.26 -6.48
C ASP B 202 7.84 28.62 -5.83
N ALA B 203 6.66 29.23 -5.66
CA ALA B 203 6.61 30.54 -5.02
C ALA B 203 7.20 30.52 -3.61
N VAL B 204 6.84 29.51 -2.82
CA VAL B 204 7.34 29.41 -1.45
C VAL B 204 8.85 29.24 -1.45
N LEU B 205 9.39 28.45 -2.38
CA LEU B 205 10.84 28.26 -2.40
C LEU B 205 11.56 29.55 -2.77
N LYS B 206 11.05 30.31 -3.73
CA LYS B 206 11.68 31.58 -4.05
C LYS B 206 11.67 32.53 -2.86
N MET B 207 10.55 32.59 -2.13
CA MET B 207 10.52 33.41 -0.93
C MET B 207 11.57 32.95 0.08
N ILE B 208 11.67 31.64 0.30
CA ILE B 208 12.64 31.11 1.26
C ILE B 208 14.06 31.50 0.85
N LEU B 209 14.40 31.39 -0.43
CA LEU B 209 15.77 31.71 -0.84
C LEU B 209 16.07 33.20 -0.68
N ILE B 210 15.10 34.06 -0.98
CA ILE B 210 15.29 35.48 -0.74
C ILE B 210 15.57 35.72 0.74
N SER B 211 14.75 35.13 1.60
CA SER B 211 14.99 35.27 3.03
C SER B 211 16.36 34.72 3.43
N MET B 212 16.80 33.64 2.78
CA MET B 212 18.08 33.04 3.11
C MET B 212 19.26 33.95 2.79
N ARG B 213 19.12 34.82 1.80
CA ARG B 213 20.28 35.64 1.42
C ARG B 213 20.85 36.46 2.58
N ASP B 214 20.06 36.79 3.59
CA ASP B 214 20.55 37.58 4.71
C ASP B 214 21.21 36.76 5.82
N SER B 215 21.17 35.43 5.74
CA SER B 215 21.69 34.61 6.83
C SER B 215 23.21 34.69 6.90
N ILE B 216 23.73 34.57 8.13
CA ILE B 216 25.18 34.61 8.34
C ILE B 216 25.89 33.54 7.55
N GLU B 217 25.25 32.37 7.37
CA GLU B 217 25.92 31.26 6.71
C GLU B 217 26.36 31.66 5.31
N GLU B 218 25.44 32.24 4.53
CA GLU B 218 25.73 32.61 3.16
C GLU B 218 26.06 34.08 3.01
N GLN B 219 26.22 34.79 4.12
CA GLN B 219 26.93 36.07 4.09
C GLN B 219 28.43 35.84 4.21
N GLN B 220 28.84 34.93 5.10
CA GLN B 220 30.25 34.67 5.28
C GLN B 220 30.79 33.72 4.22
N THR B 221 30.03 32.67 3.88
CA THR B 221 30.40 31.72 2.83
C THR B 221 29.29 31.77 1.77
N PHE B 222 29.35 30.90 0.76
CA PHE B 222 28.24 30.68 -0.18
C PHE B 222 27.69 31.99 -0.74
N GLN B 223 28.57 32.90 -1.08
CA GLN B 223 28.17 34.24 -1.49
C GLN B 223 27.66 34.25 -2.93
N LEU B 224 27.03 35.36 -3.31
CA LEU B 224 26.55 35.59 -4.68
C LEU B 224 25.57 34.53 -5.16
N GLN B 225 24.58 34.21 -4.33
CA GLN B 225 23.48 33.36 -4.76
C GLN B 225 22.88 33.86 -6.06
N ASN B 226 22.78 32.97 -7.05
CA ASN B 226 22.20 33.27 -8.35
C ASN B 226 21.19 32.19 -8.72
N LEU B 227 19.99 32.59 -9.13
CA LEU B 227 18.87 31.68 -9.38
C LEU B 227 18.51 31.58 -10.85
N SER B 228 18.27 30.36 -11.31
CA SER B 228 17.72 30.07 -12.63
C SER B 228 16.54 29.13 -12.48
N PHE B 229 15.59 29.19 -13.43
CA PHE B 229 14.33 28.48 -13.34
C PHE B 229 14.05 27.71 -14.62
N GLY B 230 13.64 26.45 -14.48
CA GLY B 230 13.26 25.64 -15.62
C GLY B 230 11.77 25.72 -15.94
N ASP B 231 11.39 25.08 -17.04
CA ASP B 231 9.99 24.88 -17.38
C ASP B 231 9.30 23.96 -16.40
N ILE B 232 7.98 24.12 -16.30
CA ILE B 232 7.15 23.13 -15.62
C ILE B 232 6.87 21.98 -16.59
N ALA B 233 7.09 20.75 -16.13
CA ALA B 233 7.02 19.59 -17.00
C ALA B 233 6.67 18.37 -16.17
N PRO B 234 6.17 17.30 -16.80
CA PRO B 234 5.99 16.02 -16.09
C PRO B 234 7.33 15.36 -15.82
N ILE B 235 7.64 15.15 -14.54
CA ILE B 235 8.85 14.41 -14.19
C ILE B 235 8.68 12.92 -14.46
N ILE B 236 7.50 12.38 -14.17
CA ILE B 236 7.17 10.99 -14.45
C ILE B 236 5.80 10.97 -15.09
N GLU B 237 5.65 10.13 -16.11
CA GLU B 237 4.56 10.29 -17.06
C GLU B 237 3.70 9.05 -17.23
N ASP B 238 4.04 7.92 -16.59
CA ASP B 238 3.43 6.64 -16.89
C ASP B 238 2.97 5.91 -15.64
N GLY B 239 2.67 6.65 -14.58
CA GLY B 239 1.89 6.11 -13.48
C GLY B 239 0.41 6.16 -13.79
N ASP B 240 -0.40 5.93 -12.75
CA ASP B 240 -1.82 6.27 -12.85
C ASP B 240 -2.04 7.76 -12.99
N SER B 241 -1.04 8.57 -12.66
CA SER B 241 -1.09 10.01 -12.89
C SER B 241 0.33 10.50 -13.12
N MET B 242 0.44 11.64 -13.79
CA MET B 242 1.72 12.31 -13.93
C MET B 242 2.15 13.02 -12.66
N ILE B 243 3.46 13.15 -12.50
CA ILE B 243 4.08 13.94 -11.43
C ILE B 243 4.78 15.13 -12.09
N PHE B 244 4.45 16.34 -11.63
CA PHE B 244 4.97 17.56 -12.20
C PHE B 244 5.99 18.22 -11.28
N GLY B 245 6.85 19.04 -11.88
CA GLY B 245 7.75 19.88 -11.11
C GLY B 245 8.32 20.98 -11.97
N ARG B 246 8.77 22.03 -11.31
CA ARG B 246 9.52 23.12 -11.96
C ARG B 246 10.90 23.22 -11.33
N PRO B 247 11.98 22.85 -12.02
CA PRO B 247 13.30 22.98 -11.40
C PRO B 247 13.71 24.42 -11.17
N THR B 248 14.49 24.63 -10.12
CA THR B 248 15.28 25.84 -9.96
C THR B 248 16.72 25.43 -9.69
N ILE B 249 17.67 26.20 -10.24
CA ILE B 249 19.09 26.00 -10.03
C ILE B 249 19.59 27.14 -9.15
N ILE B 250 20.19 26.80 -8.01
CA ILE B 250 20.83 27.77 -7.13
C ILE B 250 22.34 27.64 -7.30
N LYS B 251 22.98 28.73 -7.68
CA LYS B 251 24.43 28.79 -7.87
C LYS B 251 25.07 29.66 -6.81
N TYR B 252 26.17 29.17 -6.23
CA TYR B 252 26.88 29.84 -5.15
C TYR B 252 28.36 29.94 -5.46
N THR B 253 28.98 31.01 -4.99
CA THR B 253 30.43 31.17 -5.01
C THR B 253 30.94 31.00 -3.59
N SER B 254 31.96 30.16 -3.41
CA SER B 254 32.42 29.83 -2.07
C SER B 254 33.89 29.43 -2.12
N SER B 255 34.51 29.45 -0.94
CA SER B 255 35.93 29.13 -0.78
C SER B 255 36.11 27.70 -0.30
N LEU B 256 37.00 26.97 -0.96
CA LEU B 256 37.52 25.69 -0.50
C LEU B 256 38.96 25.91 -0.02
N ASP B 257 39.25 25.55 1.23
CA ASP B 257 40.57 25.84 1.76
C ASP B 257 40.89 24.96 2.96
N LEU B 258 42.19 24.91 3.29
CA LEU B 258 42.73 24.14 4.39
C LEU B 258 43.61 25.03 5.28
N ASP B 259 43.64 24.70 6.57
CA ASP B 259 44.56 25.34 7.51
C ASP B 259 45.91 24.65 7.48
N TYR B 260 46.85 25.21 6.71
CA TYR B 260 48.24 24.78 6.76
C TYR B 260 48.95 25.45 7.92
N THR B 261 49.07 24.73 9.04
CA THR B 261 49.75 25.28 10.21
C THR B 261 51.26 25.33 10.00
N ILE B 262 51.88 26.36 10.56
CA ILE B 262 53.33 26.55 10.51
C ILE B 262 53.87 26.31 11.91
N THR B 263 54.74 25.31 12.05
CA THR B 263 55.37 25.03 13.33
C THR B 263 56.57 25.95 13.58
N GLN B 264 57.24 26.39 12.52
CA GLN B 264 58.41 27.24 12.68
C GLN B 264 58.03 28.54 13.36
N ASP B 265 58.79 28.88 14.40
CA ASP B 265 58.68 30.17 15.07
C ASP B 265 60.07 30.63 15.44
N ILE B 266 60.30 31.94 15.35
CA ILE B 266 61.58 32.54 15.67
C ILE B 266 61.31 33.62 16.71
N ASN B 267 62.04 33.56 17.83
CA ASN B 267 61.79 34.44 18.96
C ASN B 267 62.99 35.27 19.38
N LYS B 268 64.17 35.01 18.86
CA LYS B 268 65.30 35.91 19.07
C LYS B 268 66.25 35.82 17.89
N LEU B 269 66.60 36.98 17.34
CA LEU B 269 67.84 37.14 16.61
C LEU B 269 69.00 37.28 17.57
N THR B 270 70.17 36.83 17.14
CA THR B 270 71.41 37.08 17.86
C THR B 270 72.50 37.42 16.87
N PHE B 271 73.39 38.31 17.30
CA PHE B 271 74.43 38.87 16.43
C PHE B 271 75.80 38.49 16.97
N LYS B 272 76.72 38.23 16.06
CA LYS B 272 78.10 37.93 16.39
C LYS B 272 79.00 38.55 15.34
N GLU B 273 80.15 39.07 15.78
CA GLU B 273 81.20 39.50 14.88
C GLU B 273 82.34 38.50 14.91
N ARG B 274 82.77 38.08 13.72
CA ARG B 274 83.91 37.18 13.56
C ARG B 274 84.92 37.84 12.62
N LYS B 275 86.19 37.71 12.96
CA LYS B 275 87.26 38.54 12.41
C LYS B 275 87.99 37.76 11.32
N ASP B 276 88.21 38.41 10.18
CA ASP B 276 88.89 37.82 9.04
C ASP B 276 90.31 38.38 8.96
N TRP B 277 91.28 37.59 9.40
CA TRP B 277 92.70 37.94 9.32
C TRP B 277 93.27 37.78 7.92
N LYS B 278 92.49 37.30 6.96
CA LYS B 278 92.95 36.92 5.62
C LYS B 278 94.31 36.21 5.64
N ALA C 2 57.56 59.58 1.71
CA ALA C 2 58.14 59.78 3.07
C ALA C 2 57.15 60.52 3.96
N SER C 3 57.19 60.23 5.25
CA SER C 3 56.37 60.97 6.20
C SER C 3 56.69 62.45 6.17
N GLU C 4 55.69 63.27 6.51
CA GLU C 4 55.92 64.71 6.56
C GLU C 4 56.98 65.04 7.59
N ALA C 5 57.08 64.25 8.66
CA ALA C 5 58.14 64.41 9.65
C ALA C 5 59.51 64.02 9.13
N LYS C 6 59.60 63.40 7.95
CA LYS C 6 60.86 62.86 7.44
C LYS C 6 61.29 63.45 6.11
N GLN C 7 60.46 64.25 5.45
CA GLN C 7 60.88 64.87 4.20
C GLN C 7 62.09 65.76 4.43
N THR C 8 63.04 65.70 3.50
CA THR C 8 64.21 66.59 3.58
C THR C 8 63.91 67.98 3.03
N VAL C 9 62.96 68.10 2.11
CA VAL C 9 62.62 69.38 1.50
C VAL C 9 61.34 69.92 2.13
N HIS C 10 61.29 71.23 2.34
CA HIS C 10 60.04 71.91 2.63
C HIS C 10 59.11 71.86 1.43
N THR C 11 57.81 71.81 1.72
CA THR C 11 56.76 71.84 0.72
C THR C 11 55.65 72.71 1.25
N GLY C 12 54.75 73.10 0.35
CA GLY C 12 53.70 74.05 0.71
C GLY C 12 52.90 73.63 1.92
N ASN C 13 52.63 72.34 2.07
CA ASN C 13 51.91 71.87 3.25
C ASN C 13 52.76 71.89 4.52
N THR C 14 54.08 71.87 4.41
CA THR C 14 54.94 71.91 5.60
C THR C 14 55.14 73.30 6.19
N VAL C 15 54.63 74.36 5.58
CA VAL C 15 54.89 75.71 6.04
C VAL C 15 53.57 76.47 6.16
N LEU C 16 53.58 77.47 7.04
CA LEU C 16 52.47 78.40 7.21
C LEU C 16 52.97 79.82 7.01
N LEU C 17 52.06 80.68 6.57
CA LEU C 17 52.29 82.11 6.47
C LEU C 17 51.49 82.81 7.55
N MET C 18 52.14 83.70 8.30
CA MET C 18 51.51 84.32 9.47
C MET C 18 51.79 85.81 9.48
N ILE C 19 50.79 86.59 9.91
CA ILE C 19 50.93 88.02 10.10
C ILE C 19 50.26 88.36 11.43
N LYS C 20 50.95 89.14 12.26
CA LYS C 20 50.46 89.52 13.58
C LYS C 20 49.95 88.32 14.38
N GLY C 21 50.59 87.17 14.21
CA GLY C 21 50.25 85.99 14.96
C GLY C 21 49.01 85.24 14.52
N LYS C 22 48.41 85.59 13.39
CA LYS C 22 47.29 84.83 12.86
C LYS C 22 47.66 84.23 11.51
N PRO C 23 47.23 83.00 11.21
CA PRO C 23 47.60 82.40 9.92
C PRO C 23 46.85 83.03 8.77
N VAL C 24 47.56 83.31 7.68
CA VAL C 24 46.97 83.88 6.48
C VAL C 24 46.30 82.76 5.71
N GLY C 25 44.97 82.75 5.69
CA GLY C 25 44.23 81.74 4.97
C GLY C 25 44.23 81.94 3.47
N ARG C 26 43.96 80.85 2.76
CA ARG C 26 43.84 80.82 1.30
C ARG C 26 45.10 81.33 0.59
N ALA C 27 46.24 81.38 1.27
CA ALA C 27 47.46 81.84 0.63
C ALA C 27 47.84 80.92 -0.54
N GLN C 28 47.95 81.49 -1.73
CA GLN C 28 48.32 80.72 -2.91
C GLN C 28 49.82 80.70 -3.15
N SER C 29 50.49 81.85 -3.05
CA SER C 29 51.93 81.86 -3.25
C SER C 29 52.54 83.03 -2.50
N ALA C 30 53.84 82.92 -2.27
CA ALA C 30 54.64 84.02 -1.77
C ALA C 30 55.98 83.97 -2.48
N SER C 31 56.50 85.14 -2.87
CA SER C 31 57.78 85.24 -3.55
C SER C 31 58.62 86.32 -2.89
N GLY C 32 59.83 85.95 -2.47
CA GLY C 32 60.74 86.84 -1.78
C GLY C 32 61.99 87.06 -2.59
N GLN C 33 62.33 88.32 -2.85
CA GLN C 33 63.45 88.69 -3.71
C GLN C 33 64.37 89.61 -2.93
N ARG C 34 65.66 89.56 -3.27
CA ARG C 34 66.67 90.28 -2.52
C ARG C 34 67.84 90.63 -3.41
N GLU C 35 68.28 91.89 -3.36
CA GLU C 35 69.39 92.36 -4.16
C GLU C 35 70.34 93.17 -3.30
N TYR C 36 71.63 93.10 -3.62
CA TYR C 36 72.68 93.77 -2.86
C TYR C 36 73.38 94.89 -3.63
N GLY C 37 72.98 95.15 -4.87
CA GLY C 37 73.69 96.14 -5.66
C GLY C 37 75.13 95.80 -5.99
N THR C 38 75.48 94.50 -5.99
CA THR C 38 76.87 94.09 -6.12
C THR C 38 77.47 94.61 -7.42
N THR C 39 78.58 95.33 -7.30
CA THR C 39 79.18 96.05 -8.42
C THR C 39 80.66 95.68 -8.51
N GLY C 40 81.13 95.40 -9.72
CA GLY C 40 82.53 95.08 -9.92
C GLY C 40 83.36 96.33 -10.20
N VAL C 41 84.56 96.36 -9.64
CA VAL C 41 85.48 97.49 -9.79
C VAL C 41 86.57 97.12 -10.80
N TYR C 42 86.88 98.05 -11.69
CA TYR C 42 87.85 97.84 -12.75
C TYR C 42 88.84 98.98 -12.74
N GLU C 43 90.01 98.74 -13.34
CA GLU C 43 91.07 99.73 -13.35
C GLU C 43 91.92 99.53 -14.59
N ILE C 44 92.74 100.54 -14.90
CA ILE C 44 93.62 100.48 -16.05
C ILE C 44 94.74 99.48 -15.77
N GLY C 45 94.98 98.59 -16.73
CA GLY C 45 96.01 97.58 -16.63
C GLY C 45 95.49 96.15 -16.59
N SER C 46 94.19 95.95 -16.39
CA SER C 46 93.60 94.62 -16.45
C SER C 46 92.20 94.73 -17.04
N ILE C 47 91.79 93.68 -17.76
CA ILE C 47 90.43 93.60 -18.27
C ILE C 47 89.46 92.97 -17.28
N MET C 48 89.93 92.57 -16.10
CA MET C 48 89.16 91.72 -15.23
C MET C 48 88.78 92.45 -13.94
N PRO C 49 87.62 92.18 -13.36
CA PRO C 49 87.26 92.85 -12.10
C PRO C 49 88.22 92.48 -10.99
N GLN C 50 88.75 93.50 -10.32
CA GLN C 50 89.66 93.25 -9.21
C GLN C 50 88.93 92.82 -7.95
N GLU C 51 87.71 93.31 -7.74
CA GLU C 51 86.89 92.82 -6.63
C GLU C 51 85.45 93.27 -6.86
N HIS C 52 84.55 92.71 -6.05
CA HIS C 52 83.15 93.11 -6.03
C HIS C 52 82.80 93.68 -4.66
N VAL C 53 81.93 94.69 -4.66
CA VAL C 53 81.53 95.38 -3.44
C VAL C 53 80.02 95.53 -3.41
N TYR C 54 79.44 95.41 -2.21
CA TYR C 54 78.01 95.61 -2.01
C TYR C 54 77.71 97.09 -1.79
N LEU C 55 76.64 97.58 -2.42
CA LEU C 55 76.30 99.00 -2.41
C LEU C 55 74.95 99.30 -1.78
N ARG C 56 73.89 98.61 -2.17
CA ARG C 56 72.53 99.00 -1.78
C ARG C 56 71.68 97.76 -1.66
N TYR C 57 71.24 97.46 -0.44
CA TYR C 57 70.29 96.39 -0.20
C TYR C 57 68.89 96.82 -0.63
N GLU C 58 68.19 95.92 -1.32
CA GLU C 58 66.77 96.10 -1.61
C GLU C 58 66.10 94.75 -1.62
N GLY C 59 64.84 94.71 -1.22
CA GLY C 59 64.10 93.46 -1.21
C GLY C 59 62.61 93.70 -1.20
N THR C 60 61.87 92.76 -1.82
CA THR C 60 60.43 92.83 -1.90
C THR C 60 59.83 91.45 -1.63
N ILE C 61 58.70 91.42 -0.95
CA ILE C 61 57.93 90.19 -0.71
C ILE C 61 56.57 90.37 -1.36
N THR C 62 56.20 89.43 -2.23
CA THR C 62 54.91 89.42 -2.90
C THR C 62 54.07 88.29 -2.35
N VAL C 63 52.79 88.56 -2.10
CA VAL C 63 51.85 87.56 -1.61
C VAL C 63 50.62 87.59 -2.50
N GLU C 64 50.12 86.40 -2.86
CA GLU C 64 48.94 86.25 -3.69
C GLU C 64 47.96 85.32 -2.99
N ARG C 65 46.68 85.67 -3.04
CA ARG C 65 45.64 84.91 -2.35
C ARG C 65 44.37 84.88 -3.18
N LEU C 66 43.50 83.94 -2.84
CA LEU C 66 42.11 83.98 -3.23
C LEU C 66 41.37 84.94 -2.30
N ARG C 67 40.54 85.80 -2.86
CA ARG C 67 39.84 86.78 -2.06
C ARG C 67 38.72 86.11 -1.27
N MET C 68 38.77 86.25 0.05
CA MET C 68 37.74 85.70 0.92
C MET C 68 36.61 86.70 1.07
N LYS C 69 35.44 86.20 1.48
CA LYS C 69 34.31 87.09 1.72
C LYS C 69 34.50 87.93 2.96
N LYS C 70 35.34 87.48 3.88
CA LYS C 70 35.72 88.24 5.05
C LYS C 70 37.21 88.01 5.28
N GLU C 71 37.80 88.86 6.11
CA GLU C 71 39.20 88.74 6.46
C GLU C 71 40.09 88.84 5.23
N ASN C 72 39.72 89.72 4.30
CA ASN C 72 40.64 90.12 3.25
C ASN C 72 41.74 90.98 3.84
N PHE C 73 42.77 91.27 3.04
CA PHE C 73 43.76 92.23 3.48
C PHE C 73 43.12 93.58 3.77
N ALA C 74 42.15 93.99 2.94
CA ALA C 74 41.43 95.23 3.21
C ALA C 74 40.62 95.13 4.49
N ASP C 75 40.00 93.98 4.73
CA ASP C 75 39.19 93.81 5.93
C ASP C 75 40.07 93.69 7.17
N LEU C 76 41.20 92.99 7.06
CA LEU C 76 42.10 92.85 8.19
C LEU C 76 42.96 94.08 8.44
N GLY C 77 42.96 95.04 7.53
CA GLY C 77 43.75 96.25 7.70
C GLY C 77 45.20 96.11 7.34
N TYR C 78 45.57 95.09 6.58
CA TYR C 78 46.94 94.92 6.09
C TYR C 78 47.17 95.56 4.73
N ALA C 79 46.11 96.01 4.06
CA ALA C 79 46.23 96.68 2.78
C ALA C 79 45.43 97.97 2.84
N SER C 80 45.65 98.82 1.84
CA SER C 80 45.01 100.11 1.76
C SER C 80 44.42 100.32 0.38
N LEU C 81 43.30 101.05 0.34
CA LEU C 81 42.66 101.43 -0.91
C LEU C 81 42.78 102.91 -1.22
N GLY C 82 42.85 103.78 -0.22
CA GLY C 82 42.92 105.21 -0.44
C GLY C 82 43.83 105.91 0.55
N GLU C 83 43.39 107.09 1.02
CA GLU C 83 44.18 107.88 1.98
C GLU C 83 44.67 107.04 3.16
N GLU C 84 43.90 106.03 3.56
CA GLU C 84 44.24 105.22 4.72
C GLU C 84 45.65 104.63 4.67
N ILE C 85 46.25 104.54 3.49
CA ILE C 85 47.64 104.09 3.38
C ILE C 85 48.56 104.94 4.26
N LEU C 86 48.27 106.24 4.34
CA LEU C 86 49.10 107.13 5.16
C LEU C 86 49.04 106.79 6.64
N LYS C 87 47.99 106.13 7.09
CA LYS C 87 47.82 105.80 8.50
C LYS C 87 48.19 104.35 8.81
N LYS C 88 48.59 103.57 7.82
CA LYS C 88 49.20 102.29 8.10
C LYS C 88 50.59 102.50 8.71
N ASP C 89 51.15 101.42 9.25
CA ASP C 89 52.54 101.39 9.67
C ASP C 89 53.12 100.04 9.31
N ILE C 90 54.45 99.94 9.42
CA ILE C 90 55.15 98.77 8.91
C ILE C 90 54.85 97.55 9.75
N ILE C 91 54.79 96.38 9.09
CA ILE C 91 54.41 95.12 9.70
C ILE C 91 55.48 94.08 9.41
N ASP C 92 55.49 93.03 10.23
CA ASP C 92 56.37 91.88 10.05
C ASP C 92 55.58 90.69 9.55
N ILE C 93 56.10 90.02 8.52
CA ILE C 93 55.48 88.84 7.91
C ILE C 93 56.39 87.65 8.18
N LEU C 94 55.81 86.58 8.72
CA LEU C 94 56.56 85.39 9.09
C LEU C 94 56.14 84.21 8.22
N VAL C 95 57.12 83.42 7.80
CA VAL C 95 56.92 82.09 7.25
C VAL C 95 57.40 81.09 8.31
N VAL C 96 56.56 80.11 8.61
CA VAL C 96 56.67 79.37 9.85
C VAL C 96 56.51 77.88 9.56
N ASP C 97 57.27 77.06 10.28
CA ASP C 97 57.14 75.61 10.18
C ASP C 97 55.78 75.16 10.66
N ASN C 98 55.06 74.45 9.80
CA ASN C 98 53.69 74.06 10.12
C ASN C 98 53.62 73.06 11.26
N LEU C 99 54.63 72.21 11.42
CA LEU C 99 54.63 71.24 12.51
C LEU C 99 54.90 71.92 13.85
N THR C 100 56.04 72.59 13.96
CA THR C 100 56.54 73.07 15.24
C THR C 100 56.13 74.50 15.55
N LYS C 101 55.63 75.23 14.56
CA LYS C 101 55.40 76.67 14.65
C LYS C 101 56.69 77.45 14.94
N GLN C 102 57.85 76.85 14.69
CA GLN C 102 59.10 77.59 14.67
C GLN C 102 59.17 78.48 13.45
N VAL C 103 59.69 79.70 13.63
CA VAL C 103 59.84 80.62 12.51
C VAL C 103 60.92 80.11 11.57
N ILE C 104 60.65 80.18 10.27
CA ILE C 104 61.63 79.87 9.23
C ILE C 104 62.27 81.14 8.69
N ILE C 105 61.45 82.12 8.32
CA ILE C 105 61.91 83.43 7.87
C ILE C 105 60.98 84.47 8.46
N SER C 106 61.56 85.57 8.92
CA SER C 106 60.84 86.82 9.15
C SER C 106 61.26 87.84 8.10
N TYR C 107 60.27 88.54 7.55
CA TYR C 107 60.49 89.78 6.83
C TYR C 107 60.09 90.94 7.72
N HIS C 108 61.00 91.88 7.94
CA HIS C 108 60.82 92.94 8.92
C HIS C 108 60.48 94.25 8.22
N GLY C 109 59.52 94.97 8.79
CA GLY C 109 59.21 96.31 8.32
C GLY C 109 58.63 96.35 6.93
N CYS C 110 57.75 95.41 6.60
CA CYS C 110 57.11 95.40 5.29
C CYS C 110 56.23 96.64 5.11
N SER C 111 56.30 97.24 3.92
CA SER C 111 55.44 98.34 3.53
C SER C 111 54.95 98.12 2.12
N ALA C 112 53.65 98.35 1.89
CA ALA C 112 53.02 97.99 0.63
C ALA C 112 53.54 98.84 -0.53
N ASN C 113 53.79 98.19 -1.66
CA ASN C 113 54.08 98.86 -2.93
C ASN C 113 52.85 98.99 -3.83
N ASN C 114 52.09 97.92 -4.01
CA ASN C 114 50.93 97.93 -4.88
C ASN C 114 49.96 96.85 -4.40
N TYR C 115 48.71 96.99 -4.82
CA TYR C 115 47.66 96.06 -4.44
C TYR C 115 46.71 95.90 -5.62
N ASN C 116 46.29 94.67 -5.88
CA ASN C 116 45.67 94.31 -7.16
C ASN C 116 44.56 93.31 -6.93
N GLU C 117 43.49 93.43 -7.71
CA GLU C 117 42.33 92.56 -7.66
C GLU C 117 41.89 92.22 -9.08
N THR C 118 41.31 91.03 -9.25
CA THR C 118 40.80 90.62 -10.55
C THR C 118 39.52 89.82 -10.37
N TRP C 119 38.52 90.15 -11.18
CA TRP C 119 37.21 89.51 -11.19
C TRP C 119 37.01 88.83 -12.54
N GLN C 120 36.46 87.61 -12.52
CA GLN C 120 36.32 86.79 -13.72
C GLN C 120 34.98 86.08 -13.70
N THR C 121 34.48 85.74 -14.89
CA THR C 121 33.14 85.18 -15.00
C THR C 121 32.99 83.89 -14.20
N ASN C 122 33.97 83.00 -14.31
CA ASN C 122 33.81 81.63 -13.84
C ASN C 122 35.05 81.17 -13.10
N GLU C 123 35.61 82.03 -12.26
CA GLU C 123 36.83 81.71 -11.53
C GLU C 123 36.73 82.33 -10.14
N ILE C 124 37.59 81.84 -9.25
CA ILE C 124 37.70 82.43 -7.92
C ILE C 124 38.40 83.79 -8.01
N VAL C 125 37.92 84.75 -7.23
CA VAL C 125 38.50 86.08 -7.22
C VAL C 125 39.89 86.01 -6.60
N THR C 126 40.81 86.81 -7.09
CA THR C 126 42.20 86.78 -6.66
C THR C 126 42.63 88.14 -6.10
N GLU C 127 43.48 88.10 -5.09
CA GLU C 127 44.19 89.25 -4.56
C GLU C 127 45.68 89.05 -4.76
N GLU C 128 46.38 90.13 -5.08
CA GLU C 128 47.84 90.11 -5.05
C GLU C 128 48.32 91.40 -4.39
N ILE C 129 49.34 91.28 -3.55
CA ILE C 129 49.93 92.42 -2.86
C ILE C 129 51.44 92.28 -2.87
N GLU C 130 52.14 93.41 -3.02
CA GLU C 130 53.59 93.46 -2.96
C GLU C 130 54.02 94.44 -1.88
N PHE C 131 54.88 93.98 -0.97
CA PHE C 131 55.51 94.84 0.02
C PHE C 131 57.01 94.92 -0.24
N SER C 132 57.55 96.12 -0.16
CA SER C 132 58.98 96.27 0.11
C SER C 132 59.21 96.12 1.61
N TYR C 133 60.39 95.62 1.97
CA TYR C 133 60.73 95.37 3.36
C TYR C 133 62.14 95.86 3.65
N LEU C 134 62.43 96.04 4.94
CA LEU C 134 63.71 96.58 5.35
C LEU C 134 64.77 95.50 5.42
N THR C 135 64.48 94.42 6.16
CA THR C 135 65.46 93.37 6.40
C THR C 135 64.73 92.05 6.54
N ALA C 136 65.50 90.96 6.48
CA ALA C 136 65.00 89.63 6.75
C ALA C 136 65.97 88.91 7.67
N SER C 137 65.46 87.91 8.39
CA SER C 137 66.22 87.23 9.42
C SER C 137 65.73 85.80 9.54
N ASP C 138 66.59 84.95 10.09
CA ASP C 138 66.21 83.59 10.45
C ASP C 138 65.34 83.51 11.68
N LYS C 139 65.02 84.64 12.33
CA LYS C 139 64.40 84.63 13.63
C LYS C 139 63.39 85.77 13.72
N ALA C 140 62.49 85.67 14.70
CA ALA C 140 61.53 86.74 14.95
C ALA C 140 62.21 87.93 15.59
N ARG C 141 61.56 89.09 15.50
CA ARG C 141 62.10 90.30 16.07
C ARG C 141 62.02 90.25 17.59
N LEU D 508 26.41 71.06 24.94
CA LEU D 508 26.07 70.91 23.50
C LEU D 508 24.96 69.89 23.30
N GLU D 509 24.08 70.13 22.34
CA GLU D 509 23.08 69.16 21.92
C GLU D 509 22.91 69.24 20.42
N ASP D 510 22.85 68.08 19.78
CA ASP D 510 22.21 67.93 18.48
C ASP D 510 21.40 66.64 18.48
N GLN D 511 20.18 66.71 17.99
CA GLN D 511 19.18 65.65 18.19
C GLN D 511 18.34 65.54 16.93
N PHE D 512 17.95 64.32 16.60
CA PHE D 512 17.01 64.06 15.52
C PHE D 512 15.90 63.15 16.02
N ILE D 513 14.66 63.45 15.60
CA ILE D 513 13.47 62.74 16.05
C ILE D 513 12.54 62.69 14.84
N GLY D 514 11.60 61.74 14.87
CA GLY D 514 10.46 61.78 13.98
C GLY D 514 10.55 60.90 12.75
N THR D 515 11.09 59.69 12.91
CA THR D 515 11.08 58.64 11.89
C THR D 515 11.86 59.04 10.63
N ARG D 516 12.75 60.03 10.71
CA ARG D 516 13.44 60.47 9.52
C ARG D 516 14.49 59.49 9.01
N THR D 517 14.64 58.32 9.62
CA THR D 517 15.75 57.42 9.36
C THR D 517 15.27 55.97 9.34
N ILE D 518 16.05 55.12 8.68
CA ILE D 518 15.78 53.69 8.59
C ILE D 518 17.01 52.95 9.08
N ASN D 519 16.79 51.85 9.80
CA ASN D 519 17.81 50.82 9.98
C ASN D 519 19.10 51.37 10.62
N THR D 520 18.97 52.35 11.51
CA THR D 520 20.14 52.95 12.14
C THR D 520 20.72 51.99 13.17
N SER D 521 22.00 52.21 13.51
CA SER D 521 22.72 51.38 14.48
C SER D 521 23.63 52.26 15.31
N ALA D 522 24.09 51.70 16.44
CA ALA D 522 25.02 52.39 17.31
C ALA D 522 26.29 52.85 16.60
N SER D 523 26.78 52.08 15.64
CA SER D 523 27.96 52.51 14.91
C SER D 523 27.67 53.73 14.03
N ILE D 524 26.51 53.74 13.37
CA ILE D 524 26.15 54.87 12.53
C ILE D 524 25.93 56.12 13.37
N ILE D 525 25.35 55.97 14.57
CA ILE D 525 25.23 57.10 15.48
C ILE D 525 26.60 57.67 15.82
N LYS D 526 27.55 56.81 16.20
CA LYS D 526 28.86 57.30 16.61
C LYS D 526 29.58 58.02 15.47
N ASP D 527 29.53 57.47 14.25
CA ASP D 527 30.11 58.15 13.12
C ASP D 527 29.42 59.49 12.84
N PHE D 528 28.09 59.50 12.88
CA PHE D 528 27.35 60.74 12.67
C PHE D 528 27.79 61.82 13.64
N ILE D 529 27.93 61.47 14.93
CA ILE D 529 28.40 62.44 15.90
C ILE D 529 29.79 62.96 15.53
N GLN D 530 30.68 62.07 15.11
CA GLN D 530 32.01 62.51 14.69
C GLN D 530 31.98 63.31 13.40
N SER D 531 31.04 63.02 12.50
CA SER D 531 30.84 63.91 11.35
C SER D 531 30.40 65.28 11.82
N TYR D 532 29.46 65.33 12.76
CA TYR D 532 29.04 66.61 13.33
C TYR D 532 30.22 67.32 14.01
N LEU D 533 30.94 66.61 14.86
CA LEU D 533 32.07 67.21 15.56
C LEU D 533 33.22 67.55 14.63
N GLY D 534 33.51 66.66 13.67
CA GLY D 534 34.61 66.92 12.75
C GLY D 534 34.37 68.13 11.87
N ARG D 535 33.14 68.29 11.38
CA ARG D 535 32.79 69.51 10.67
C ARG D 535 32.72 70.70 11.61
N LYS D 536 32.14 70.50 12.79
CA LYS D 536 32.15 71.51 13.84
C LYS D 536 33.54 71.66 14.46
N PHE D 545 35.74 66.63 19.71
CA PHE D 545 36.55 65.92 20.70
C PHE D 545 36.76 64.47 20.23
N PRO D 546 37.76 63.78 20.78
CA PRO D 546 38.23 62.55 20.13
C PRO D 546 37.17 61.45 20.09
N ALA D 547 37.15 60.74 18.97
CA ALA D 547 36.24 59.61 18.80
C ALA D 547 36.50 58.51 19.82
N GLU D 548 37.71 58.45 20.36
CA GLU D 548 38.03 57.49 21.40
C GLU D 548 37.28 57.78 22.69
N ASP D 549 36.76 58.98 22.86
CA ASP D 549 36.34 59.50 24.16
C ASP D 549 34.83 59.50 24.33
N VAL D 550 34.09 58.88 23.41
CA VAL D 550 32.63 58.91 23.40
C VAL D 550 32.10 57.49 23.27
N GLN D 551 30.97 57.23 23.93
CA GLN D 551 30.35 55.92 24.00
C GLN D 551 28.89 56.05 23.58
N VAL D 552 28.39 55.03 22.90
CA VAL D 552 26.98 54.97 22.48
C VAL D 552 26.40 53.65 22.94
N ILE D 553 25.31 53.71 23.70
CA ILE D 553 24.50 52.54 24.04
C ILE D 553 23.12 52.77 23.44
N VAL D 554 22.62 51.79 22.68
CA VAL D 554 21.28 51.82 22.13
C VAL D 554 20.44 50.77 22.87
N GLU D 555 19.24 51.15 23.27
CA GLU D 555 18.34 50.26 24.01
C GLU D 555 16.92 50.69 23.75
N GLY D 556 16.10 49.78 23.23
CA GLY D 556 14.73 50.11 22.88
C GLY D 556 14.67 51.25 21.88
N ASN D 557 14.16 52.40 22.31
CA ASN D 557 14.10 53.61 21.49
C ASN D 557 15.11 54.66 21.93
N GLU D 558 15.96 54.37 22.90
CA GLU D 558 16.88 55.36 23.46
C GLU D 558 18.30 55.05 22.98
N ALA D 559 19.03 56.10 22.63
CA ALA D 559 20.47 56.02 22.40
C ALA D 559 21.16 56.98 23.38
N ARG D 560 21.74 56.43 24.44
CA ARG D 560 22.51 57.24 25.38
C ARG D 560 23.93 57.42 24.86
N ILE D 561 24.31 58.67 24.63
CA ILE D 561 25.65 59.05 24.18
C ILE D 561 26.36 59.66 25.38
N SER D 562 27.52 59.09 25.74
CA SER D 562 28.25 59.50 26.94
C SER D 562 29.64 59.99 26.56
N MET D 563 29.95 61.24 26.93
CA MET D 563 31.25 61.85 26.69
C MET D 563 32.09 61.80 27.95
N THR D 564 33.33 61.33 27.82
CA THR D 564 34.32 61.48 28.88
C THR D 564 34.86 62.90 28.91
N VAL D 565 35.11 63.42 30.12
CA VAL D 565 35.66 64.75 30.30
C VAL D 565 36.67 64.73 31.44
N TYR D 566 37.65 65.63 31.36
CA TYR D 566 38.81 65.65 32.25
C TYR D 566 38.73 66.84 33.20
N PRO D 567 38.19 66.69 34.41
CA PRO D 567 38.30 67.77 35.40
C PRO D 567 39.73 67.96 35.88
N ILE D 568 39.98 69.15 36.41
CA ILE D 568 41.34 69.57 36.76
C ILE D 568 41.66 69.07 38.16
N ARG D 569 42.62 68.14 38.25
CA ARG D 569 43.23 67.79 39.52
C ARG D 569 44.26 68.82 39.94
N SER D 570 44.40 68.99 41.25
CA SER D 570 45.48 69.78 41.83
C SER D 570 46.71 68.89 42.04
N PHE D 571 47.88 69.44 41.75
CA PHE D 571 49.14 68.72 41.89
C PHE D 571 49.40 68.32 43.34
N GLU E 2 -46.64 -40.00 -79.28
CA GLU E 2 -46.91 -41.01 -80.34
C GLU E 2 -45.64 -41.81 -80.64
N LYS E 3 -44.71 -41.21 -81.37
CA LYS E 3 -43.47 -41.87 -81.69
C LYS E 3 -42.63 -42.08 -80.44
N PRO E 4 -41.83 -43.14 -80.38
CA PRO E 4 -41.01 -43.37 -79.19
C PRO E 4 -40.03 -42.23 -78.98
N TYR E 5 -39.98 -41.72 -77.74
CA TYR E 5 -39.02 -40.68 -77.39
C TYR E 5 -37.62 -41.28 -77.32
N MET E 6 -36.76 -40.87 -78.25
CA MET E 6 -35.36 -41.29 -78.27
C MET E 6 -34.52 -40.20 -78.89
N ILE E 7 -33.25 -40.16 -78.51
CA ILE E 7 -32.33 -39.13 -78.97
C ILE E 7 -32.11 -39.29 -80.47
N TYR E 36 -30.88 -20.37 -48.80
CA TYR E 36 -30.45 -21.16 -47.65
C TYR E 36 -30.36 -20.27 -46.42
N THR E 37 -30.56 -20.85 -45.24
CA THR E 37 -30.22 -20.15 -44.00
C THR E 37 -29.88 -21.18 -42.94
N THR E 38 -28.67 -21.08 -42.39
CA THR E 38 -28.31 -21.73 -41.14
C THR E 38 -27.18 -20.91 -40.54
N ARG E 39 -27.38 -20.42 -39.33
CA ARG E 39 -26.54 -19.38 -38.75
C ARG E 39 -25.74 -19.96 -37.60
N LEU E 40 -24.47 -19.59 -37.51
CA LEU E 40 -23.65 -19.85 -36.34
C LEU E 40 -23.60 -18.61 -35.47
N GLU E 41 -23.81 -18.80 -34.17
CA GLU E 41 -23.72 -17.74 -33.18
C GLU E 41 -23.30 -18.31 -31.85
N PHE E 42 -22.64 -17.49 -31.04
CA PHE E 42 -22.26 -17.92 -29.71
C PHE E 42 -23.50 -18.06 -28.83
N ASP E 43 -23.44 -19.01 -27.89
CA ASP E 43 -24.42 -19.10 -26.81
C ASP E 43 -24.02 -18.08 -25.75
N THR E 44 -24.66 -16.92 -25.76
CA THR E 44 -24.27 -15.84 -24.86
C THR E 44 -24.60 -16.13 -23.40
N ILE E 45 -25.60 -16.96 -23.13
CA ILE E 45 -25.88 -17.32 -21.74
C ILE E 45 -24.74 -18.17 -21.19
N ASP E 46 -24.21 -19.07 -22.02
CA ASP E 46 -23.05 -19.84 -21.59
C ASP E 46 -21.80 -18.96 -21.46
N MET E 47 -21.69 -17.89 -22.23
CA MET E 47 -20.62 -16.93 -21.97
C MET E 47 -20.79 -16.24 -20.62
N ILE E 48 -22.01 -15.85 -20.27
CA ILE E 48 -22.22 -15.26 -18.95
C ILE E 48 -21.79 -16.25 -17.86
N ARG E 49 -22.18 -17.51 -18.02
CA ARG E 49 -21.77 -18.53 -17.06
C ARG E 49 -20.25 -18.69 -17.02
N PHE E 50 -19.62 -18.72 -18.19
CA PHE E 50 -18.16 -18.84 -18.29
C PHE E 50 -17.47 -17.71 -17.53
N ILE E 51 -17.90 -16.47 -17.75
CA ILE E 51 -17.26 -15.34 -17.06
C ILE E 51 -17.50 -15.42 -15.56
N ASN E 52 -18.72 -15.77 -15.14
CA ASN E 52 -18.99 -15.87 -13.71
C ASN E 52 -18.16 -16.97 -13.05
N ASP E 53 -17.83 -18.03 -13.79
CA ASP E 53 -16.97 -19.06 -13.22
C ASP E 53 -15.51 -18.61 -13.14
N ARG E 54 -15.01 -17.94 -14.16
CA ARG E 54 -13.58 -17.67 -14.26
C ARG E 54 -13.15 -16.37 -13.60
N GLY E 55 -14.04 -15.39 -13.45
CA GLY E 55 -13.64 -14.12 -12.93
C GLY E 55 -13.57 -14.07 -11.41
N ILE E 56 -12.81 -13.09 -10.91
CA ILE E 56 -12.76 -12.75 -9.50
C ILE E 56 -13.78 -11.66 -9.22
N LYS E 57 -14.33 -11.67 -8.01
CA LYS E 57 -15.24 -10.62 -7.59
C LYS E 57 -14.49 -9.31 -7.37
N VAL E 58 -15.05 -8.22 -7.92
CA VAL E 58 -14.47 -6.89 -7.82
C VAL E 58 -15.58 -5.90 -7.48
N LEU E 59 -15.17 -4.77 -6.90
CA LEU E 59 -16.05 -3.61 -6.77
C LEU E 59 -15.70 -2.61 -7.87
N TRP E 60 -16.69 -2.28 -8.70
CA TRP E 60 -16.52 -1.32 -9.77
C TRP E 60 -17.16 0.00 -9.36
N GLU E 61 -16.42 1.09 -9.53
CA GLU E 61 -16.96 2.43 -9.32
C GLU E 61 -16.59 3.33 -10.49
N GLU E 62 -17.56 4.14 -10.91
CA GLU E 62 -17.52 4.84 -12.19
C GLU E 62 -16.93 6.24 -12.06
N ALA E 63 -15.99 6.57 -12.95
CA ALA E 63 -15.35 7.87 -12.95
C ALA E 63 -16.27 8.96 -13.50
N TYR E 64 -16.14 10.16 -12.94
CA TYR E 64 -16.54 11.39 -13.61
C TYR E 64 -15.64 12.51 -13.11
N PHE E 65 -15.48 13.55 -13.92
CA PHE E 65 -14.72 14.72 -13.48
C PHE E 65 -15.38 15.38 -12.30
N CYS E 66 -14.59 15.71 -11.29
CA CYS E 66 -15.13 16.36 -10.10
C CYS E 66 -15.45 17.82 -10.42
N PRO E 67 -16.62 18.33 -10.00
CA PRO E 67 -16.91 19.76 -10.21
C PRO E 67 -16.12 20.72 -9.34
N CYS E 68 -15.06 20.27 -8.67
CA CYS E 68 -14.20 21.17 -7.92
C CYS E 68 -13.10 21.80 -8.75
N LEU E 69 -13.01 21.49 -10.04
CA LEU E 69 -11.92 22.02 -10.85
C LEU E 69 -11.96 23.53 -10.86
N ASN E 70 -10.79 24.13 -10.75
CA ASN E 70 -10.67 25.58 -10.71
C ASN E 70 -11.18 26.17 -12.02
N PRO E 71 -12.14 27.10 -11.99
CA PRO E 71 -12.71 27.60 -13.25
C PRO E 71 -11.71 28.33 -14.12
N ASP E 72 -10.58 28.78 -13.57
CA ASP E 72 -9.53 29.41 -14.37
C ASP E 72 -8.40 28.44 -14.68
N THR E 73 -7.70 27.95 -13.67
CA THR E 73 -6.52 27.12 -13.91
C THR E 73 -6.88 25.76 -14.46
N GLY E 74 -8.10 25.29 -14.21
CA GLY E 74 -8.53 23.99 -14.70
C GLY E 74 -8.04 22.80 -13.92
N HIS E 75 -7.34 23.02 -12.78
CA HIS E 75 -6.78 21.94 -11.98
C HIS E 75 -7.64 21.66 -10.75
N PRO E 76 -7.60 20.44 -10.21
CA PRO E 76 -8.36 20.15 -8.99
C PRO E 76 -7.90 20.93 -7.77
N ARG E 77 -8.84 21.23 -6.88
CA ARG E 77 -8.54 21.72 -5.54
C ARG E 77 -7.94 20.58 -4.72
N VAL E 78 -6.75 20.80 -4.17
CA VAL E 78 -6.07 19.72 -3.46
C VAL E 78 -6.77 19.32 -2.16
N ASP E 79 -7.57 20.20 -1.58
CA ASP E 79 -8.28 19.87 -0.35
C ASP E 79 -9.67 19.28 -0.58
N CYS E 80 -10.10 19.09 -1.82
CA CYS E 80 -11.47 18.66 -2.07
C CYS E 80 -11.76 17.35 -1.33
N PRO E 81 -12.87 17.27 -0.56
CA PRO E 81 -13.18 16.00 0.11
C PRO E 81 -13.81 14.98 -0.82
N ARG E 82 -14.48 15.45 -1.88
CA ARG E 82 -15.16 14.53 -2.79
C ARG E 82 -14.16 13.79 -3.67
N CYS E 83 -12.99 14.37 -3.88
CA CYS E 83 -11.90 13.70 -4.57
C CYS E 83 -10.61 14.19 -3.95
N HIS E 84 -9.76 13.27 -3.54
CA HIS E 84 -8.64 13.61 -2.68
C HIS E 84 -7.46 14.13 -3.49
N GLY E 85 -7.70 15.15 -4.30
CA GLY E 85 -6.68 15.76 -5.12
C GLY E 85 -6.57 15.19 -6.51
N LYS E 86 -7.10 14.00 -6.75
CA LYS E 86 -7.32 13.54 -8.11
C LYS E 86 -8.40 14.42 -8.73
N GLY E 87 -8.28 14.67 -10.03
CA GLY E 87 -9.34 15.41 -10.71
C GLY E 87 -10.63 14.64 -10.88
N ILE E 88 -10.66 13.36 -10.53
CA ILE E 88 -11.74 12.45 -10.90
C ILE E 88 -12.48 12.03 -9.64
N ALA E 89 -13.79 12.28 -9.61
CA ALA E 89 -14.65 11.75 -8.56
C ALA E 89 -15.26 10.42 -9.00
N TYR E 90 -15.70 9.64 -8.02
CA TYR E 90 -16.23 8.30 -8.28
C TYR E 90 -17.63 8.13 -7.69
N LEU E 91 -18.52 7.54 -8.49
CA LEU E 91 -19.85 7.16 -8.05
C LEU E 91 -19.80 6.00 -7.05
N PRO E 92 -20.90 5.74 -6.34
CA PRO E 92 -20.92 4.64 -5.38
C PRO E 92 -20.56 3.32 -6.03
N PRO E 93 -19.89 2.42 -5.29
CA PRO E 93 -19.40 1.18 -5.89
C PRO E 93 -20.51 0.23 -6.33
N LYS E 94 -20.19 -0.59 -7.32
CA LYS E 94 -21.08 -1.62 -7.86
C LYS E 94 -20.35 -2.96 -7.83
N GLU E 95 -21.01 -4.00 -7.33
CA GLU E 95 -20.43 -5.34 -7.35
C GLU E 95 -20.52 -5.97 -8.73
N THR E 96 -19.39 -6.47 -9.22
CA THR E 96 -19.32 -7.17 -10.50
C THR E 96 -18.25 -8.24 -10.40
N ILE E 97 -18.23 -9.14 -11.39
CA ILE E 97 -17.16 -10.12 -11.56
C ILE E 97 -16.38 -9.77 -12.82
N MET E 98 -15.05 -9.81 -12.72
CA MET E 98 -14.16 -9.57 -13.84
C MET E 98 -13.03 -10.57 -13.82
N ALA E 99 -12.62 -11.04 -15.01
CA ALA E 99 -11.48 -11.93 -15.15
C ALA E 99 -10.22 -11.13 -15.47
N ILE E 100 -9.14 -11.41 -14.74
CA ILE E 100 -7.93 -10.59 -14.77
C ILE E 100 -6.72 -11.48 -15.04
N GLN E 101 -5.80 -10.98 -15.87
CA GLN E 101 -4.64 -11.73 -16.33
C GLN E 101 -3.39 -10.87 -16.26
N SER E 102 -2.23 -11.52 -16.27
CA SER E 102 -0.94 -10.84 -16.44
C SER E 102 -0.69 -9.78 -15.37
N GLN E 103 -1.04 -10.08 -14.13
CA GLN E 103 -1.00 -9.09 -13.07
C GLN E 103 0.43 -8.76 -12.67
N GLU E 104 1.05 -7.82 -13.37
CA GLU E 104 2.45 -7.47 -13.20
C GLU E 104 2.59 -6.32 -12.22
N LYS E 105 3.62 -6.37 -11.37
CA LYS E 105 3.86 -5.27 -10.43
C LYS E 105 4.50 -4.06 -11.09
N GLY E 106 5.49 -4.27 -11.94
CA GLY E 106 6.10 -3.17 -12.65
C GLY E 106 6.84 -2.21 -11.74
N THR E 107 7.80 -2.72 -10.98
CA THR E 107 8.63 -1.88 -10.13
C THR E 107 9.47 -0.93 -10.97
N ASN E 108 9.57 0.31 -10.52
CA ASN E 108 10.50 1.29 -11.07
C ASN E 108 11.30 1.87 -9.92
N GLN E 109 12.58 2.12 -10.17
CA GLN E 109 13.47 2.73 -9.19
C GLN E 109 14.04 4.00 -9.81
N LEU E 110 13.81 5.13 -9.16
CA LEU E 110 14.02 6.44 -9.75
C LEU E 110 14.75 7.32 -8.76
N ASP E 111 15.32 8.42 -9.26
CA ASP E 111 15.90 9.42 -8.39
C ASP E 111 14.89 9.98 -7.41
N ILE E 112 13.61 10.05 -7.79
CA ILE E 112 12.58 10.49 -6.85
C ILE E 112 12.21 9.44 -5.81
N GLY E 113 12.62 8.20 -5.99
CA GLY E 113 12.16 7.08 -5.20
C GLY E 113 11.59 5.97 -6.07
N ILE E 114 11.08 4.94 -5.39
CA ILE E 114 10.45 3.83 -6.10
C ILE E 114 9.02 4.17 -6.49
N LEU E 115 8.53 3.52 -7.54
CA LEU E 115 7.14 3.67 -7.96
C LEU E 115 6.72 2.36 -8.62
N ASP E 116 5.42 2.05 -8.54
CA ASP E 116 4.82 0.93 -9.26
C ASP E 116 4.02 1.40 -10.46
N THR E 117 4.34 0.87 -11.65
CA THR E 117 3.62 1.16 -12.88
C THR E 117 3.01 -0.11 -13.48
N GLY E 118 2.81 -1.15 -12.67
CA GLY E 118 2.35 -2.43 -13.17
C GLY E 118 1.04 -2.35 -13.92
N THR E 119 0.80 -3.37 -14.74
CA THR E 119 -0.31 -3.40 -15.68
C THR E 119 -0.93 -4.78 -15.69
N ALA E 120 -2.21 -4.86 -15.99
CA ALA E 120 -2.92 -6.14 -16.12
C ALA E 120 -3.95 -6.04 -17.23
N ILE E 121 -4.42 -7.18 -17.69
CA ILE E 121 -5.46 -7.29 -18.72
C ILE E 121 -6.73 -7.84 -18.08
N GLY E 122 -7.84 -7.15 -18.29
CA GLY E 122 -9.12 -7.55 -17.73
C GLY E 122 -10.16 -7.81 -18.80
N THR E 123 -10.95 -8.86 -18.60
CA THR E 123 -12.12 -9.16 -19.43
C THR E 123 -13.38 -8.95 -18.62
N THR E 124 -14.27 -8.07 -19.09
CA THR E 124 -15.47 -7.68 -18.37
C THR E 124 -16.55 -8.76 -18.48
N GLN E 125 -17.62 -8.57 -17.71
CA GLN E 125 -18.89 -9.24 -17.94
C GLN E 125 -19.59 -8.70 -19.19
N LEU E 126 -20.61 -9.43 -19.63
CA LEU E 126 -21.47 -8.99 -20.73
C LEU E 126 -22.14 -7.65 -20.45
N GLU E 127 -22.45 -6.93 -21.53
CA GLU E 127 -23.38 -5.80 -21.50
C GLU E 127 -22.92 -4.69 -20.56
N LYS E 128 -21.62 -4.42 -20.51
CA LYS E 128 -21.08 -3.34 -19.70
C LYS E 128 -20.27 -2.39 -20.57
N ARG E 129 -20.34 -1.10 -20.22
CA ARG E 129 -19.65 -0.02 -20.92
C ARG E 129 -18.68 0.63 -19.96
N ILE E 130 -17.52 0.00 -19.77
CA ILE E 130 -16.50 0.55 -18.88
C ILE E 130 -15.93 1.82 -19.52
N SER E 131 -15.61 2.80 -18.67
CA SER E 131 -15.20 4.12 -19.13
C SER E 131 -13.84 4.46 -18.55
N TYR E 132 -13.16 5.38 -19.24
CA TYR E 132 -11.77 5.68 -18.96
C TYR E 132 -11.56 6.16 -17.52
N ARG E 133 -10.52 5.64 -16.88
CA ARG E 133 -10.18 5.88 -15.48
C ARG E 133 -11.21 5.37 -14.48
N ASP E 134 -12.19 4.56 -14.90
CA ASP E 134 -12.95 3.79 -13.93
C ASP E 134 -12.02 2.96 -13.07
N ARG E 135 -12.44 2.73 -11.82
CA ARG E 135 -11.57 2.16 -10.79
C ARG E 135 -12.13 0.84 -10.30
N PHE E 136 -11.25 -0.14 -10.10
CA PHE E 136 -11.59 -1.44 -9.56
C PHE E 136 -10.79 -1.70 -8.30
N THR E 137 -11.40 -2.36 -7.31
CA THR E 137 -10.68 -2.94 -6.20
C THR E 137 -11.05 -4.40 -6.04
N VAL E 138 -10.10 -5.18 -5.55
CA VAL E 138 -10.23 -6.64 -5.42
C VAL E 138 -10.10 -7.00 -3.94
N PRO E 139 -11.19 -7.00 -3.16
CA PRO E 139 -11.04 -7.12 -1.71
C PRO E 139 -10.41 -8.43 -1.23
N GLU E 140 -10.46 -9.49 -2.04
CA GLU E 140 -9.87 -10.77 -1.63
C GLU E 140 -8.34 -10.77 -1.66
N VAL E 141 -7.72 -9.89 -2.44
CA VAL E 141 -6.30 -10.01 -2.79
C VAL E 141 -5.53 -8.90 -2.08
N LEU E 142 -4.57 -9.30 -1.26
CA LEU E 142 -3.75 -8.38 -0.47
C LEU E 142 -2.31 -8.40 -0.97
N MET E 143 -1.71 -7.20 -1.15
CA MET E 143 -0.37 -7.00 -1.69
C MET E 143 0.58 -6.49 -0.61
N PRO E 144 1.81 -7.02 -0.53
CA PRO E 144 2.75 -6.52 0.49
C PRO E 144 3.45 -5.25 0.05
N GLN E 145 3.61 -4.32 1.00
CA GLN E 145 4.35 -3.10 0.75
C GLN E 145 5.17 -2.76 1.98
N GLN E 146 6.18 -1.89 1.79
CA GLN E 146 7.09 -1.48 2.85
C GLN E 146 7.10 0.03 3.01
N MET E 147 7.30 0.49 4.24
CA MET E 147 7.36 1.92 4.54
C MET E 147 8.40 2.19 5.62
N ILE E 148 8.92 3.42 5.63
CA ILE E 148 9.75 3.91 6.73
C ILE E 148 9.49 5.39 6.93
N TYR E 149 9.43 5.82 8.20
CA TYR E 149 9.24 7.22 8.56
C TYR E 149 10.17 7.59 9.70
N PHE E 150 10.75 8.78 9.63
CA PHE E 150 11.32 9.43 10.79
C PHE E 150 10.23 10.07 11.62
N VAL E 151 10.28 9.86 12.93
CA VAL E 151 9.23 10.30 13.86
C VAL E 151 9.75 11.51 14.63
N ASN E 152 8.96 12.58 14.63
CA ASN E 152 9.33 13.83 15.27
C ASN E 152 8.12 14.35 16.02
N LYS E 153 8.34 15.40 16.81
CA LYS E 153 7.31 15.92 17.70
C LYS E 153 6.01 16.25 16.98
N ASP E 154 6.10 16.83 15.78
CA ASP E 154 4.90 17.09 15.00
C ASP E 154 4.17 15.80 14.65
N ARG E 155 4.91 14.82 14.15
CA ARG E 155 4.30 13.55 13.76
C ARG E 155 3.75 12.80 14.97
N ILE E 156 4.35 12.96 16.14
CA ILE E 156 3.74 12.44 17.37
C ILE E 156 2.41 13.12 17.63
N LYS E 157 2.38 14.44 17.59
CA LYS E 157 1.14 15.14 17.94
C LYS E 157 0.07 14.97 16.87
N LYS E 158 0.46 14.94 15.60
CA LYS E 158 -0.49 14.93 14.50
C LYS E 158 -0.71 13.55 13.88
N GLY E 159 0.21 12.62 14.10
CA GLY E 159 0.16 11.33 13.44
C GLY E 159 0.69 11.33 12.03
N ILE E 160 1.45 10.28 11.70
CA ILE E 160 2.08 10.12 10.39
C ILE E 160 1.02 9.78 9.36
N PRO E 161 0.82 10.57 8.29
CA PRO E 161 -0.08 10.15 7.21
C PRO E 161 0.59 9.14 6.30
N LEU E 162 0.07 7.92 6.30
CA LEU E 162 0.74 6.83 5.61
C LEU E 162 0.57 6.95 4.10
N TYR E 163 1.63 6.58 3.37
CA TYR E 163 1.59 6.63 1.91
C TYR E 163 0.56 5.66 1.35
N TYR E 164 0.54 4.44 1.87
CA TYR E 164 -0.36 3.38 1.43
C TYR E 164 -1.60 3.34 2.30
N ASP E 165 -2.69 2.81 1.73
CA ASP E 165 -3.90 2.52 2.48
C ASP E 165 -3.71 1.19 3.21
N VAL E 166 -3.14 1.26 4.41
CA VAL E 166 -2.80 0.06 5.16
C VAL E 166 -4.08 -0.65 5.57
N LYS E 167 -4.22 -1.91 5.17
CA LYS E 167 -5.25 -2.75 5.75
C LYS E 167 -4.80 -3.36 7.07
N GLU E 168 -3.56 -3.86 7.13
CA GLU E 168 -3.02 -4.37 8.38
C GLU E 168 -1.50 -4.31 8.34
N ILE E 169 -0.90 -4.36 9.53
CA ILE E 169 0.55 -4.37 9.71
C ILE E 169 1.00 -5.80 9.97
N THR E 170 2.02 -6.25 9.24
CA THR E 170 2.64 -7.55 9.47
C THR E 170 3.92 -7.46 10.29
N TYR E 171 4.63 -6.34 10.26
CA TYR E 171 5.83 -6.16 11.06
C TYR E 171 6.02 -4.67 11.31
N ILE E 172 6.40 -4.32 12.54
CA ILE E 172 6.72 -2.93 12.89
C ILE E 172 7.87 -2.95 13.89
N ALA E 173 8.88 -2.11 13.64
CA ALA E 173 10.09 -2.13 14.46
C ALA E 173 10.73 -0.75 14.46
N THR E 174 11.69 -0.59 15.38
CA THR E 174 12.47 0.64 15.51
C THR E 174 13.86 0.26 15.99
N GLN E 175 14.74 1.26 16.12
CA GLN E 175 16.09 1.00 16.60
C GLN E 175 16.10 0.26 17.93
N ASP E 176 15.12 0.54 18.79
CA ASP E 176 15.04 -0.12 20.09
C ASP E 176 14.44 -1.52 20.02
N GLY E 177 13.96 -1.95 18.86
CA GLY E 177 13.38 -3.27 18.70
C GLY E 177 11.95 -3.25 18.19
N THR E 178 11.22 -4.35 18.39
CA THR E 178 9.84 -4.43 17.97
C THR E 178 8.98 -3.46 18.77
N VAL E 179 7.96 -2.91 18.11
CA VAL E 179 6.98 -2.04 18.73
C VAL E 179 5.74 -2.87 19.05
N TYR E 180 5.34 -2.87 20.32
CA TYR E 180 4.21 -3.67 20.76
C TYR E 180 2.90 -2.94 20.54
N GLU E 181 1.82 -3.73 20.39
CA GLU E 181 0.56 -3.20 19.90
C GLU E 181 -0.10 -2.23 20.85
N GLU E 182 0.31 -2.20 22.12
CA GLU E 182 -0.19 -1.16 23.02
C GLU E 182 0.43 0.20 22.73
N ASP E 183 1.51 0.27 21.96
CA ASP E 183 2.24 1.51 21.74
C ASP E 183 2.01 2.13 20.38
N TYR E 184 1.13 1.56 19.55
CA TYR E 184 0.78 2.18 18.28
C TYR E 184 -0.70 1.96 18.00
N GLU E 185 -1.24 2.84 17.14
CA GLU E 185 -2.62 2.76 16.70
C GLU E 185 -2.71 3.35 15.31
N ILE E 186 -3.61 2.81 14.50
CA ILE E 186 -3.97 3.40 13.21
C ILE E 186 -5.42 3.87 13.27
N LYS E 187 -5.64 5.13 12.94
CA LYS E 187 -6.98 5.66 12.72
C LYS E 187 -6.98 6.52 11.46
N ASN E 188 -8.00 6.35 10.63
CA ASN E 188 -8.17 7.15 9.42
C ASN E 188 -6.93 7.15 8.54
N ASN E 189 -6.22 6.02 8.49
CA ASN E 189 -4.96 5.93 7.75
C ASN E 189 -3.90 6.88 8.28
N ARG E 190 -4.01 7.30 9.53
CA ARG E 190 -2.93 7.93 10.27
C ARG E 190 -2.35 6.95 11.28
N LEU E 191 -1.03 7.02 11.46
CA LEU E 191 -0.34 6.21 12.45
C LEU E 191 0.00 7.08 13.65
N TYR E 192 -0.49 6.70 14.82
CA TYR E 192 -0.20 7.34 16.09
C TYR E 192 0.75 6.47 16.90
N LEU E 193 1.76 7.10 17.50
CA LEU E 193 2.79 6.40 18.26
C LEU E 193 2.86 6.95 19.68
N ASN E 194 3.26 6.10 20.61
CA ASN E 194 3.64 6.56 21.93
C ASN E 194 4.75 7.60 21.81
N GLU E 195 4.58 8.71 22.55
CA GLU E 195 5.58 9.77 22.58
C GLU E 195 6.94 9.31 23.07
N LYS E 196 7.04 8.10 23.64
CA LYS E 196 8.31 7.42 23.84
C LYS E 196 9.25 7.50 22.64
N TYR E 197 8.68 7.45 21.43
CA TYR E 197 9.42 7.38 20.18
C TYR E 197 9.62 8.73 19.52
N GLU E 198 9.68 9.81 20.30
CA GLU E 198 9.70 11.15 19.73
C GLU E 198 10.96 11.44 18.92
N ASN E 199 12.01 10.62 19.00
CA ASN E 199 13.21 10.79 18.18
C ASN E 199 13.72 9.44 17.69
N HIS E 200 12.87 8.74 16.95
CA HIS E 200 13.15 7.39 16.47
C HIS E 200 12.69 7.33 15.03
N THR E 201 13.08 6.27 14.33
CA THR E 201 12.52 5.95 13.03
C THR E 201 11.86 4.58 13.07
N VAL E 202 10.64 4.51 12.52
CA VAL E 202 9.82 3.30 12.53
C VAL E 202 9.76 2.73 11.13
N THR E 203 9.87 1.41 11.04
CA THR E 203 9.86 0.65 9.79
C THR E 203 8.71 -0.33 9.83
N LEU E 204 7.99 -0.45 8.71
CA LEU E 204 6.79 -1.27 8.64
C LEU E 204 6.81 -2.16 7.40
N LYS E 205 6.25 -3.35 7.57
CA LYS E 205 5.69 -4.15 6.48
C LYS E 205 4.18 -4.19 6.62
N ILE E 206 3.48 -3.99 5.50
CA ILE E 206 2.03 -3.83 5.50
C ILE E 206 1.42 -4.67 4.39
N LEU E 207 0.11 -4.87 4.49
CA LEU E 207 -0.70 -5.41 3.41
C LEU E 207 -1.75 -4.38 3.00
N MET E 208 -2.03 -4.30 1.71
CA MET E 208 -3.13 -3.47 1.24
C MET E 208 -3.86 -4.17 0.10
N THR E 209 -5.12 -3.81 -0.09
CA THR E 209 -5.94 -4.39 -1.14
C THR E 209 -5.41 -4.00 -2.52
N LEU E 210 -5.50 -4.93 -3.45
CA LEU E 210 -5.15 -4.65 -4.83
C LEU E 210 -6.15 -3.70 -5.48
N ARG E 211 -5.65 -2.77 -6.29
CA ARG E 211 -6.47 -1.74 -6.90
C ARG E 211 -5.98 -1.46 -8.31
N TYR E 212 -6.90 -1.08 -9.18
CA TYR E 212 -6.60 -0.79 -10.58
C TYR E 212 -7.41 0.40 -11.04
N VAL E 213 -6.90 1.08 -12.06
CA VAL E 213 -7.67 2.05 -12.83
C VAL E 213 -7.59 1.66 -14.29
N VAL E 214 -8.67 1.91 -15.03
CA VAL E 214 -8.71 1.64 -16.45
C VAL E 214 -7.83 2.65 -17.17
N SER E 215 -6.73 2.18 -17.75
CA SER E 215 -5.81 3.02 -18.51
C SER E 215 -6.18 3.10 -19.98
N ASP E 216 -6.51 1.97 -20.59
CA ASP E 216 -6.91 1.93 -21.99
C ASP E 216 -7.82 0.72 -22.20
N ILE E 217 -8.57 0.75 -23.30
CA ILE E 217 -9.53 -0.29 -23.63
C ILE E 217 -9.11 -0.92 -24.95
N LEU E 218 -8.67 -2.17 -24.90
CA LEU E 218 -8.08 -2.81 -26.07
C LEU E 218 -9.13 -3.35 -27.04
N LYS E 219 -10.30 -3.75 -26.53
CA LYS E 219 -11.44 -4.12 -27.37
C LYS E 219 -12.68 -3.52 -26.72
N GLU E 220 -13.03 -2.32 -27.15
CA GLU E 220 -14.16 -1.62 -26.55
C GLU E 220 -15.50 -2.08 -27.08
N SER E 221 -15.55 -2.72 -28.25
CA SER E 221 -16.80 -3.29 -28.74
C SER E 221 -16.56 -4.66 -29.35
N ARG E 222 -17.39 -5.60 -28.95
CA ARG E 222 -17.59 -6.86 -29.65
C ARG E 222 -19.08 -7.14 -29.64
N TYR E 223 -19.59 -7.71 -30.73
CA TYR E 223 -21.00 -7.69 -31.03
C TYR E 223 -21.50 -9.07 -31.46
N GLN E 224 -22.80 -9.28 -31.29
CA GLN E 224 -23.48 -10.42 -31.90
C GLN E 224 -24.96 -10.10 -32.05
N TYR E 225 -25.49 -10.20 -33.27
CA TYR E 225 -26.91 -10.44 -33.43
C TYR E 225 -27.20 -11.88 -33.06
N THR E 226 -28.10 -12.09 -32.09
CA THR E 226 -28.57 -13.43 -31.75
C THR E 226 -30.01 -13.59 -32.22
N LYS E 227 -30.26 -14.64 -32.98
CA LYS E 227 -31.57 -14.94 -33.53
C LYS E 227 -32.12 -16.27 -33.04
N PHE E 228 -31.27 -17.23 -32.73
CA PHE E 228 -31.71 -18.58 -32.41
C PHE E 228 -32.63 -18.59 -31.20
N ASN E 229 -33.83 -19.14 -31.40
CA ASN E 229 -34.86 -19.23 -30.38
C ASN E 229 -35.39 -17.89 -29.90
N GLN E 230 -35.08 -16.77 -30.62
CA GLN E 230 -35.65 -15.47 -30.30
C GLN E 230 -36.82 -15.15 -31.22
N PRO E 231 -37.81 -14.37 -30.78
CA PRO E 231 -38.85 -13.94 -31.72
C PRO E 231 -38.32 -13.06 -32.84
N LYS E 232 -37.33 -12.24 -32.54
CA LYS E 232 -36.69 -11.37 -33.53
C LYS E 232 -35.24 -11.15 -33.10
N SER E 233 -34.42 -10.73 -34.06
CA SER E 233 -33.00 -10.56 -33.81
C SER E 233 -32.75 -9.57 -32.69
N LYS E 234 -31.93 -9.98 -31.72
CA LYS E 234 -31.54 -9.16 -30.58
C LYS E 234 -30.06 -8.86 -30.64
N PHE E 235 -29.69 -7.59 -30.58
CA PHE E 235 -28.29 -7.18 -30.54
C PHE E 235 -27.74 -7.30 -29.12
N GLU E 236 -26.57 -7.91 -28.98
CA GLU E 236 -25.92 -8.08 -27.68
C GLU E 236 -24.45 -7.65 -27.74
N ASN E 237 -23.99 -7.02 -26.67
CA ASN E 237 -22.62 -6.51 -26.55
C ASN E 237 -21.75 -7.50 -25.78
N LEU E 238 -20.76 -8.07 -26.45
CA LEU E 238 -19.91 -9.10 -25.86
C LEU E 238 -18.85 -8.47 -24.94
N PRO E 239 -18.14 -9.29 -24.16
CA PRO E 239 -17.16 -8.74 -23.20
C PRO E 239 -16.11 -7.82 -23.80
N GLN E 240 -15.86 -6.72 -23.09
CA GLN E 240 -14.75 -5.82 -23.40
C GLN E 240 -13.45 -6.35 -22.80
N LYS E 241 -12.33 -6.00 -23.45
CA LYS E 241 -11.00 -6.21 -22.89
C LYS E 241 -10.43 -4.87 -22.42
N LEU E 242 -10.04 -4.83 -21.14
CA LEU E 242 -9.49 -3.64 -20.51
C LEU E 242 -8.01 -3.81 -20.26
N LEU E 243 -7.24 -2.73 -20.38
CA LEU E 243 -5.89 -2.65 -19.85
C LEU E 243 -5.92 -1.86 -18.55
N LEU E 244 -5.49 -2.50 -17.46
CA LEU E 244 -5.62 -2.00 -16.12
C LEU E 244 -4.26 -1.58 -15.59
N LYS E 245 -4.16 -0.40 -14.99
CA LYS E 245 -2.92 0.10 -14.41
C LYS E 245 -3.09 0.28 -12.91
N ARG E 246 -2.04 -0.03 -12.16
CA ARG E 246 -2.15 -0.04 -10.70
C ARG E 246 -2.11 1.36 -10.11
N GLU E 247 -2.89 1.52 -9.04
CA GLU E 247 -3.05 2.79 -8.33
C GLU E 247 -1.94 2.97 -7.29
N ASP E 248 -0.75 3.29 -7.79
CA ASP E 248 0.36 3.68 -6.89
C ASP E 248 0.45 5.18 -6.63
N VAL E 249 0.31 6.04 -7.64
CA VAL E 249 0.74 7.44 -7.49
C VAL E 249 -0.20 8.18 -6.55
N ILE E 250 -1.50 8.13 -6.83
CA ILE E 250 -2.53 8.68 -5.97
C ILE E 250 -3.30 7.51 -5.40
N VAL E 251 -3.42 7.47 -4.07
CA VAL E 251 -3.95 6.31 -3.37
C VAL E 251 -5.17 6.76 -2.58
N LEU E 252 -6.28 6.08 -2.78
CA LEU E 252 -7.57 6.44 -2.22
C LEU E 252 -8.08 5.29 -1.36
N GLN E 253 -8.93 5.64 -0.39
CA GLN E 253 -9.49 4.65 0.50
C GLN E 253 -10.27 3.59 -0.27
N ASP E 254 -10.51 2.47 0.39
CA ASP E 254 -11.45 1.48 -0.12
C ASP E 254 -12.87 2.03 -0.04
N PRO E 255 -13.78 1.57 -0.91
CA PRO E 255 -15.09 2.22 -0.99
C PRO E 255 -15.92 2.12 0.29
N TYR E 256 -15.62 1.18 1.18
CA TYR E 256 -16.36 1.01 2.42
C TYR E 256 -15.44 1.22 3.61
N LEU F 17 -59.41 -75.07 21.86
CA LEU F 17 -59.07 -73.95 20.93
C LEU F 17 -60.21 -72.94 20.84
N ASN F 18 -59.84 -71.67 20.73
CA ASN F 18 -60.78 -70.60 20.42
C ASN F 18 -60.16 -69.70 19.38
N TYR F 19 -60.97 -69.22 18.44
CA TYR F 19 -60.44 -68.40 17.37
C TYR F 19 -61.58 -67.62 16.73
N GLU F 20 -61.20 -66.54 16.04
CA GLU F 20 -62.14 -65.85 15.17
C GLU F 20 -62.51 -66.79 14.03
N TYR F 21 -63.82 -66.88 13.74
CA TYR F 21 -64.42 -68.06 13.12
C TYR F 21 -63.63 -68.60 11.94
N PRO F 22 -63.38 -67.83 10.88
CA PRO F 22 -62.75 -68.43 9.69
C PRO F 22 -61.31 -68.84 9.92
N TYR F 23 -60.66 -68.31 10.95
CA TYR F 23 -59.20 -68.39 11.06
C TYR F 23 -58.77 -69.53 11.98
N HIS F 24 -59.06 -70.76 11.57
CA HIS F 24 -58.68 -71.91 12.36
C HIS F 24 -57.16 -71.93 12.52
N PRO F 25 -56.62 -72.04 13.75
CA PRO F 25 -55.18 -71.83 13.94
C PRO F 25 -54.27 -72.75 13.14
N SER F 26 -54.72 -73.96 12.81
CA SER F 26 -53.88 -74.88 12.06
C SER F 26 -53.99 -74.71 10.55
N GLY F 27 -55.21 -74.67 10.03
CA GLY F 27 -55.43 -74.74 8.61
C GLY F 27 -55.48 -73.39 7.91
N ASN F 28 -55.87 -72.36 8.65
CA ASN F 28 -56.03 -71.02 8.09
C ASN F 28 -55.72 -69.97 9.16
N PRO F 29 -54.52 -70.00 9.74
CA PRO F 29 -54.19 -69.01 10.78
C PRO F 29 -54.33 -67.58 10.28
N LYS F 30 -54.83 -66.71 11.15
CA LYS F 30 -54.96 -65.30 10.83
C LYS F 30 -53.59 -64.64 10.80
N HIS F 31 -53.30 -63.95 9.69
CA HIS F 31 -52.06 -63.20 9.54
C HIS F 31 -52.26 -61.69 9.46
N ILE F 32 -53.44 -61.22 9.06
CA ILE F 32 -53.72 -59.79 9.00
C ILE F 32 -55.19 -59.55 9.31
N ASP F 33 -55.48 -58.40 9.92
CA ASP F 33 -56.84 -57.93 10.07
C ASP F 33 -57.27 -57.16 8.83
N VAL F 34 -58.55 -57.34 8.45
CA VAL F 34 -59.10 -56.65 7.29
C VAL F 34 -59.18 -55.14 7.47
N SER F 35 -58.95 -54.63 8.68
CA SER F 35 -58.78 -53.19 8.86
C SER F 35 -57.43 -52.70 8.37
N GLU F 36 -56.39 -53.52 8.50
CA GLU F 36 -55.03 -53.07 8.22
C GLU F 36 -54.75 -52.93 6.73
N ILE F 37 -55.47 -53.68 5.88
CA ILE F 37 -55.20 -53.63 4.45
C ILE F 37 -55.51 -52.27 3.86
N ASP F 38 -56.34 -51.47 4.53
CA ASP F 38 -56.53 -50.08 4.13
C ASP F 38 -55.50 -49.14 4.74
N ASN F 39 -54.82 -49.55 5.81
CA ASN F 39 -53.88 -48.69 6.50
C ASN F 39 -52.47 -48.84 6.00
N LEU F 40 -52.12 -49.98 5.41
CA LEU F 40 -50.78 -50.17 4.88
C LEU F 40 -50.55 -49.24 3.69
N THR F 41 -49.30 -48.78 3.56
CA THR F 41 -48.90 -47.83 2.53
C THR F 41 -47.54 -48.24 1.98
N LEU F 42 -47.21 -47.70 0.80
CA LEU F 42 -45.92 -47.99 0.19
C LEU F 42 -44.76 -47.63 1.12
N ALA F 43 -44.90 -46.55 1.88
CA ALA F 43 -43.82 -46.15 2.78
C ALA F 43 -43.55 -47.19 3.85
N ASP F 44 -44.56 -47.98 4.21
CA ASP F 44 -44.35 -49.02 5.22
C ASP F 44 -43.48 -50.16 4.69
N TYR F 45 -43.38 -50.33 3.38
CA TYR F 45 -42.44 -51.26 2.79
C TYR F 45 -41.10 -50.63 2.48
N GLY F 46 -40.88 -49.39 2.90
CA GLY F 46 -39.63 -48.69 2.66
C GLY F 46 -39.49 -48.08 1.29
N TRP F 47 -40.46 -48.23 0.41
CA TRP F 47 -40.45 -47.54 -0.88
C TRP F 47 -40.85 -46.10 -0.61
N SER F 48 -39.86 -45.20 -0.61
CA SER F 48 -40.06 -43.80 -0.30
C SER F 48 -39.09 -42.99 -1.13
N PRO F 49 -39.41 -41.73 -1.44
CA PRO F 49 -38.44 -40.89 -2.17
C PRO F 49 -37.08 -40.81 -1.49
N ASP F 50 -37.05 -40.81 -0.17
CA ASP F 50 -35.78 -40.76 0.55
C ASP F 50 -34.89 -41.96 0.21
N ALA F 51 -35.48 -43.14 0.07
CA ALA F 51 -34.68 -44.30 -0.32
C ALA F 51 -34.05 -44.13 -1.70
N VAL F 52 -34.84 -43.67 -2.67
CA VAL F 52 -34.29 -43.42 -4.00
C VAL F 52 -33.17 -42.40 -3.93
N LYS F 53 -33.39 -41.30 -3.22
CA LYS F 53 -32.34 -40.29 -3.10
C LYS F 53 -31.11 -40.86 -2.41
N ALA F 54 -31.28 -41.81 -1.51
CA ALA F 54 -30.13 -42.46 -0.90
C ALA F 54 -29.33 -43.23 -1.93
N TYR F 55 -30.00 -43.97 -2.81
CA TYR F 55 -29.26 -44.62 -3.89
C TYR F 55 -28.65 -43.64 -4.89
N MET F 56 -29.20 -42.43 -5.01
CA MET F 56 -28.59 -41.35 -5.78
C MET F 56 -27.83 -40.37 -4.91
N PHE F 57 -27.19 -40.86 -3.84
CA PHE F 57 -26.42 -40.00 -2.96
C PHE F 57 -25.41 -39.18 -3.74
N GLY F 58 -25.33 -37.90 -3.40
CA GLY F 58 -24.42 -36.97 -4.06
C GLY F 58 -24.85 -36.48 -5.42
N ILE F 59 -26.07 -36.78 -5.86
CA ILE F 59 -26.64 -36.23 -7.07
C ILE F 59 -27.92 -35.49 -6.68
N VAL F 60 -28.20 -34.39 -7.37
CA VAL F 60 -29.46 -33.68 -7.23
C VAL F 60 -30.04 -33.42 -8.63
N VAL F 61 -31.35 -33.62 -8.76
CA VAL F 61 -32.09 -33.39 -9.99
C VAL F 61 -32.90 -32.12 -9.81
N GLN F 62 -32.61 -31.11 -10.63
CA GLN F 62 -33.27 -29.82 -10.51
C GLN F 62 -33.49 -29.24 -11.91
N ASN F 63 -34.55 -28.47 -12.04
CA ASN F 63 -34.89 -27.86 -13.32
C ASN F 63 -33.87 -26.76 -13.61
N PRO F 64 -33.09 -26.83 -14.70
CA PRO F 64 -32.13 -25.77 -14.97
C PRO F 64 -32.76 -24.41 -15.20
N ASP F 65 -34.02 -24.35 -15.59
CA ASP F 65 -34.67 -23.05 -15.79
C ASP F 65 -35.02 -22.36 -14.48
N THR F 66 -35.08 -23.10 -13.37
CA THR F 66 -35.58 -22.55 -12.11
C THR F 66 -34.79 -23.00 -10.89
N GLY F 67 -33.94 -24.01 -10.99
CA GLY F 67 -33.29 -24.55 -9.81
C GLY F 67 -34.20 -25.30 -8.87
N GLN F 68 -35.47 -25.49 -9.22
CA GLN F 68 -36.38 -26.21 -8.36
C GLN F 68 -36.06 -27.71 -8.38
N PRO F 69 -35.89 -28.36 -7.24
CA PRO F 69 -35.69 -29.81 -7.25
C PRO F 69 -36.95 -30.55 -7.64
N MET F 70 -36.76 -31.76 -8.16
CA MET F 70 -37.89 -32.58 -8.60
C MET F 70 -38.79 -32.95 -7.44
N GLY F 71 -40.10 -32.84 -7.66
CA GLY F 71 -41.07 -32.99 -6.59
C GLY F 71 -41.35 -34.45 -6.24
N ASP F 72 -41.65 -34.67 -4.96
CA ASP F 72 -41.93 -36.03 -4.49
C ASP F 72 -43.15 -36.66 -5.15
N GLU F 73 -44.04 -35.86 -5.73
CA GLU F 73 -45.15 -36.43 -6.49
C GLU F 73 -44.63 -37.34 -7.61
N PHE F 74 -43.59 -36.90 -8.31
CA PHE F 74 -43.04 -37.72 -9.38
C PHE F 74 -42.42 -39.01 -8.85
N TYR F 75 -41.69 -38.91 -7.74
CA TYR F 75 -41.11 -40.10 -7.14
C TYR F 75 -42.18 -41.11 -6.75
N ASN F 76 -43.25 -40.66 -6.09
CA ASN F 76 -44.31 -41.58 -5.70
C ASN F 76 -45.01 -42.18 -6.90
N HIS F 77 -45.22 -41.38 -7.95
CA HIS F 77 -45.77 -41.90 -9.19
C HIS F 77 -44.91 -43.02 -9.76
N ILE F 78 -43.61 -42.75 -9.90
CA ILE F 78 -42.70 -43.75 -10.47
C ILE F 78 -42.66 -44.99 -9.59
N LEU F 79 -42.65 -44.81 -8.27
CA LEU F 79 -42.64 -45.95 -7.36
C LEU F 79 -43.88 -46.83 -7.55
N GLU F 80 -45.06 -46.22 -7.65
CA GLU F 80 -46.26 -47.02 -7.81
C GLU F 80 -46.25 -47.80 -9.12
N ARG F 81 -45.79 -47.16 -10.20
CA ARG F 81 -45.68 -47.90 -11.46
C ARG F 81 -44.61 -48.98 -11.41
N ALA F 82 -43.51 -48.74 -10.70
CA ALA F 82 -42.49 -49.78 -10.53
C ALA F 82 -43.04 -50.97 -9.75
N VAL F 83 -43.88 -50.71 -8.75
CA VAL F 83 -44.56 -51.80 -8.07
C VAL F 83 -45.40 -52.61 -9.04
N GLY F 84 -46.16 -51.91 -9.89
CA GLY F 84 -46.93 -52.63 -10.91
C GLY F 84 -46.05 -53.49 -11.82
N LYS F 85 -44.91 -52.93 -12.25
CA LYS F 85 -43.99 -53.69 -13.07
C LYS F 85 -43.49 -54.93 -12.34
N ALA F 86 -43.12 -54.80 -11.08
CA ALA F 86 -42.67 -55.97 -10.32
C ALA F 86 -43.78 -57.00 -10.17
N GLU F 87 -45.01 -56.55 -9.96
CA GLU F 87 -46.15 -57.46 -9.89
C GLU F 87 -46.51 -58.11 -11.21
N ARG F 88 -45.93 -57.67 -12.33
CA ARG F 88 -46.14 -58.38 -13.59
C ARG F 88 -44.93 -59.14 -14.08
N ALA F 89 -43.71 -58.70 -13.74
CA ALA F 89 -42.53 -59.49 -14.08
C ALA F 89 -42.53 -60.81 -13.33
N LEU F 90 -43.17 -60.85 -12.16
CA LEU F 90 -43.40 -62.05 -11.39
C LEU F 90 -44.91 -62.17 -11.17
N ASP F 91 -45.40 -63.41 -11.15
CA ASP F 91 -46.84 -63.64 -11.11
C ASP F 91 -47.35 -63.62 -9.67
N ILE F 92 -47.20 -62.46 -9.04
CA ILE F 92 -47.37 -62.31 -7.60
C ILE F 92 -48.25 -61.10 -7.32
N SER F 93 -48.87 -61.10 -6.14
CA SER F 93 -49.56 -59.94 -5.59
C SER F 93 -48.70 -59.37 -4.46
N ILE F 94 -48.14 -58.18 -4.68
CA ILE F 94 -47.29 -57.56 -3.67
C ILE F 94 -48.13 -56.90 -2.58
N LEU F 95 -49.10 -56.06 -2.95
CA LEU F 95 -49.78 -55.25 -1.94
C LEU F 95 -51.09 -55.88 -1.50
N PRO F 96 -51.41 -55.89 -0.20
CA PRO F 96 -52.63 -56.55 0.27
C PRO F 96 -53.88 -56.07 -0.45
N ASP F 97 -54.69 -57.02 -0.91
CA ASP F 97 -55.98 -56.70 -1.49
C ASP F 97 -56.92 -57.88 -1.29
N THR F 98 -58.20 -57.58 -1.18
CA THR F 98 -59.24 -58.61 -1.08
C THR F 98 -59.60 -59.11 -2.47
N GLN F 99 -59.47 -60.42 -2.67
CA GLN F 99 -59.81 -61.08 -3.92
C GLN F 99 -61.07 -61.93 -3.76
N HIS F 100 -62.00 -61.78 -4.71
CA HIS F 100 -63.20 -62.61 -4.79
C HIS F 100 -63.16 -63.32 -6.14
N GLU F 101 -63.15 -64.65 -6.10
CA GLU F 101 -63.03 -65.48 -7.31
C GLU F 101 -64.18 -66.47 -7.41
N MET F 102 -64.68 -66.64 -8.63
CA MET F 102 -65.60 -67.71 -9.00
C MET F 102 -64.84 -68.71 -9.86
N ARG F 103 -64.68 -69.94 -9.36
CA ARG F 103 -63.80 -70.93 -9.95
C ARG F 103 -64.61 -72.12 -10.45
N ASP F 104 -64.12 -72.73 -11.52
CA ASP F 104 -64.81 -73.81 -12.20
C ASP F 104 -64.63 -75.15 -11.49
N TYR F 105 -65.68 -75.98 -11.56
CA TYR F 105 -65.54 -77.38 -11.19
C TYR F 105 -64.74 -78.12 -12.26
N HIS F 106 -63.68 -78.80 -11.84
CA HIS F 106 -62.99 -79.79 -12.66
C HIS F 106 -62.88 -81.09 -11.89
N GLU F 107 -63.24 -82.20 -12.55
CA GLU F 107 -63.44 -83.46 -11.85
C GLU F 107 -62.16 -83.96 -11.19
N THR F 108 -61.04 -83.92 -11.92
CA THR F 108 -59.78 -84.43 -11.37
C THR F 108 -59.38 -83.65 -10.12
N GLU F 109 -59.38 -82.32 -10.21
CA GLU F 109 -58.93 -81.53 -9.07
C GLU F 109 -59.95 -81.52 -7.96
N PHE F 110 -61.24 -81.60 -8.29
CA PHE F 110 -62.25 -81.70 -7.25
C PHE F 110 -62.10 -83.01 -6.47
N ASN F 111 -61.82 -84.11 -7.18
CA ASN F 111 -61.54 -85.37 -6.49
C ASN F 111 -60.24 -85.31 -5.71
N SER F 112 -59.30 -84.47 -6.13
CA SER F 112 -58.00 -84.35 -5.46
C SER F 112 -58.09 -83.44 -4.23
N TYR F 113 -58.97 -83.80 -3.30
CA TYR F 113 -59.19 -83.03 -2.08
C TYR F 113 -59.63 -81.60 -2.38
N MET F 114 -60.45 -81.44 -3.41
CA MET F 114 -61.00 -80.13 -3.77
C MET F 114 -59.88 -79.12 -3.99
N PHE F 115 -58.87 -79.53 -4.76
CA PHE F 115 -57.73 -78.67 -5.02
C PHE F 115 -58.14 -77.49 -5.88
N VAL F 116 -57.78 -76.29 -5.44
CA VAL F 116 -57.90 -75.09 -6.27
C VAL F 116 -56.61 -74.28 -6.12
N HIS F 117 -56.12 -73.77 -7.23
CA HIS F 117 -54.99 -72.84 -7.24
C HIS F 117 -55.54 -71.42 -7.39
N ALA F 118 -55.22 -70.56 -6.44
CA ALA F 118 -55.64 -69.17 -6.52
C ALA F 118 -54.96 -68.46 -7.69
N TYR F 119 -55.67 -67.49 -8.28
CA TYR F 119 -55.09 -66.69 -9.34
C TYR F 119 -53.98 -65.78 -8.84
N ARG F 120 -54.03 -65.39 -7.56
CA ARG F 120 -53.10 -64.44 -6.98
C ARG F 120 -52.43 -65.10 -5.78
N LYS F 121 -51.14 -64.82 -5.60
CA LYS F 121 -50.37 -65.40 -4.51
C LYS F 121 -49.36 -64.39 -4.03
N PRO F 122 -48.88 -64.50 -2.78
CA PRO F 122 -49.24 -65.41 -1.70
C PRO F 122 -50.64 -65.23 -1.16
N ILE F 123 -51.18 -66.24 -0.50
CA ILE F 123 -52.40 -66.12 0.29
C ILE F 123 -52.04 -65.66 1.69
N LEU F 124 -52.58 -64.53 2.11
CA LEU F 124 -52.51 -64.16 3.51
C LEU F 124 -53.51 -64.96 4.34
N GLN F 125 -54.77 -65.00 3.92
CA GLN F 125 -55.76 -65.88 4.54
C GLN F 125 -56.93 -66.07 3.60
N VAL F 126 -57.66 -67.15 3.81
CA VAL F 126 -58.90 -67.41 3.11
C VAL F 126 -60.05 -66.86 3.93
N GLU F 127 -60.97 -66.16 3.26
CA GLU F 127 -62.09 -65.51 3.92
C GLU F 127 -63.40 -66.27 3.76
N ASN F 128 -63.62 -66.90 2.60
CA ASN F 128 -64.84 -67.67 2.40
C ASN F 128 -64.59 -68.73 1.34
N LEU F 129 -65.30 -69.84 1.46
CA LEU F 129 -65.20 -70.93 0.51
C LEU F 129 -66.54 -71.66 0.53
N GLN F 130 -67.22 -71.71 -0.62
CA GLN F 130 -68.56 -72.26 -0.68
C GLN F 130 -68.78 -72.93 -2.03
N LEU F 131 -69.68 -73.90 -2.03
CA LEU F 131 -70.18 -74.52 -3.24
C LEU F 131 -71.58 -73.99 -3.46
N GLN F 132 -71.86 -73.53 -4.68
CA GLN F 132 -73.05 -72.74 -4.91
C GLN F 132 -73.64 -73.02 -6.28
N PHE F 133 -74.90 -72.61 -6.43
CA PHE F 133 -75.66 -72.81 -7.66
C PHE F 133 -76.56 -71.60 -7.87
N ASN F 134 -76.29 -70.83 -8.92
CA ASN F 134 -76.98 -69.57 -9.17
C ASN F 134 -76.91 -68.63 -7.97
N GLY F 135 -75.75 -68.62 -7.31
CA GLY F 135 -75.54 -67.77 -6.15
C GLY F 135 -76.12 -68.30 -4.86
N ARG F 136 -76.93 -69.35 -4.89
CA ARG F 136 -77.39 -69.96 -3.66
C ARG F 136 -76.29 -70.85 -3.10
N PRO F 137 -75.91 -70.71 -1.84
CA PRO F 137 -74.95 -71.68 -1.26
C PRO F 137 -75.58 -73.05 -1.20
N ILE F 138 -74.95 -74.00 -1.88
CA ILE F 138 -75.34 -75.40 -1.78
C ILE F 138 -74.70 -76.06 -0.57
N TYR F 139 -73.45 -75.71 -0.27
CA TYR F 139 -72.87 -76.13 1.00
C TYR F 139 -71.81 -75.11 1.41
N LYS F 140 -71.69 -74.93 2.72
CA LYS F 140 -70.67 -74.07 3.33
C LYS F 140 -69.71 -74.97 4.10
N TYR F 141 -68.47 -75.02 3.65
CA TYR F 141 -67.50 -75.93 4.25
C TYR F 141 -67.05 -75.43 5.61
N PRO F 142 -67.06 -76.26 6.65
CA PRO F 142 -66.55 -75.81 7.95
C PRO F 142 -65.11 -75.35 7.87
N ALA F 143 -64.82 -74.24 8.56
CA ALA F 143 -63.48 -73.64 8.50
C ALA F 143 -62.41 -74.59 9.00
N ASN F 144 -62.75 -75.52 9.89
CA ASN F 144 -61.75 -76.48 10.35
C ASN F 144 -61.35 -77.48 9.29
N TRP F 145 -62.04 -77.52 8.15
CA TRP F 145 -61.62 -78.35 7.03
C TRP F 145 -60.63 -77.65 6.11
N TRP F 146 -60.55 -76.32 6.14
CA TRP F 146 -59.75 -75.58 5.19
C TRP F 146 -58.27 -75.82 5.43
N LYS F 147 -57.55 -76.19 4.38
CA LYS F 147 -56.10 -76.31 4.39
C LYS F 147 -55.53 -75.31 3.40
N VAL F 148 -54.62 -74.46 3.87
CA VAL F 148 -54.05 -73.39 3.06
C VAL F 148 -52.53 -73.56 3.03
N GLU F 149 -51.96 -73.43 1.83
CA GLU F 149 -50.52 -73.30 1.63
C GLU F 149 -50.27 -71.92 1.04
N HIS F 150 -49.62 -71.06 1.82
CA HIS F 150 -49.69 -69.63 1.56
C HIS F 150 -48.83 -69.20 0.38
N LEU F 151 -47.55 -69.58 0.37
CA LEU F 151 -46.69 -69.16 -0.73
C LEU F 151 -47.03 -69.86 -2.04
N ALA F 152 -47.48 -71.12 -1.98
CA ALA F 152 -47.86 -71.80 -3.21
C ALA F 152 -49.13 -71.22 -3.82
N GLY F 153 -50.06 -70.77 -3.00
CA GLY F 153 -51.37 -70.39 -3.49
C GLY F 153 -52.33 -71.53 -3.65
N HIS F 154 -52.24 -72.55 -2.80
CA HIS F 154 -53.06 -73.74 -2.91
C HIS F 154 -54.06 -73.78 -1.76
N VAL F 155 -55.28 -74.19 -2.04
CA VAL F 155 -56.29 -74.44 -1.03
C VAL F 155 -56.84 -75.84 -1.25
N GLN F 156 -57.08 -76.56 -0.16
CA GLN F 156 -57.64 -77.90 -0.22
C GLN F 156 -58.59 -78.08 0.95
N LEU F 157 -59.43 -79.10 0.85
CA LEU F 157 -60.28 -79.55 1.95
C LEU F 157 -59.83 -80.93 2.38
N PHE F 158 -59.78 -81.15 3.69
CA PHE F 158 -59.56 -82.48 4.26
C PHE F 158 -60.68 -82.73 5.26
N PRO F 159 -61.81 -83.30 4.80
CA PRO F 159 -62.99 -83.34 5.68
C PRO F 159 -62.75 -84.18 6.92
N THR F 160 -63.19 -83.67 8.06
CA THR F 160 -63.11 -84.41 9.31
C THR F 160 -64.23 -85.43 9.41
N ALA F 161 -65.41 -85.08 8.90
CA ALA F 161 -66.61 -85.90 9.07
C ALA F 161 -66.84 -86.29 10.53
N GLY F 189 -72.59 -85.52 -15.76
CA GLY F 189 -72.66 -85.77 -17.19
C GLY F 189 -71.56 -85.09 -18.00
N ALA F 190 -70.75 -84.26 -17.33
CA ALA F 190 -69.61 -83.65 -17.98
C ALA F 190 -68.47 -83.52 -16.98
N THR F 191 -67.25 -83.41 -17.51
CA THR F 191 -66.04 -83.38 -16.73
C THR F 191 -65.79 -82.02 -16.08
N PHE F 192 -66.49 -80.97 -16.50
CA PHE F 192 -66.32 -79.65 -15.92
C PHE F 192 -67.66 -78.92 -15.91
N ALA F 193 -67.74 -77.90 -15.05
CA ALA F 193 -68.89 -77.02 -15.02
C ALA F 193 -68.43 -75.64 -14.55
N PRO F 194 -69.00 -74.57 -15.09
CA PRO F 194 -68.46 -73.23 -14.81
C PRO F 194 -68.83 -72.68 -13.44
N GLN F 195 -67.85 -72.03 -12.81
CA GLN F 195 -68.08 -71.12 -11.68
C GLN F 195 -68.86 -71.76 -10.54
N MET F 196 -68.58 -73.04 -10.27
CA MET F 196 -69.27 -73.72 -9.18
C MET F 196 -68.73 -73.34 -7.81
N ILE F 197 -67.45 -72.97 -7.73
CA ILE F 197 -66.78 -72.69 -6.46
C ILE F 197 -66.74 -71.19 -6.26
N ARG F 198 -67.14 -70.72 -5.09
CA ARG F 198 -67.00 -69.32 -4.70
C ARG F 198 -65.91 -69.22 -3.65
N LEU F 199 -64.85 -68.47 -3.97
CA LEU F 199 -63.69 -68.31 -3.10
C LEU F 199 -63.39 -66.85 -2.85
N GLU F 200 -63.29 -66.46 -1.59
CA GLU F 200 -62.84 -65.13 -1.20
C GLU F 200 -61.62 -65.26 -0.29
N TYR F 201 -60.60 -64.44 -0.54
CA TYR F 201 -59.36 -64.51 0.22
C TYR F 201 -58.67 -63.17 0.12
N VAL F 202 -57.66 -62.98 0.98
CA VAL F 202 -56.76 -61.84 0.89
C VAL F 202 -55.43 -62.32 0.32
N SER F 203 -55.01 -61.73 -0.79
CA SER F 203 -53.67 -61.90 -1.33
C SER F 203 -52.79 -60.73 -0.91
N GLY F 204 -51.48 -60.93 -0.97
CA GLY F 204 -50.51 -59.89 -0.74
C GLY F 204 -49.35 -60.40 0.09
N MET F 205 -48.49 -59.45 0.50
CA MET F 205 -47.39 -59.74 1.41
C MET F 205 -47.37 -58.72 2.53
N LEU F 206 -46.99 -59.17 3.74
CA LEU F 206 -46.78 -58.29 4.89
C LEU F 206 -45.34 -57.78 4.92
N PRO F 207 -45.09 -56.61 5.51
CA PRO F 207 -43.70 -56.19 5.73
C PRO F 207 -43.00 -57.13 6.70
N ARG F 208 -41.73 -57.40 6.43
CA ARG F 208 -41.01 -58.38 7.23
C ARG F 208 -40.80 -57.89 8.66
N LYS F 209 -40.90 -58.82 9.61
CA LYS F 209 -40.83 -58.50 11.03
C LYS F 209 -39.41 -58.32 11.54
N LYS F 210 -38.45 -59.04 10.98
CA LYS F 210 -37.07 -59.03 11.46
C LYS F 210 -36.13 -58.68 10.31
N ALA F 211 -34.97 -58.14 10.69
CA ALA F 211 -33.91 -57.90 9.71
C ALA F 211 -33.47 -59.21 9.07
N GLY F 212 -33.21 -59.17 7.77
CA GLY F 212 -32.55 -60.26 7.09
C GLY F 212 -33.35 -61.53 6.97
N ARG F 213 -34.63 -61.52 7.36
CA ARG F 213 -35.44 -62.73 7.41
C ARG F 213 -36.80 -62.43 6.79
N ASN F 214 -37.47 -63.48 6.31
CA ASN F 214 -38.87 -63.36 5.95
C ASN F 214 -39.57 -64.69 6.13
N LYS F 215 -40.82 -64.62 6.60
CA LYS F 215 -41.73 -65.76 6.52
C LYS F 215 -42.29 -65.86 5.10
N PRO F 216 -42.91 -67.00 4.76
CA PRO F 216 -43.44 -67.15 3.40
C PRO F 216 -44.48 -66.11 3.02
N TRP F 217 -45.16 -65.49 3.99
CA TRP F 217 -46.12 -64.43 3.73
C TRP F 217 -45.52 -63.04 3.88
N GLU F 218 -44.21 -62.93 4.06
CA GLU F 218 -43.54 -61.65 4.21
C GLU F 218 -42.70 -61.35 2.99
N MET F 219 -42.63 -60.08 2.63
CA MET F 219 -41.90 -59.69 1.43
C MET F 219 -40.41 -59.98 1.60
N PRO F 220 -39.77 -60.69 0.68
CA PRO F 220 -38.32 -60.90 0.78
C PRO F 220 -37.57 -59.58 0.71
N PRO F 221 -36.49 -59.42 1.47
CA PRO F 221 -35.78 -58.12 1.46
C PRO F 221 -35.33 -57.67 0.08
N GLU F 222 -35.01 -58.59 -0.81
CA GLU F 222 -34.48 -58.21 -2.11
C GLU F 222 -35.55 -57.80 -3.13
N LEU F 223 -36.81 -58.18 -2.93
CA LEU F 223 -37.85 -57.68 -3.81
C LEU F 223 -38.08 -56.19 -3.62
N GLU F 224 -37.86 -55.71 -2.39
CA GLU F 224 -37.81 -54.27 -2.16
C GLU F 224 -36.75 -53.61 -3.02
N GLN F 225 -35.56 -54.21 -3.06
CA GLN F 225 -34.49 -53.61 -3.83
C GLN F 225 -34.77 -53.69 -5.33
N LEU F 226 -35.44 -54.75 -5.79
CA LEU F 226 -35.85 -54.82 -7.19
C LEU F 226 -36.78 -53.67 -7.55
N VAL F 227 -37.80 -53.42 -6.73
CA VAL F 227 -38.69 -52.31 -6.99
C VAL F 227 -37.94 -50.98 -6.97
N ILE F 228 -36.99 -50.83 -6.05
CA ILE F 228 -36.18 -49.63 -6.03
C ILE F 228 -35.38 -49.48 -7.32
N LYS F 229 -34.76 -50.56 -7.78
CA LYS F 229 -33.98 -50.50 -9.00
C LYS F 229 -34.86 -50.12 -10.20
N TYR F 230 -36.09 -50.63 -10.25
CA TYR F 230 -36.99 -50.22 -11.33
C TYR F 230 -37.29 -48.73 -11.28
N ALA F 231 -37.57 -48.19 -10.09
CA ALA F 231 -37.79 -46.74 -10.00
C ALA F 231 -36.53 -45.97 -10.41
N LEU F 232 -35.38 -46.41 -9.90
CA LEU F 232 -34.13 -45.71 -10.15
C LEU F 232 -33.79 -45.69 -11.63
N LYS F 233 -34.15 -46.74 -12.35
CA LYS F 233 -33.89 -46.77 -13.79
C LYS F 233 -34.64 -45.66 -14.53
N GLU F 234 -35.80 -45.26 -14.03
CA GLU F 234 -36.51 -44.11 -14.62
C GLU F 234 -35.88 -42.79 -14.19
N ILE F 235 -35.52 -42.69 -12.92
CA ILE F 235 -34.96 -41.43 -12.43
C ILE F 235 -33.66 -41.10 -13.14
N TYR F 236 -32.81 -42.10 -13.38
CA TYR F 236 -31.60 -41.86 -14.15
C TYR F 236 -31.89 -41.42 -15.58
N GLN F 237 -32.98 -41.90 -16.18
CA GLN F 237 -33.31 -41.43 -17.52
C GLN F 237 -33.75 -39.97 -17.51
N VAL F 238 -34.41 -39.54 -16.45
CA VAL F 238 -34.72 -38.11 -16.33
C VAL F 238 -33.45 -37.31 -16.14
N TRP F 239 -32.63 -37.71 -15.16
CA TRP F 239 -31.43 -36.96 -14.81
C TRP F 239 -30.45 -36.85 -15.97
N GLY F 240 -30.35 -37.88 -16.81
CA GLY F 240 -29.41 -37.86 -17.91
C GLY F 240 -29.59 -36.73 -18.91
N ASN F 241 -30.76 -36.10 -18.94
CA ASN F 241 -30.95 -34.95 -19.83
C ASN F 241 -30.39 -33.65 -19.29
N LEU F 242 -30.02 -33.57 -18.02
CA LEU F 242 -29.79 -32.29 -17.35
C LEU F 242 -28.33 -32.10 -16.92
N ILE F 243 -27.44 -33.02 -17.26
CA ILE F 243 -26.04 -32.85 -16.87
C ILE F 243 -25.39 -31.74 -17.68
N ILE F 244 -25.84 -31.52 -18.92
CA ILE F 244 -25.30 -30.49 -19.80
C ILE F 244 -26.50 -29.93 -20.56
N GLY F 245 -26.31 -28.76 -21.16
CA GLY F 245 -27.26 -28.24 -22.12
C GLY F 245 -27.67 -29.28 -23.14
N ALA F 246 -28.87 -29.13 -23.68
CA ALA F 246 -29.45 -30.16 -24.54
C ALA F 246 -28.56 -30.47 -25.73
N GLY F 247 -28.35 -31.76 -25.96
CA GLY F 247 -27.73 -32.20 -27.21
C GLY F 247 -26.27 -31.89 -27.38
N ILE F 248 -25.55 -31.58 -26.30
CA ILE F 248 -24.13 -31.26 -26.36
C ILE F 248 -23.34 -32.50 -26.00
N ALA F 249 -22.40 -32.89 -26.86
CA ALA F 249 -21.41 -33.92 -26.58
C ALA F 249 -20.05 -33.34 -26.23
N ASN F 250 -19.67 -32.25 -26.87
CA ASN F 250 -18.42 -31.56 -26.60
C ASN F 250 -18.68 -30.07 -26.64
N LYS F 251 -17.97 -29.31 -25.82
CA LYS F 251 -17.86 -27.88 -26.03
C LYS F 251 -16.46 -27.43 -25.70
N THR F 252 -16.01 -26.41 -26.42
CA THR F 252 -14.87 -25.61 -26.06
C THR F 252 -15.29 -24.16 -26.16
N LEU F 253 -14.96 -23.36 -25.16
CA LEU F 253 -15.16 -21.92 -25.22
C LEU F 253 -13.85 -21.26 -24.81
N GLU F 254 -13.44 -20.25 -25.56
CA GLU F 254 -12.21 -19.52 -25.29
C GLU F 254 -12.49 -18.04 -25.42
N VAL F 255 -12.02 -17.26 -24.45
CA VAL F 255 -12.12 -15.80 -24.50
C VAL F 255 -10.80 -15.23 -24.03
N ASP F 256 -10.19 -14.39 -24.86
CA ASP F 256 -8.98 -13.65 -24.49
C ASP F 256 -7.88 -14.57 -23.96
N GLY F 257 -7.81 -15.79 -24.48
CA GLY F 257 -6.78 -16.73 -24.06
C GLY F 257 -7.09 -17.54 -22.82
N ILE F 258 -8.24 -17.32 -22.19
CA ILE F 258 -8.74 -18.25 -21.17
C ILE F 258 -9.50 -19.34 -21.91
N THR F 259 -9.18 -20.61 -21.61
CA THR F 259 -9.74 -21.74 -22.32
C THR F 259 -10.40 -22.70 -21.35
N GLU F 260 -11.61 -23.13 -21.68
CA GLU F 260 -12.40 -24.07 -20.91
C GLU F 260 -12.94 -25.09 -21.89
N THR F 261 -12.88 -26.37 -21.52
CA THR F 261 -13.21 -27.44 -22.46
C THR F 261 -13.76 -28.64 -21.71
N ILE F 262 -14.80 -29.24 -22.27
CA ILE F 262 -15.52 -30.34 -21.65
C ILE F 262 -15.72 -31.42 -22.71
N GLY F 263 -15.42 -32.66 -22.36
CA GLY F 263 -16.05 -33.79 -23.00
C GLY F 263 -17.01 -34.44 -22.03
N THR F 264 -18.28 -34.56 -22.39
CA THR F 264 -19.28 -35.14 -21.50
C THR F 264 -19.55 -36.59 -21.85
N THR F 265 -20.24 -37.27 -20.94
CA THR F 265 -20.63 -38.66 -21.11
C THR F 265 -21.72 -38.85 -22.16
N GLN F 266 -22.39 -37.79 -22.59
CA GLN F 266 -23.29 -37.88 -23.74
C GLN F 266 -22.51 -38.23 -25.00
N SER F 267 -23.18 -38.87 -25.93
CA SER F 267 -22.61 -39.12 -27.25
C SER F 267 -23.75 -39.36 -28.22
N ALA F 268 -23.39 -39.39 -29.51
CA ALA F 268 -24.40 -39.58 -30.55
C ALA F 268 -25.13 -40.90 -30.42
N MET F 269 -24.50 -41.90 -29.80
CA MET F 269 -25.15 -43.17 -29.49
C MET F 269 -25.71 -43.23 -28.07
N TYR F 270 -24.90 -42.94 -27.06
CA TYR F 270 -25.21 -43.26 -25.68
C TYR F 270 -25.66 -42.02 -24.92
N GLY F 271 -26.71 -42.19 -24.12
CA GLY F 271 -27.20 -41.12 -23.28
C GLY F 271 -26.35 -40.91 -22.05
N GLY F 272 -26.60 -39.78 -21.39
CA GLY F 272 -25.77 -39.38 -20.26
C GLY F 272 -25.72 -40.38 -19.12
N ALA F 273 -26.78 -41.18 -18.97
CA ALA F 273 -26.88 -42.15 -17.88
C ALA F 273 -26.75 -43.59 -18.36
N SER F 274 -26.22 -43.79 -19.56
CA SER F 274 -26.10 -45.13 -20.15
C SER F 274 -25.47 -46.14 -19.19
N ALA F 275 -24.28 -45.83 -18.67
CA ALA F 275 -23.55 -46.80 -17.85
C ALA F 275 -24.33 -47.20 -16.61
N GLN F 276 -24.93 -46.23 -15.93
CA GLN F 276 -25.69 -46.53 -14.72
C GLN F 276 -26.87 -47.42 -15.03
N ILE F 277 -27.58 -47.14 -16.13
CA ILE F 277 -28.71 -47.97 -16.52
C ILE F 277 -28.25 -49.39 -16.86
N LEU F 278 -27.12 -49.52 -17.55
CA LEU F 278 -26.62 -50.87 -17.84
C LEU F 278 -26.31 -51.64 -16.56
N GLN F 279 -25.68 -50.98 -15.59
CA GLN F 279 -25.41 -51.66 -14.33
C GLN F 279 -26.70 -52.03 -13.61
N ILE F 280 -27.66 -51.11 -13.60
CA ILE F 280 -28.95 -51.38 -12.96
C ILE F 280 -29.64 -52.57 -13.62
N ASN F 281 -29.53 -52.68 -14.95
CA ASN F 281 -30.12 -53.82 -15.63
C ASN F 281 -29.42 -55.12 -15.27
N GLU F 282 -28.11 -55.09 -15.06
CA GLU F 282 -27.43 -56.30 -14.60
C GLU F 282 -27.93 -56.71 -13.21
N ASP F 283 -28.04 -55.74 -12.30
CA ASP F 283 -28.54 -56.04 -10.96
C ASP F 283 -29.97 -56.58 -11.02
N ILE F 284 -30.82 -55.96 -11.84
CA ILE F 284 -32.17 -56.45 -12.02
C ILE F 284 -32.17 -57.89 -12.51
N LYS F 285 -31.27 -58.23 -13.44
CA LYS F 285 -31.23 -59.59 -13.95
C LYS F 285 -30.89 -60.58 -12.85
N GLU F 286 -29.89 -60.26 -12.02
CA GLU F 286 -29.57 -61.16 -10.91
C GLU F 286 -30.74 -61.30 -9.94
N LEU F 287 -31.35 -60.18 -9.57
CA LEU F 287 -32.46 -60.23 -8.63
C LEU F 287 -33.62 -61.05 -9.18
N LEU F 288 -33.96 -60.84 -10.46
CA LEU F 288 -35.04 -61.59 -11.07
C LEU F 288 -34.74 -63.07 -11.13
N ASP F 289 -33.51 -63.45 -11.45
CA ASP F 289 -33.17 -64.88 -11.42
C ASP F 289 -33.40 -65.46 -10.03
N GLY F 290 -32.94 -64.75 -9.01
CA GLY F 290 -33.15 -65.24 -7.65
C GLY F 290 -34.61 -65.37 -7.28
N LEU F 291 -35.40 -64.34 -7.58
CA LEU F 291 -36.82 -64.38 -7.23
C LEU F 291 -37.61 -65.37 -8.07
N ARG F 292 -37.23 -65.59 -9.33
CA ARG F 292 -37.86 -66.62 -10.14
C ARG F 292 -37.39 -68.01 -9.78
N ALA F 293 -36.40 -68.13 -8.90
CA ALA F 293 -36.14 -69.40 -8.24
C ALA F 293 -36.95 -69.57 -6.97
N TYR F 294 -37.28 -68.46 -6.31
CA TYR F 294 -38.06 -68.53 -5.07
C TYR F 294 -39.51 -68.89 -5.36
N PHE F 295 -40.16 -68.14 -6.24
CA PHE F 295 -41.43 -68.54 -6.83
C PHE F 295 -41.18 -69.53 -7.96
N GLY F 296 -42.04 -70.53 -8.09
CA GLY F 296 -41.82 -71.62 -8.99
C GLY F 296 -42.29 -71.35 -10.42
N TYR F 297 -42.05 -72.33 -11.28
CA TYR F 297 -42.61 -72.33 -12.62
C TYR F 297 -44.11 -72.63 -12.58
N ASN F 298 -44.87 -71.88 -13.38
CA ASN F 298 -46.30 -72.11 -13.48
C ASN F 298 -46.56 -73.38 -14.29
N MET F 299 -47.56 -74.14 -13.88
CA MET F 299 -47.91 -75.38 -14.56
C MET F 299 -49.39 -75.65 -14.36
N ILE F 300 -50.00 -76.31 -15.34
CA ILE F 300 -51.38 -76.74 -15.23
C ILE F 300 -51.54 -78.09 -15.93
N GLY F 301 -52.41 -78.92 -15.37
CA GLY F 301 -52.80 -80.17 -16.00
C GLY F 301 -54.01 -80.04 -16.90
N LEU F 302 -53.84 -80.36 -18.18
CA LEU F 302 -54.96 -80.45 -19.10
C LEU F 302 -55.57 -81.84 -19.00
N LEU G 17 -27.96 -91.53 30.08
CA LEU G 17 -27.95 -90.22 29.38
C LEU G 17 -28.99 -89.29 29.98
N ASN G 18 -28.64 -88.01 30.07
CA ASN G 18 -29.60 -86.97 30.44
C ASN G 18 -29.41 -85.78 29.50
N TYR G 19 -30.52 -85.16 29.12
CA TYR G 19 -30.50 -84.07 28.16
C TYR G 19 -31.78 -83.27 28.31
N GLU G 20 -31.76 -82.05 27.81
CA GLU G 20 -32.99 -81.29 27.65
C GLU G 20 -33.86 -81.99 26.61
N TYR G 21 -35.14 -82.17 26.94
CA TYR G 21 -35.97 -83.25 26.39
C TYR G 21 -35.83 -83.47 24.88
N PRO G 22 -36.12 -82.48 24.03
CA PRO G 22 -36.13 -82.76 22.59
C PRO G 22 -34.76 -83.05 22.03
N TYR G 23 -33.70 -82.67 22.74
CA TYR G 23 -32.36 -82.60 22.16
C TYR G 23 -31.54 -83.85 22.51
N HIS G 24 -32.00 -84.98 22.01
CA HIS G 24 -31.31 -86.24 22.25
C HIS G 24 -29.88 -86.14 21.70
N PRO G 25 -28.84 -86.46 22.48
CA PRO G 25 -27.48 -86.14 22.04
C PRO G 25 -27.05 -86.77 20.72
N SER G 26 -27.63 -87.92 20.35
CA SER G 26 -27.24 -88.58 19.11
C SER G 26 -28.03 -88.07 17.91
N GLY G 27 -29.36 -88.02 18.03
CA GLY G 27 -30.20 -87.79 16.88
C GLY G 27 -30.53 -86.33 16.64
N ASN G 28 -30.53 -85.52 17.69
CA ASN G 28 -30.92 -84.12 17.59
C ASN G 28 -30.16 -83.28 18.61
N PRO G 29 -28.82 -83.28 18.59
CA PRO G 29 -28.07 -82.50 19.57
C PRO G 29 -28.42 -81.01 19.52
N LYS G 30 -28.47 -80.40 20.69
CA LYS G 30 -28.72 -78.97 20.80
C LYS G 30 -27.49 -78.18 20.36
N HIS G 31 -27.71 -77.24 19.43
CA HIS G 31 -26.65 -76.36 18.98
C HIS G 31 -26.85 -74.90 19.35
N ILE G 32 -28.09 -74.47 19.62
CA ILE G 32 -28.35 -73.09 20.01
C ILE G 32 -29.53 -73.08 20.98
N ASP G 33 -29.50 -72.12 21.90
CA ASP G 33 -30.65 -71.83 22.74
C ASP G 33 -31.60 -70.86 22.06
N VAL G 34 -32.90 -71.10 22.24
CA VAL G 34 -33.92 -70.24 21.67
C VAL G 34 -33.93 -68.83 22.22
N SER G 35 -33.16 -68.55 23.29
CA SER G 35 -32.96 -67.17 23.71
C SER G 35 -31.99 -66.43 22.78
N GLU G 36 -31.00 -67.12 22.24
CA GLU G 36 -29.94 -66.46 21.48
C GLU G 36 -30.39 -66.02 20.10
N ILE G 37 -31.42 -66.66 19.54
CA ILE G 37 -31.89 -66.30 18.21
C ILE G 37 -32.43 -64.88 18.17
N ASP G 38 -32.84 -64.34 19.32
CA ASP G 38 -33.22 -62.93 19.39
C ASP G 38 -32.00 -62.02 19.55
N ASN G 39 -30.91 -62.53 20.10
CA ASN G 39 -29.76 -61.69 20.44
C ASN G 39 -28.73 -61.62 19.33
N LEU G 40 -28.66 -62.62 18.45
CA LEU G 40 -27.68 -62.59 17.38
C LEU G 40 -27.95 -61.45 16.40
N THR G 41 -26.86 -60.90 15.86
CA THR G 41 -26.91 -59.71 15.01
C THR G 41 -26.02 -59.93 13.81
N LEU G 42 -26.22 -59.10 12.78
CA LEU G 42 -25.33 -59.10 11.62
C LEU G 42 -23.88 -58.90 12.04
N ALA G 43 -23.64 -58.08 13.06
CA ALA G 43 -22.27 -57.81 13.47
C ALA G 43 -21.56 -59.05 14.02
N ASP G 44 -22.32 -59.97 14.62
CA ASP G 44 -21.70 -61.19 15.13
C ASP G 44 -21.16 -62.07 14.00
N TYR G 45 -21.72 -61.95 12.80
CA TYR G 45 -21.19 -62.65 11.63
C TYR G 45 -20.10 -61.89 10.92
N GLY G 46 -19.65 -60.76 11.45
CA GLY G 46 -18.61 -59.99 10.81
C GLY G 46 -19.08 -59.08 9.70
N TRP G 47 -20.39 -58.92 9.52
CA TRP G 47 -20.94 -57.93 8.60
C TRP G 47 -21.14 -56.62 9.34
N SER G 48 -20.29 -55.64 9.06
CA SER G 48 -20.31 -54.34 9.67
C SER G 48 -19.84 -53.32 8.64
N PRO G 49 -20.27 -52.06 8.74
CA PRO G 49 -19.74 -51.05 7.82
C PRO G 49 -18.22 -50.99 7.79
N ASP G 50 -17.57 -51.20 8.93
CA ASP G 50 -16.10 -51.16 8.95
C ASP G 50 -15.50 -52.31 8.15
N ALA G 51 -16.14 -53.49 8.19
CA ALA G 51 -15.67 -54.60 7.37
C ALA G 51 -15.80 -54.31 5.88
N VAL G 52 -16.80 -53.52 5.48
CA VAL G 52 -16.85 -53.06 4.10
C VAL G 52 -15.72 -52.07 3.83
N LYS G 53 -15.61 -51.04 4.68
CA LYS G 53 -14.64 -49.99 4.45
C LYS G 53 -13.23 -50.53 4.35
N ALA G 54 -12.92 -51.60 5.08
CA ALA G 54 -11.61 -52.22 4.97
C ALA G 54 -11.28 -52.61 3.54
N TYR G 55 -12.26 -53.12 2.79
CA TYR G 55 -12.02 -53.47 1.39
C TYR G 55 -11.88 -52.27 0.47
N MET G 56 -12.15 -51.06 0.94
CA MET G 56 -11.91 -49.84 0.19
C MET G 56 -10.91 -48.94 0.90
N PHE G 57 -9.97 -49.55 1.61
CA PHE G 57 -8.89 -48.86 2.29
C PHE G 57 -8.25 -47.82 1.37
N GLY G 58 -8.20 -46.59 1.85
CA GLY G 58 -7.68 -45.48 1.08
C GLY G 58 -8.69 -44.77 0.19
N ILE G 59 -9.97 -45.09 0.29
CA ILE G 59 -11.03 -44.35 -0.39
C ILE G 59 -11.97 -43.81 0.69
N VAL G 60 -12.59 -42.66 0.40
CA VAL G 60 -13.72 -42.16 1.18
C VAL G 60 -14.83 -41.77 0.21
N VAL G 61 -16.07 -42.06 0.61
CA VAL G 61 -17.26 -41.72 -0.18
C VAL G 61 -17.86 -40.45 0.41
N GLN G 62 -17.92 -39.40 -0.39
CA GLN G 62 -18.05 -38.06 0.17
C GLN G 62 -18.80 -37.17 -0.81
N ASN G 63 -19.82 -36.49 -0.31
CA ASN G 63 -20.69 -35.66 -1.14
C ASN G 63 -19.91 -34.46 -1.65
N PRO G 64 -19.69 -34.30 -2.96
CA PRO G 64 -18.83 -33.20 -3.42
C PRO G 64 -19.37 -31.81 -3.14
N ASP G 65 -20.66 -31.67 -2.83
CA ASP G 65 -21.21 -30.35 -2.51
C ASP G 65 -21.09 -29.99 -1.04
N THR G 66 -20.75 -30.94 -0.16
CA THR G 66 -20.72 -30.67 1.27
C THR G 66 -19.54 -31.30 1.99
N GLY G 67 -18.83 -32.25 1.40
CA GLY G 67 -17.77 -32.94 2.10
C GLY G 67 -18.23 -33.91 3.18
N GLN G 68 -19.52 -34.10 3.36
CA GLN G 68 -19.99 -35.01 4.38
C GLN G 68 -19.78 -36.46 3.94
N PRO G 69 -19.25 -37.33 4.80
CA PRO G 69 -19.19 -38.75 4.44
C PRO G 69 -20.57 -39.40 4.48
N MET G 70 -20.72 -40.45 3.68
CA MET G 70 -21.97 -41.20 3.67
C MET G 70 -22.22 -41.88 5.02
N GLY G 71 -23.47 -41.82 5.47
CA GLY G 71 -23.82 -42.34 6.77
C GLY G 71 -23.88 -43.86 6.81
N ASP G 72 -23.50 -44.41 7.96
CA ASP G 72 -23.49 -45.86 8.15
C ASP G 72 -24.87 -46.49 8.01
N GLU G 73 -25.95 -45.72 8.13
CA GLU G 73 -27.28 -46.27 7.92
C GLU G 73 -27.39 -46.91 6.55
N PHE G 74 -26.83 -46.26 5.53
CA PHE G 74 -26.86 -46.83 4.19
C PHE G 74 -26.07 -48.12 4.13
N TYR G 75 -24.92 -48.18 4.81
CA TYR G 75 -24.14 -49.41 4.84
C TYR G 75 -24.93 -50.56 5.45
N ASN G 76 -25.60 -50.30 6.58
CA ASN G 76 -26.41 -51.35 7.21
C ASN G 76 -27.56 -51.80 6.32
N HIS G 77 -28.25 -50.83 5.70
CA HIS G 77 -29.32 -51.16 4.76
C HIS G 77 -28.81 -52.05 3.62
N ILE G 78 -27.70 -51.66 3.01
CA ILE G 78 -27.14 -52.44 1.91
C ILE G 78 -26.74 -53.82 2.38
N LEU G 79 -26.14 -53.92 3.58
CA LEU G 79 -25.75 -55.23 4.09
C LEU G 79 -26.96 -56.13 4.29
N GLU G 80 -28.04 -55.61 4.84
CA GLU G 80 -29.23 -56.44 5.07
C GLU G 80 -29.82 -56.93 3.75
N ARG G 81 -29.78 -56.10 2.71
CA ARG G 81 -30.26 -56.57 1.41
C ARG G 81 -29.27 -57.54 0.78
N ALA G 82 -27.98 -57.33 0.96
CA ALA G 82 -26.99 -58.27 0.43
C ALA G 82 -27.14 -59.65 1.07
N VAL G 83 -27.47 -59.69 2.36
CA VAL G 83 -27.77 -60.97 2.99
C VAL G 83 -29.01 -61.61 2.37
N GLY G 84 -30.05 -60.82 2.11
CA GLY G 84 -31.20 -61.38 1.41
C GLY G 84 -30.85 -61.95 0.05
N LYS G 85 -30.03 -61.22 -0.71
CA LYS G 85 -29.58 -61.71 -2.01
C LYS G 85 -28.82 -63.02 -1.86
N ALA G 86 -27.89 -63.09 -0.91
CA ALA G 86 -27.14 -64.32 -0.72
C ALA G 86 -28.06 -65.48 -0.34
N GLU G 87 -29.07 -65.22 0.48
CA GLU G 87 -30.06 -66.24 0.82
C GLU G 87 -30.99 -66.62 -0.32
N ARG G 88 -30.94 -65.90 -1.45
CA ARG G 88 -31.71 -66.34 -2.63
C ARG G 88 -30.85 -66.89 -3.76
N ALA G 89 -29.60 -66.43 -3.89
CA ALA G 89 -28.70 -67.05 -4.86
C ALA G 89 -28.41 -68.50 -4.48
N LEU G 90 -28.42 -68.80 -3.20
CA LEU G 90 -28.32 -70.16 -2.70
C LEU G 90 -29.57 -70.46 -1.88
N ASP G 91 -30.06 -71.68 -1.99
CA ASP G 91 -31.33 -72.06 -1.38
C ASP G 91 -31.14 -72.40 0.11
N ILE G 92 -30.82 -71.37 0.88
CA ILE G 92 -30.35 -71.54 2.26
C ILE G 92 -31.00 -70.51 3.16
N SER G 93 -30.96 -70.78 4.47
CA SER G 93 -31.29 -69.82 5.51
C SER G 93 -30.00 -69.51 6.27
N ILE G 94 -29.53 -68.26 6.16
CA ILE G 94 -28.30 -67.87 6.82
C ILE G 94 -28.55 -67.52 8.28
N LEU G 95 -29.36 -66.49 8.54
CA LEU G 95 -29.58 -66.03 9.90
C LEU G 95 -30.58 -66.92 10.64
N PRO G 96 -30.32 -67.26 11.91
CA PRO G 96 -31.24 -68.14 12.65
C PRO G 96 -32.66 -67.61 12.71
N ASP G 97 -33.62 -68.51 12.48
CA ASP G 97 -35.04 -68.19 12.65
C ASP G 97 -35.80 -69.46 12.96
N THR G 98 -36.92 -69.31 13.66
CA THR G 98 -37.80 -70.42 13.97
C THR G 98 -38.78 -70.63 12.82
N GLN G 99 -38.78 -71.85 12.27
CA GLN G 99 -39.67 -72.23 11.18
C GLN G 99 -40.73 -73.20 11.67
N HIS G 100 -41.98 -72.96 11.27
CA HIS G 100 -43.11 -73.84 11.57
C HIS G 100 -43.71 -74.28 10.24
N GLU G 101 -43.68 -75.58 9.96
CA GLU G 101 -44.15 -76.15 8.70
C GLU G 101 -45.22 -77.20 8.93
N MET G 102 -46.24 -77.16 8.07
CA MET G 102 -47.22 -78.23 7.93
C MET G 102 -46.96 -78.94 6.60
N ARG G 103 -46.59 -80.21 6.67
CA ARG G 103 -46.08 -80.95 5.52
C ARG G 103 -47.04 -82.08 5.15
N ASP G 104 -47.10 -82.38 3.86
CA ASP G 104 -48.05 -83.36 3.33
C ASP G 104 -47.58 -84.79 3.55
N TYR G 105 -48.54 -85.68 3.76
CA TYR G 105 -48.30 -87.11 3.69
C TYR G 105 -48.10 -87.54 2.24
N HIS G 106 -46.99 -88.22 1.96
CA HIS G 106 -46.77 -88.95 0.73
C HIS G 106 -46.36 -90.38 1.07
N GLU G 107 -47.02 -91.34 0.42
CA GLU G 107 -46.91 -92.74 0.84
C GLU G 107 -45.48 -93.26 0.70
N THR G 108 -44.83 -92.99 -0.43
CA THR G 108 -43.48 -93.49 -0.65
C THR G 108 -42.52 -92.96 0.41
N GLU G 109 -42.53 -91.65 0.65
CA GLU G 109 -41.59 -91.08 1.60
C GLU G 109 -41.98 -91.39 3.03
N PHE G 110 -43.28 -91.52 3.31
CA PHE G 110 -43.69 -91.95 4.64
C PHE G 110 -43.21 -93.36 4.93
N ASN G 111 -43.30 -94.24 3.95
CA ASN G 111 -42.75 -95.59 4.10
C ASN G 111 -41.23 -95.58 4.20
N SER G 112 -40.58 -94.58 3.62
CA SER G 112 -39.12 -94.48 3.64
C SER G 112 -38.61 -93.88 4.96
N TYR G 113 -38.99 -94.53 6.06
CA TYR G 113 -38.61 -94.07 7.41
C TYR G 113 -39.12 -92.66 7.69
N MET G 114 -40.33 -92.36 7.21
CA MET G 114 -40.96 -91.07 7.47
C MET G 114 -40.06 -89.92 7.01
N PHE G 115 -39.53 -90.06 5.80
CA PHE G 115 -38.62 -89.06 5.27
C PHE G 115 -39.38 -87.77 5.01
N VAL G 116 -38.84 -86.66 5.51
CA VAL G 116 -39.32 -85.32 5.16
C VAL G 116 -38.10 -84.44 4.89
N HIS G 117 -38.17 -83.66 3.83
CA HIS G 117 -37.18 -82.63 3.53
C HIS G 117 -37.70 -81.28 3.98
N ALA G 118 -36.96 -80.60 4.84
CA ALA G 118 -37.35 -79.27 5.27
C ALA G 118 -37.25 -78.29 4.11
N TYR G 119 -38.12 -77.27 4.13
CA TYR G 119 -38.05 -76.22 3.12
C TYR G 119 -36.81 -75.36 3.27
N ARG G 120 -36.29 -75.23 4.49
CA ARG G 120 -35.16 -74.37 4.80
C ARG G 120 -34.05 -75.20 5.41
N LYS G 121 -32.81 -74.86 5.07
CA LYS G 121 -31.65 -75.60 5.55
C LYS G 121 -30.51 -74.62 5.75
N PRO G 122 -29.51 -74.95 6.59
CA PRO G 122 -29.37 -76.09 7.50
C PRO G 122 -30.37 -76.12 8.65
N ILE G 123 -30.58 -77.30 9.24
CA ILE G 123 -31.30 -77.43 10.50
C ILE G 123 -30.30 -77.24 11.64
N LEU G 124 -30.55 -76.26 12.50
CA LEU G 124 -29.81 -76.18 13.75
C LEU G 124 -30.30 -77.21 14.75
N GLN G 125 -31.61 -77.27 14.96
CA GLN G 125 -32.19 -78.33 15.77
C GLN G 125 -33.68 -78.41 15.45
N VAL G 126 -34.26 -79.59 15.73
CA VAL G 126 -35.70 -79.80 15.64
C VAL G 126 -36.33 -79.50 16.99
N GLU G 127 -37.44 -78.76 16.97
CA GLU G 127 -38.13 -78.35 18.19
C GLU G 127 -39.36 -79.18 18.47
N ASN G 128 -40.10 -79.59 17.44
CA ASN G 128 -41.27 -80.41 17.63
C ASN G 128 -41.55 -81.17 16.36
N LEU G 129 -42.14 -82.36 16.50
CA LEU G 129 -42.52 -83.18 15.35
C LEU G 129 -43.70 -84.04 15.76
N GLN G 130 -44.82 -83.89 15.07
CA GLN G 130 -46.04 -84.58 15.47
C GLN G 130 -46.86 -84.90 14.23
N LEU G 131 -47.67 -85.95 14.36
CA LEU G 131 -48.69 -86.30 13.38
C LEU G 131 -50.02 -85.90 13.97
N GLN G 132 -50.83 -85.19 13.19
CA GLN G 132 -51.99 -84.50 13.74
C GLN G 132 -53.13 -84.53 12.75
N PHE G 133 -54.32 -84.23 13.27
CA PHE G 133 -55.56 -84.23 12.50
C PHE G 133 -56.44 -83.11 13.03
N ASN G 134 -56.65 -82.08 12.19
CA ASN G 134 -57.37 -80.88 12.60
C ASN G 134 -56.76 -80.26 13.86
N GLY G 135 -55.43 -80.30 13.94
CA GLY G 135 -54.70 -79.75 15.07
C GLY G 135 -54.64 -80.62 16.30
N ARG G 136 -55.40 -81.71 16.34
CA ARG G 136 -55.27 -82.66 17.44
C ARG G 136 -54.07 -83.55 17.21
N PRO G 137 -53.16 -83.69 18.18
CA PRO G 137 -52.07 -84.68 18.01
C PRO G 137 -52.64 -86.08 17.96
N ILE G 138 -52.40 -86.78 16.85
CA ILE G 138 -52.75 -88.18 16.75
C ILE G 138 -51.64 -89.04 17.33
N TYR G 139 -50.39 -88.66 17.12
CA TYR G 139 -49.29 -89.29 17.83
C TYR G 139 -48.15 -88.29 17.97
N LYS G 140 -47.43 -88.39 19.08
CA LYS G 140 -46.24 -87.59 19.35
C LYS G 140 -45.04 -88.53 19.35
N TYR G 141 -44.15 -88.33 18.38
CA TYR G 141 -43.03 -89.25 18.23
C TYR G 141 -41.99 -89.02 19.33
N PRO G 142 -41.53 -90.07 20.02
CA PRO G 142 -40.48 -89.87 21.02
C PRO G 142 -39.22 -89.25 20.43
N ALA G 143 -38.65 -88.30 21.18
CA ALA G 143 -37.48 -87.56 20.68
C ALA G 143 -36.31 -88.48 20.41
N ASN G 144 -36.22 -89.62 21.11
CA ASN G 144 -35.15 -90.56 20.86
C ASN G 144 -35.29 -91.27 19.52
N TRP G 145 -36.41 -91.12 18.83
CA TRP G 145 -36.55 -91.65 17.48
C TRP G 145 -36.05 -90.68 16.41
N TRP G 146 -35.96 -89.39 16.72
CA TRP G 146 -35.66 -88.39 15.70
C TRP G 146 -34.22 -88.54 15.20
N LYS G 147 -34.08 -88.61 13.89
CA LYS G 147 -32.79 -88.60 13.21
C LYS G 147 -32.71 -87.36 12.35
N VAL G 148 -31.66 -86.56 12.55
CA VAL G 148 -31.49 -85.29 11.85
C VAL G 148 -30.17 -85.30 11.11
N GLU G 149 -30.19 -84.85 9.86
CA GLU G 149 -29.00 -84.53 9.08
C GLU G 149 -29.04 -83.04 8.81
N HIS G 150 -28.10 -82.31 9.41
CA HIS G 150 -28.26 -80.87 9.58
C HIS G 150 -28.02 -80.11 8.29
N LEU G 151 -26.90 -80.35 7.62
CA LEU G 151 -26.60 -79.61 6.40
C LEU G 151 -27.51 -80.02 5.25
N ALA G 152 -27.93 -81.28 5.20
CA ALA G 152 -28.83 -81.70 4.14
C ALA G 152 -30.22 -81.13 4.30
N GLY G 153 -30.68 -80.95 5.54
CA GLY G 153 -32.06 -80.59 5.79
C GLY G 153 -33.03 -81.74 5.79
N HIS G 154 -32.58 -82.92 6.24
CA HIS G 154 -33.38 -84.13 6.23
C HIS G 154 -33.75 -84.53 7.66
N VAL G 155 -34.99 -84.99 7.84
CA VAL G 155 -35.43 -85.56 9.10
C VAL G 155 -36.06 -86.91 8.82
N GLN G 156 -35.76 -87.88 9.69
CA GLN G 156 -36.33 -89.22 9.59
C GLN G 156 -36.63 -89.74 10.97
N LEU G 157 -37.44 -90.80 11.02
CA LEU G 157 -37.70 -91.56 12.24
C LEU G 157 -37.12 -92.96 12.10
N PHE G 158 -36.49 -93.45 13.15
CA PHE G 158 -36.06 -94.85 13.24
C PHE G 158 -36.63 -95.41 14.54
N PRO G 159 -37.83 -95.99 14.50
CA PRO G 159 -38.51 -96.33 15.76
C PRO G 159 -37.76 -97.37 16.58
N THR G 160 -37.67 -97.10 17.88
CA THR G 160 -37.08 -98.06 18.81
C THR G 160 -38.06 -99.16 19.17
N ALA G 161 -39.35 -98.83 19.28
CA ALA G 161 -40.37 -99.74 19.78
C ALA G 161 -39.95 -100.40 21.09
N GLY G 189 -56.35 -94.98 1.49
CA GLY G 189 -57.18 -94.96 0.30
C GLY G 189 -56.72 -93.99 -0.76
N ALA G 190 -55.68 -93.21 -0.45
CA ALA G 190 -55.07 -92.32 -1.43
C ALA G 190 -53.58 -92.25 -1.18
N THR G 191 -52.84 -91.89 -2.22
CA THR G 191 -51.39 -91.88 -2.15
C THR G 191 -50.84 -90.66 -1.42
N PHE G 192 -51.64 -89.62 -1.21
CA PHE G 192 -51.20 -88.44 -0.48
C PHE G 192 -52.36 -87.85 0.29
N ALA G 193 -52.03 -87.04 1.29
CA ALA G 193 -53.02 -86.29 2.04
C ALA G 193 -52.39 -85.00 2.55
N PRO G 194 -53.13 -83.90 2.59
CA PRO G 194 -52.49 -82.61 2.90
C PRO G 194 -52.20 -82.41 4.39
N GLN G 195 -51.03 -81.82 4.65
CA GLN G 195 -50.70 -81.23 5.94
C GLN G 195 -50.89 -82.18 7.11
N MET G 196 -50.54 -83.45 6.89
CA MET G 196 -50.67 -84.44 7.96
C MET G 196 -49.57 -84.31 8.99
N ILE G 197 -48.39 -83.84 8.59
CA ILE G 197 -47.21 -83.79 9.45
C ILE G 197 -47.04 -82.37 9.94
N ARG G 198 -46.84 -82.21 11.25
CA ARG G 198 -46.50 -80.93 11.87
C ARG G 198 -45.04 -80.95 12.29
N LEU G 199 -44.25 -80.05 11.72
CA LEU G 199 -42.81 -79.97 11.97
C LEU G 199 -42.43 -78.56 12.41
N GLU G 200 -41.76 -78.45 13.55
CA GLU G 200 -41.18 -77.20 14.01
C GLU G 200 -39.68 -77.38 14.20
N TYR G 201 -38.91 -76.40 13.72
CA TYR G 201 -37.46 -76.49 13.79
C TYR G 201 -36.86 -75.09 13.71
N VAL G 202 -35.59 -75.00 14.06
CA VAL G 202 -34.78 -73.79 13.85
C VAL G 202 -33.87 -74.01 12.66
N SER G 203 -33.97 -73.16 11.66
CA SER G 203 -33.02 -73.11 10.56
C SER G 203 -32.02 -72.00 10.80
N GLY G 204 -30.88 -72.08 10.13
CA GLY G 204 -29.88 -71.03 10.12
C GLY G 204 -28.48 -71.59 10.22
N MET G 205 -27.52 -70.69 10.36
CA MET G 205 -26.12 -71.03 10.65
C MET G 205 -25.63 -70.24 11.85
N LEU G 206 -24.74 -70.87 12.62
CA LEU G 206 -24.02 -70.18 13.68
C LEU G 206 -22.72 -69.58 13.16
N PRO G 207 -22.20 -68.51 13.76
CA PRO G 207 -20.85 -68.06 13.42
C PRO G 207 -19.80 -69.08 13.83
N ARG G 208 -18.82 -69.29 12.96
CA ARG G 208 -17.83 -70.33 13.16
C ARG G 208 -16.99 -70.07 14.41
N LYS G 209 -16.62 -71.16 15.08
CA LYS G 209 -15.92 -71.09 16.35
C LYS G 209 -14.40 -71.04 16.21
N LYS G 210 -13.84 -71.50 15.09
CA LYS G 210 -12.41 -71.50 14.88
C LYS G 210 -12.07 -70.81 13.57
N ALA G 211 -10.86 -70.31 13.47
CA ALA G 211 -10.39 -69.72 12.22
C ALA G 211 -10.28 -70.80 11.15
N GLY G 212 -10.71 -70.46 9.94
CA GLY G 212 -10.49 -71.31 8.79
C GLY G 212 -11.30 -72.58 8.77
N ARG G 213 -12.20 -72.79 9.75
CA ARG G 213 -12.92 -74.04 9.89
C ARG G 213 -14.39 -73.75 10.15
N ASN G 214 -15.25 -74.65 9.70
CA ASN G 214 -16.66 -74.59 10.02
C ASN G 214 -17.21 -76.00 10.18
N LYS G 215 -18.07 -76.18 11.18
CA LYS G 215 -18.92 -77.36 11.25
C LYS G 215 -20.06 -77.23 10.25
N PRO G 216 -20.74 -78.33 9.94
CA PRO G 216 -21.83 -78.27 8.96
C PRO G 216 -22.93 -77.29 9.32
N TRP G 217 -23.10 -76.95 10.59
CA TRP G 217 -24.07 -75.96 11.03
C TRP G 217 -23.44 -74.57 11.21
N GLU G 218 -22.19 -74.39 10.82
CA GLU G 218 -21.48 -73.13 10.96
C GLU G 218 -21.24 -72.50 9.59
N MET G 219 -21.25 -71.18 9.56
CA MET G 219 -21.16 -70.46 8.30
C MET G 219 -19.77 -70.65 7.68
N PRO G 220 -19.67 -71.01 6.39
CA PRO G 220 -18.36 -71.05 5.74
C PRO G 220 -17.72 -69.67 5.72
N PRO G 221 -16.40 -69.57 5.90
CA PRO G 221 -15.76 -68.24 5.82
C PRO G 221 -15.98 -67.53 4.50
N GLU G 222 -16.08 -68.25 3.39
CA GLU G 222 -16.25 -67.62 2.09
C GLU G 222 -17.64 -67.04 1.86
N LEU G 223 -18.65 -67.51 2.58
CA LEU G 223 -19.98 -66.93 2.39
C LEU G 223 -20.05 -65.53 2.98
N GLU G 224 -19.32 -65.30 4.07
CA GLU G 224 -19.14 -63.95 4.58
C GLU G 224 -18.55 -63.04 3.51
N GLN G 225 -17.50 -63.52 2.83
CA GLN G 225 -16.89 -62.71 1.79
C GLN G 225 -17.84 -62.49 0.62
N LEU G 226 -18.69 -63.47 0.31
CA LEU G 226 -19.69 -63.28 -0.73
C LEU G 226 -20.66 -62.16 -0.37
N VAL G 227 -21.16 -62.14 0.86
CA VAL G 227 -22.07 -61.08 1.26
C VAL G 227 -21.37 -59.73 1.25
N ILE G 228 -20.11 -59.70 1.69
CA ILE G 228 -19.34 -58.45 1.63
C ILE G 228 -19.24 -57.98 0.20
N LYS G 229 -18.92 -58.88 -0.73
CA LYS G 229 -18.77 -58.48 -2.13
C LYS G 229 -20.07 -57.97 -2.72
N TYR G 230 -21.21 -58.57 -2.32
CA TYR G 230 -22.49 -58.04 -2.78
C TYR G 230 -22.73 -56.62 -2.29
N ALA G 231 -22.45 -56.35 -1.02
CA ALA G 231 -22.57 -54.98 -0.53
C ALA G 231 -21.62 -54.04 -1.25
N LEU G 232 -20.38 -54.48 -1.41
CA LEU G 232 -19.34 -53.65 -2.00
C LEU G 232 -19.66 -53.26 -3.43
N LYS G 233 -20.30 -54.16 -4.18
CA LYS G 233 -20.72 -53.80 -5.54
C LYS G 233 -21.67 -52.61 -5.56
N GLU G 234 -22.56 -52.51 -4.58
CA GLU G 234 -23.47 -51.37 -4.53
C GLU G 234 -22.73 -50.12 -4.08
N ILE G 235 -21.84 -50.25 -3.11
CA ILE G 235 -21.10 -49.07 -2.66
C ILE G 235 -20.24 -48.51 -3.79
N TYR G 236 -19.62 -49.40 -4.58
CA TYR G 236 -18.89 -48.93 -5.76
C TYR G 236 -19.80 -48.30 -6.79
N GLN G 237 -21.04 -48.76 -6.93
CA GLN G 237 -21.94 -48.07 -7.86
C GLN G 237 -22.24 -46.66 -7.39
N VAL G 238 -22.42 -46.46 -6.09
CA VAL G 238 -22.63 -45.12 -5.57
C VAL G 238 -21.39 -44.26 -5.79
N TRP G 239 -20.24 -44.75 -5.32
CA TRP G 239 -19.01 -43.96 -5.38
C TRP G 239 -18.58 -43.62 -6.80
N GLY G 240 -18.86 -44.48 -7.77
CA GLY G 240 -18.48 -44.21 -9.15
C GLY G 240 -19.12 -42.98 -9.77
N ASN G 241 -20.16 -42.42 -9.15
CA ASN G 241 -20.73 -41.16 -9.64
C ASN G 241 -20.00 -39.93 -9.13
N LEU G 242 -19.22 -40.04 -8.06
CA LEU G 242 -18.76 -38.88 -7.32
C LEU G 242 -17.27 -38.59 -7.49
N ILE G 243 -16.51 -39.50 -8.08
CA ILE G 243 -15.07 -39.27 -8.27
C ILE G 243 -14.79 -38.00 -9.04
N ILE G 244 -15.71 -37.59 -9.92
CA ILE G 244 -15.48 -36.51 -10.85
C ILE G 244 -16.81 -35.76 -10.97
N GLY G 245 -16.73 -34.52 -11.47
CA GLY G 245 -17.93 -33.79 -11.80
C GLY G 245 -18.88 -34.63 -12.65
N ALA G 246 -20.16 -34.59 -12.32
CA ALA G 246 -21.13 -35.49 -12.92
C ALA G 246 -21.19 -35.34 -14.43
N GLY G 247 -21.05 -36.46 -15.13
CA GLY G 247 -21.16 -36.44 -16.58
C GLY G 247 -19.98 -35.86 -17.33
N ILE G 248 -18.81 -35.75 -16.70
CA ILE G 248 -17.60 -35.27 -17.35
C ILE G 248 -16.72 -36.46 -17.68
N ALA G 249 -16.30 -36.53 -18.95
CA ALA G 249 -15.35 -37.52 -19.43
C ALA G 249 -13.97 -36.95 -19.69
N ASN G 250 -13.88 -35.69 -20.08
CA ASN G 250 -12.62 -34.99 -20.26
C ASN G 250 -12.78 -33.56 -19.82
N LYS G 251 -11.71 -32.99 -19.27
CA LYS G 251 -11.70 -31.57 -18.93
C LYS G 251 -10.32 -31.01 -19.26
N THR G 252 -10.32 -29.76 -19.71
CA THR G 252 -9.09 -28.99 -19.87
C THR G 252 -9.36 -27.57 -19.43
N LEU G 253 -8.44 -27.00 -18.66
CA LEU G 253 -8.54 -25.62 -18.23
C LEU G 253 -7.19 -24.94 -18.41
N GLU G 254 -7.20 -23.74 -18.99
CA GLU G 254 -5.99 -22.94 -19.17
C GLU G 254 -6.28 -21.53 -18.70
N VAL G 255 -5.52 -21.06 -17.72
CA VAL G 255 -5.72 -19.73 -17.14
C VAL G 255 -4.35 -19.16 -16.82
N ASP G 256 -4.04 -18.02 -17.44
CA ASP G 256 -2.88 -17.20 -17.08
C ASP G 256 -1.59 -18.00 -16.95
N GLY G 257 -1.34 -18.87 -17.92
CA GLY G 257 -0.13 -19.65 -17.94
C GLY G 257 -0.12 -20.90 -17.07
N ILE G 258 -1.24 -21.23 -16.44
CA ILE G 258 -1.43 -22.52 -15.78
C ILE G 258 -2.38 -23.32 -16.66
N THR G 259 -2.01 -24.56 -16.95
CA THR G 259 -2.81 -25.45 -17.78
C THR G 259 -2.95 -26.79 -17.09
N GLU G 260 -4.17 -27.32 -17.11
CA GLU G 260 -4.46 -28.65 -16.59
C GLU G 260 -5.33 -29.39 -17.58
N THR G 261 -5.05 -30.68 -17.77
CA THR G 261 -5.88 -31.57 -18.55
C THR G 261 -6.03 -32.86 -17.77
N ILE G 262 -7.26 -33.37 -17.68
CA ILE G 262 -7.55 -34.61 -16.99
C ILE G 262 -8.39 -35.48 -17.91
N GLY G 263 -8.00 -36.75 -18.05
CA GLY G 263 -8.87 -37.79 -18.55
C GLY G 263 -9.31 -38.70 -17.42
N THR G 264 -10.61 -38.88 -17.28
CA THR G 264 -11.15 -39.73 -16.24
C THR G 264 -11.47 -41.12 -16.77
N THR G 265 -11.66 -42.05 -15.84
CA THR G 265 -12.16 -43.38 -16.16
C THR G 265 -13.62 -43.39 -16.59
N GLN G 266 -14.39 -42.35 -16.28
CA GLN G 266 -15.72 -42.21 -16.86
C GLN G 266 -15.64 -42.11 -18.37
N SER G 267 -16.68 -42.61 -19.03
CA SER G 267 -16.79 -42.51 -20.48
C SER G 267 -18.24 -42.69 -20.86
N ALA G 268 -18.54 -42.38 -22.11
CA ALA G 268 -19.91 -42.48 -22.61
C ALA G 268 -20.45 -43.91 -22.55
N MET G 269 -19.56 -44.91 -22.59
CA MET G 269 -19.96 -46.30 -22.38
C MET G 269 -19.88 -46.72 -20.92
N TYR G 270 -18.74 -46.50 -20.26
CA TYR G 270 -18.43 -47.11 -18.98
C TYR G 270 -18.45 -46.09 -17.85
N GLY G 271 -19.01 -46.50 -16.71
CA GLY G 271 -18.99 -45.69 -15.53
C GLY G 271 -17.66 -45.78 -14.80
N GLY G 272 -17.45 -44.83 -13.89
CA GLY G 272 -16.16 -44.69 -13.24
C GLY G 272 -15.70 -45.92 -12.49
N ALA G 273 -16.64 -46.72 -11.96
CA ALA G 273 -16.30 -47.91 -11.19
C ALA G 273 -16.53 -49.20 -11.97
N SER G 274 -16.64 -49.13 -13.29
CA SER G 274 -16.84 -50.32 -14.11
C SER G 274 -15.81 -51.41 -13.81
N ALA G 275 -14.53 -51.05 -13.75
CA ALA G 275 -13.48 -52.05 -13.59
C ALA G 275 -13.63 -52.82 -12.29
N GLN G 276 -13.81 -52.09 -11.19
CA GLN G 276 -13.93 -52.75 -9.89
C GLN G 276 -15.15 -53.65 -9.85
N ILE G 277 -16.27 -53.18 -10.40
CA ILE G 277 -17.48 -53.99 -10.42
C ILE G 277 -17.27 -55.25 -11.23
N LEU G 278 -16.61 -55.15 -12.38
CA LEU G 278 -16.31 -56.36 -13.17
C LEU G 278 -15.47 -57.35 -12.38
N GLN G 279 -14.44 -56.88 -11.70
CA GLN G 279 -13.61 -57.80 -10.92
C GLN G 279 -14.41 -58.42 -9.79
N ILE G 280 -15.26 -57.63 -9.14
CA ILE G 280 -16.09 -58.16 -8.07
C ILE G 280 -17.07 -59.20 -8.59
N ASN G 281 -17.59 -59.00 -9.80
CA ASN G 281 -18.46 -60.00 -10.41
C ASN G 281 -17.71 -61.29 -10.70
N GLU G 282 -16.45 -61.20 -11.10
CA GLU G 282 -15.66 -62.40 -11.28
C GLU G 282 -15.49 -63.15 -9.95
N ASP G 283 -15.13 -62.41 -8.91
CA ASP G 283 -14.98 -63.04 -7.59
C ASP G 283 -16.28 -63.68 -7.13
N ILE G 284 -17.40 -62.99 -7.32
CA ILE G 284 -18.70 -63.54 -6.96
C ILE G 284 -18.97 -64.82 -7.73
N LYS G 285 -18.64 -64.85 -9.01
CA LYS G 285 -18.87 -66.05 -9.80
C LYS G 285 -18.08 -67.24 -9.26
N GLU G 286 -16.80 -67.01 -8.93
CA GLU G 286 -16.00 -68.09 -8.36
C GLU G 286 -16.58 -68.58 -7.04
N LEU G 287 -16.94 -67.64 -6.15
CA LEU G 287 -17.50 -68.01 -4.86
C LEU G 287 -18.80 -68.79 -5.01
N LEU G 288 -19.67 -68.35 -5.91
CA LEU G 288 -20.94 -69.03 -6.10
C LEU G 288 -20.75 -70.42 -6.66
N ASP G 289 -19.80 -70.61 -7.59
CA ASP G 289 -19.52 -71.96 -8.06
C ASP G 289 -19.09 -72.85 -6.90
N GLY G 290 -18.19 -72.33 -6.05
CA GLY G 290 -17.75 -73.13 -4.92
C GLY G 290 -18.88 -73.48 -3.96
N LEU G 291 -19.71 -72.49 -3.63
CA LEU G 291 -20.78 -72.73 -2.67
C LEU G 291 -21.88 -73.62 -3.25
N ARG G 292 -22.15 -73.53 -4.54
CA ARG G 292 -23.08 -74.44 -5.19
C ARG G 292 -22.48 -75.81 -5.40
N ALA G 293 -21.20 -75.99 -5.14
CA ALA G 293 -20.63 -77.32 -4.98
C ALA G 293 -20.74 -77.81 -3.55
N TYR G 294 -20.72 -76.90 -2.57
CA TYR G 294 -20.82 -77.30 -1.18
C TYR G 294 -22.22 -77.75 -0.82
N PHE G 295 -23.22 -76.91 -1.08
CA PHE G 295 -24.60 -77.33 -1.13
C PHE G 295 -24.88 -78.03 -2.44
N GLY G 296 -25.74 -79.05 -2.41
CA GLY G 296 -25.95 -79.90 -3.56
C GLY G 296 -27.02 -79.38 -4.52
N TYR G 297 -27.20 -80.12 -5.60
CA TYR G 297 -28.32 -79.89 -6.50
C TYR G 297 -29.63 -80.35 -5.87
N ASN G 298 -30.66 -79.53 -6.02
CA ASN G 298 -31.98 -79.87 -5.53
C ASN G 298 -32.61 -80.94 -6.42
N MET G 299 -33.34 -81.86 -5.80
CA MET G 299 -33.99 -82.94 -6.52
C MET G 299 -35.24 -83.34 -5.76
N ILE G 300 -36.25 -83.83 -6.49
CA ILE G 300 -37.47 -84.35 -5.88
C ILE G 300 -37.97 -85.51 -6.73
N GLY G 301 -38.54 -86.51 -6.05
CA GLY G 301 -39.21 -87.60 -6.72
C GLY G 301 -40.68 -87.29 -6.96
N LEU G 302 -41.09 -87.27 -8.22
CA LEU G 302 -42.50 -87.16 -8.57
C LEU G 302 -43.16 -88.53 -8.57
ZN ZN H . -12.99 17.57 -6.19
#